data_2WR1
#
_entry.id   2WR1
#
_cell.length_a   69.565
_cell.length_b   141.457
_cell.length_c   199.505
_cell.angle_alpha   90.00
_cell.angle_beta   90.00
_cell.angle_gamma   90.00
#
_symmetry.space_group_name_H-M   'P 21 21 21'
#
loop_
_entity.id
_entity.type
_entity.pdbx_description
1 polymer HEMAGGLUTININ
2 branched 'N-acetyl-alpha-neuraminic acid-(2-6)-beta-D-galactopyranose-(1-4)-2-acetamido-2-deoxy-beta-D-glucopyranose'
3 branched 2-acetamido-2-deoxy-beta-D-glucopyranose-(1-4)-2-acetamido-2-deoxy-beta-D-glucopyranose
4 branched beta-D-mannopyranose-(1-3)-beta-D-mannopyranose-(1-4)-2-acetamido-2-deoxy-beta-D-glucopyranose-(1-4)-2-acetamido-2-deoxy-beta-D-glucopyranose
5 branched alpha-D-mannopyranose-(1-3)-beta-D-mannopyranose-(1-4)-2-acetamido-2-deoxy-beta-D-glucopyranose-(1-4)-2-acetamido-2-deoxy-beta-D-glucopyranose
6 non-polymer 2-acetamido-2-deoxy-beta-D-glucopyranose
7 water water
#
_entity_poly.entity_id   1
_entity_poly.type   'polypeptide(L)'
_entity_poly.pdbx_seq_one_letter_code
;MTITFLILLFTIVKGDQICIGYHANNSTEKVDTILERNVTVTHAKDILEKTHNGKLCRLSGIPPLELGDCSIAGWLLGNP
ECDRLLSVPEWSYIVEKENPVNGLCYPGSFNDYEELKHLITSVTHFEKVKILPRDQWTQHTTTGGSRACAVLDNPSFFRN
MVWLTKKGSNYPIAKRSYNNTSGEQMLIIWGIHHPNDDAEQRTLYQNVGTYVSVGTSTLNKRSIPEIATRPKVNGQGGRM
EFSWTLLETWDVINFESTGNLIAPEYGFKISKRGSSGIMKTEKTLENCETKCQTPLGAINTTLPFHNIHPLTIGECPKYV
KSDRLVLATGLRNVPQIESRGLFGAIAGFIEGGWQGMVDGWYGYHHSNDQGSGYAADKESTQKAFDGITNKVNSVIEKMN
TQFEAVGKEFSNLERRLENLNKKMEDGFLDVWTYNAELLVLMENERTLDFHDSNVKNLYDKVRMQLRDNVKELGNGCFEF
YHKCDDECMNSVKNGTYDYPKYEEESKAA
;
_entity_poly.pdbx_strand_id   A,B,C
#
loop_
_chem_comp.id
_chem_comp.type
_chem_comp.name
_chem_comp.formula
BMA D-saccharide, beta linking beta-D-mannopyranose 'C6 H12 O6'
GAL D-saccharide, beta linking beta-D-galactopyranose 'C6 H12 O6'
MAN D-saccharide, alpha linking alpha-D-mannopyranose 'C6 H12 O6'
NAG D-saccharide, beta linking 2-acetamido-2-deoxy-beta-D-glucopyranose 'C8 H15 N O6'
SIA D-saccharide, alpha linking 'N-acetyl-alpha-neuraminic acid' 'C11 H19 N O9'
#
# COMPACT_ATOMS: atom_id res chain seq x y z
N ASP A 16 -4.61 59.62 26.71
CA ASP A 16 -4.17 59.18 25.40
C ASP A 16 -3.50 57.80 25.47
N GLN A 17 -3.97 56.87 24.64
CA GLN A 17 -3.32 55.59 24.54
C GLN A 17 -3.62 54.88 23.25
N ILE A 18 -2.83 53.84 23.01
CA ILE A 18 -2.99 53.00 21.82
C ILE A 18 -2.84 51.55 22.27
N CYS A 19 -3.68 50.68 21.74
CA CYS A 19 -3.71 49.29 22.18
C CYS A 19 -3.53 48.43 20.95
N ILE A 20 -2.85 47.29 21.15
CA ILE A 20 -2.77 46.27 20.13
C ILE A 20 -3.83 45.21 20.34
N GLY A 21 -4.50 44.81 19.26
CA GLY A 21 -5.51 43.79 19.37
C GLY A 21 -5.70 42.98 18.11
N TYR A 22 -6.68 42.06 18.13
CA TYR A 22 -6.94 41.17 17.00
C TYR A 22 -8.47 41.00 16.72
N HIS A 23 -8.79 40.61 15.49
CA HIS A 23 -10.15 40.46 15.01
C HIS A 23 -10.91 39.36 15.73
N ALA A 24 -12.17 39.64 16.03
CA ALA A 24 -13.12 38.59 16.43
C ALA A 24 -14.44 38.82 15.70
N ASN A 25 -15.27 37.81 15.64
CA ASN A 25 -16.54 37.84 14.93
C ASN A 25 -17.47 36.81 15.57
N ASN A 26 -18.57 36.46 14.91
CA ASN A 26 -19.54 35.57 15.56
C ASN A 26 -19.54 34.18 14.96
N SER A 27 -18.49 33.87 14.22
CA SER A 27 -18.21 32.49 13.77
C SER A 27 -18.33 31.49 14.91
N THR A 28 -19.06 30.39 14.69
CA THR A 28 -19.07 29.28 15.64
C THR A 28 -18.31 28.09 15.03
N GLU A 29 -17.45 28.35 14.05
CA GLU A 29 -16.67 27.30 13.43
C GLU A 29 -15.64 26.72 14.41
N LYS A 30 -15.67 25.40 14.57
CA LYS A 30 -14.76 24.64 15.42
C LYS A 30 -13.68 23.89 14.63
N VAL A 31 -12.47 23.83 15.18
CA VAL A 31 -11.43 22.93 14.69
C VAL A 31 -10.85 22.21 15.88
N ASP A 32 -10.09 21.17 15.60
CA ASP A 32 -9.28 20.47 16.58
C ASP A 32 -7.82 20.72 16.29
N THR A 33 -6.98 20.67 17.33
CA THR A 33 -5.55 20.76 17.17
C THR A 33 -4.91 19.60 17.92
N ILE A 34 -3.61 19.39 17.75
CA ILE A 34 -2.99 18.36 18.54
C ILE A 34 -3.20 18.54 20.08
N LEU A 35 -3.22 19.78 20.56
CA LEU A 35 -3.25 20.02 21.99
C LEU A 35 -4.69 20.20 22.51
N GLU A 36 -5.59 20.62 21.63
CA GLU A 36 -6.89 21.13 22.04
C GLU A 36 -8.06 20.72 21.11
N ARG A 37 -9.23 20.39 21.66
CA ARG A 37 -10.38 20.02 20.86
C ARG A 37 -11.38 21.13 20.81
N ASN A 38 -12.13 21.22 19.72
CA ASN A 38 -13.24 22.14 19.61
C ASN A 38 -12.86 23.58 19.91
N VAL A 39 -11.95 24.13 19.12
CA VAL A 39 -11.57 25.54 19.31
C VAL A 39 -12.36 26.34 18.32
N THR A 40 -13.00 27.42 18.76
CA THR A 40 -13.71 28.27 17.81
C THR A 40 -12.72 29.18 17.14
N VAL A 41 -12.81 29.26 15.82
CA VAL A 41 -11.89 30.12 15.09
C VAL A 41 -12.70 31.12 14.25
N THR A 42 -12.11 32.24 13.83
CA THR A 42 -12.83 33.28 13.08
C THR A 42 -13.11 32.82 11.67
N HIS A 43 -12.24 31.99 11.13
CA HIS A 43 -12.41 31.50 9.74
C HIS A 43 -11.82 30.12 9.62
N ALA A 44 -12.42 29.28 8.76
CA ALA A 44 -11.88 27.94 8.52
C ALA A 44 -12.22 27.42 7.10
N LYS A 45 -11.57 26.34 6.70
CA LYS A 45 -11.83 25.70 5.43
C LYS A 45 -11.71 24.17 5.56
N ASP A 46 -12.72 23.43 5.09
CA ASP A 46 -12.68 21.97 5.11
C ASP A 46 -11.90 21.50 3.87
N ILE A 47 -10.99 20.56 4.06
CA ILE A 47 -10.27 20.01 2.92
C ILE A 47 -10.78 18.59 2.61
N LEU A 48 -11.90 18.22 3.23
CA LEU A 48 -12.56 16.93 2.97
C LEU A 48 -13.76 17.20 2.03
N GLU A 49 -13.73 16.60 0.83
CA GLU A 49 -14.82 16.76 -0.08
C GLU A 49 -15.92 15.81 0.35
N LYS A 50 -17.10 16.35 0.57
CA LYS A 50 -18.22 15.56 1.03
C LYS A 50 -19.41 15.67 0.10
N THR A 51 -19.30 16.52 -0.93
CA THR A 51 -20.44 16.69 -1.84
C THR A 51 -20.16 16.07 -3.22
N HIS A 52 -21.27 15.72 -3.90
CA HIS A 52 -21.23 15.21 -5.27
C HIS A 52 -22.47 15.71 -5.97
N ASN A 53 -22.54 15.51 -7.30
CA ASN A 53 -23.69 16.13 -7.98
C ASN A 53 -24.85 15.15 -8.10
N GLY A 54 -24.81 14.04 -7.37
CA GLY A 54 -25.95 13.11 -7.43
C GLY A 54 -26.22 12.54 -8.81
N LYS A 55 -25.24 12.48 -9.75
CA LYS A 55 -25.54 12.02 -11.10
C LYS A 55 -24.42 11.14 -11.66
N LEU A 56 -24.82 10.32 -12.63
CA LEU A 56 -23.91 9.50 -13.43
C LEU A 56 -23.57 10.28 -14.69
N CYS A 57 -22.26 10.45 -14.91
CA CYS A 57 -21.73 11.37 -15.92
C CYS A 57 -20.81 10.76 -16.94
N ARG A 58 -20.56 11.54 -18.00
CA ARG A 58 -19.49 11.22 -18.93
C ARG A 58 -18.14 11.41 -18.22
N LEU A 59 -17.19 10.50 -18.47
CA LEU A 59 -15.90 10.61 -17.84
C LEU A 59 -14.94 11.18 -18.85
N SER A 60 -14.39 12.35 -18.57
CA SER A 60 -13.59 13.11 -19.56
C SER A 60 -14.21 13.06 -20.96
N GLY A 61 -15.50 13.35 -21.06
CA GLY A 61 -16.17 13.51 -22.33
C GLY A 61 -16.75 12.24 -22.91
N ILE A 62 -16.50 11.09 -22.32
CA ILE A 62 -16.88 9.86 -22.97
C ILE A 62 -17.88 9.12 -22.07
N PRO A 63 -18.99 8.64 -22.66
CA PRO A 63 -20.05 8.04 -21.81
C PRO A 63 -19.67 6.65 -21.37
N PRO A 64 -20.28 6.15 -20.31
CA PRO A 64 -20.20 4.73 -19.94
C PRO A 64 -21.10 3.89 -20.86
N LEU A 65 -20.77 2.62 -21.05
CA LEU A 65 -21.70 1.65 -21.55
C LEU A 65 -22.74 1.28 -20.47
N GLU A 66 -24.04 1.54 -20.73
CA GLU A 66 -25.07 1.19 -19.72
C GLU A 66 -25.79 -0.16 -19.91
N LEU A 67 -25.45 -1.16 -19.10
CA LEU A 67 -25.97 -2.52 -19.35
C LEU A 67 -27.22 -2.81 -18.53
N GLY A 68 -27.53 -1.93 -17.55
CA GLY A 68 -28.76 -2.09 -16.72
C GLY A 68 -28.82 -3.42 -16.02
N ASP A 69 -29.90 -4.15 -16.25
CA ASP A 69 -30.02 -5.48 -15.66
C ASP A 69 -29.51 -6.65 -16.54
N CYS A 70 -28.63 -6.35 -17.50
CA CYS A 70 -27.94 -7.40 -18.24
C CYS A 70 -26.50 -7.57 -17.75
N SER A 71 -25.97 -8.78 -17.81
CA SER A 71 -24.53 -8.98 -17.54
C SER A 71 -23.81 -8.84 -18.89
N ILE A 72 -22.50 -8.65 -18.77
CA ILE A 72 -21.65 -8.57 -19.93
C ILE A 72 -21.80 -9.82 -20.79
N ALA A 73 -21.84 -10.97 -20.12
CA ALA A 73 -22.01 -12.23 -20.89
C ALA A 73 -23.37 -12.19 -21.61
N GLY A 74 -24.46 -11.89 -20.88
CA GLY A 74 -25.78 -11.73 -21.50
C GLY A 74 -25.72 -10.85 -22.77
N TRP A 75 -25.03 -9.76 -22.66
CA TRP A 75 -24.94 -8.84 -23.77
C TRP A 75 -24.16 -9.38 -24.97
N LEU A 76 -22.93 -9.87 -24.75
CA LEU A 76 -22.06 -10.29 -25.91
C LEU A 76 -22.62 -11.56 -26.59
N LEU A 77 -23.30 -12.45 -25.86
CA LEU A 77 -23.86 -13.66 -26.50
C LEU A 77 -25.16 -13.26 -27.17
N GLY A 78 -25.84 -12.22 -26.66
CA GLY A 78 -27.13 -11.85 -27.24
C GLY A 78 -28.37 -12.54 -26.65
N ASN A 79 -28.34 -12.72 -25.35
CA ASN A 79 -29.52 -13.16 -24.60
C ASN A 79 -30.67 -12.24 -25.13
N PRO A 80 -31.81 -12.82 -25.53
CA PRO A 80 -32.87 -12.01 -26.17
C PRO A 80 -33.27 -10.80 -25.32
N GLU A 81 -33.11 -10.88 -24.00
CA GLU A 81 -33.49 -9.76 -23.15
C GLU A 81 -32.42 -8.65 -23.17
N CYS A 82 -31.29 -8.90 -23.81
CA CYS A 82 -30.19 -7.93 -23.84
C CYS A 82 -29.96 -7.46 -25.27
N ASP A 83 -30.91 -7.81 -26.13
CA ASP A 83 -30.83 -7.67 -27.60
C ASP A 83 -30.33 -6.34 -28.10
N ARG A 84 -31.26 -5.53 -28.59
CA ARG A 84 -30.95 -4.19 -29.07
C ARG A 84 -30.65 -3.28 -27.90
N LEU A 85 -29.92 -3.83 -26.92
CA LEU A 85 -29.58 -3.15 -25.68
C LEU A 85 -29.18 -1.70 -25.85
N LEU A 86 -28.81 -1.30 -27.06
CA LEU A 86 -28.49 0.10 -27.33
C LEU A 86 -27.13 0.45 -26.74
N SER A 87 -26.14 0.44 -27.61
CA SER A 87 -24.76 0.64 -27.21
C SER A 87 -24.20 1.94 -27.78
N VAL A 88 -22.96 2.23 -27.42
CA VAL A 88 -22.23 3.38 -27.94
C VAL A 88 -20.98 2.82 -28.59
N PRO A 89 -20.45 3.48 -29.61
CA PRO A 89 -19.29 2.89 -30.29
C PRO A 89 -18.03 3.04 -29.44
N GLU A 90 -18.12 3.85 -28.37
CA GLU A 90 -16.97 4.15 -27.54
C GLU A 90 -17.42 4.32 -26.09
N TRP A 91 -16.62 3.84 -25.14
CA TRP A 91 -17.01 4.08 -23.74
C TRP A 91 -15.87 4.15 -22.77
N SER A 92 -16.11 4.77 -21.60
CA SER A 92 -15.06 4.97 -20.62
C SER A 92 -15.14 4.08 -19.37
N TYR A 93 -16.27 3.47 -19.14
CA TYR A 93 -16.47 2.55 -18.02
C TYR A 93 -17.80 1.90 -18.30
N ILE A 94 -18.17 0.90 -17.53
CA ILE A 94 -19.41 0.14 -17.76
C ILE A 94 -20.25 0.24 -16.48
N VAL A 95 -21.57 0.49 -16.67
CA VAL A 95 -22.49 0.56 -15.54
C VAL A 95 -23.44 -0.64 -15.56
N GLU A 96 -23.58 -1.32 -14.43
CA GLU A 96 -24.59 -2.38 -14.30
C GLU A 96 -25.34 -2.19 -12.99
N LYS A 97 -26.46 -2.85 -12.88
CA LYS A 97 -27.10 -3.06 -11.58
C LYS A 97 -26.24 -4.01 -10.77
N GLU A 98 -26.39 -3.92 -9.46
CA GLU A 98 -25.68 -4.78 -8.56
C GLU A 98 -25.90 -6.28 -8.91
N ASN A 99 -27.14 -6.65 -9.14
CA ASN A 99 -27.43 -8.05 -9.47
C ASN A 99 -28.23 -8.12 -10.76
N PRO A 100 -27.54 -8.20 -11.90
CA PRO A 100 -28.25 -8.20 -13.19
C PRO A 100 -29.12 -9.47 -13.30
N VAL A 101 -30.31 -9.32 -13.86
CA VAL A 101 -31.25 -10.41 -14.07
C VAL A 101 -30.90 -11.28 -15.29
N ASN A 102 -30.35 -10.68 -16.34
CA ASN A 102 -30.22 -11.43 -17.59
C ASN A 102 -28.79 -11.78 -17.90
N GLY A 103 -28.46 -13.06 -17.90
CA GLY A 103 -27.09 -13.49 -18.19
C GLY A 103 -27.14 -14.71 -19.11
N LEU A 104 -26.65 -15.85 -18.62
CA LEU A 104 -26.74 -17.09 -19.38
C LEU A 104 -28.11 -17.69 -19.21
N CYS A 105 -29.05 -17.39 -20.11
CA CYS A 105 -30.38 -17.92 -19.98
C CYS A 105 -30.39 -19.45 -20.19
N TYR A 106 -29.66 -19.94 -21.19
CA TYR A 106 -29.26 -21.33 -21.15
C TYR A 106 -28.07 -21.43 -20.21
N PRO A 107 -28.14 -22.29 -19.20
CA PRO A 107 -27.17 -22.24 -18.09
C PRO A 107 -25.74 -22.74 -18.53
N GLY A 108 -24.71 -22.29 -17.83
CA GLY A 108 -23.36 -22.76 -18.10
C GLY A 108 -22.38 -21.81 -17.48
N SER A 109 -21.30 -21.53 -18.19
CA SER A 109 -20.24 -20.73 -17.62
C SER A 109 -19.45 -20.08 -18.73
N PHE A 110 -18.60 -19.15 -18.36
CA PHE A 110 -17.74 -18.50 -19.29
C PHE A 110 -16.28 -18.65 -18.80
N ASN A 111 -15.39 -19.26 -19.58
CA ASN A 111 -13.96 -19.35 -19.16
C ASN A 111 -13.25 -17.97 -19.16
N ASP A 112 -12.35 -17.73 -18.20
CA ASP A 112 -11.74 -16.44 -17.98
C ASP A 112 -12.74 -15.23 -18.13
N TYR A 113 -13.91 -15.34 -17.57
CA TYR A 113 -14.96 -14.26 -17.71
C TYR A 113 -14.51 -12.92 -17.12
N GLU A 114 -13.85 -12.97 -15.97
CA GLU A 114 -13.41 -11.69 -15.36
C GLU A 114 -12.37 -11.01 -16.20
N GLU A 115 -11.43 -11.79 -16.77
CA GLU A 115 -10.44 -11.18 -17.61
C GLU A 115 -11.18 -10.46 -18.78
N LEU A 116 -12.16 -11.11 -19.36
CA LEU A 116 -12.89 -10.56 -20.49
C LEU A 116 -13.66 -9.27 -20.09
N LYS A 117 -14.30 -9.27 -18.91
CA LYS A 117 -14.97 -8.05 -18.38
C LYS A 117 -13.94 -6.92 -18.25
N HIS A 118 -12.74 -7.27 -17.80
CA HIS A 118 -11.77 -6.24 -17.52
C HIS A 118 -11.27 -5.68 -18.88
N LEU A 119 -11.11 -6.56 -19.87
CA LEU A 119 -10.63 -6.15 -21.20
C LEU A 119 -11.51 -5.06 -21.85
N ILE A 120 -12.84 -5.15 -21.73
CA ILE A 120 -13.75 -4.25 -22.46
C ILE A 120 -14.30 -3.14 -21.58
N THR A 121 -13.64 -2.93 -20.46
CA THR A 121 -14.08 -1.98 -19.50
C THR A 121 -13.97 -0.53 -20.11
N SER A 122 -12.97 -0.32 -20.94
CA SER A 122 -12.79 0.93 -21.60
C SER A 122 -12.30 0.68 -23.02
N VAL A 123 -12.98 1.26 -24.02
CA VAL A 123 -12.62 1.02 -25.40
C VAL A 123 -12.70 2.32 -26.18
N THR A 124 -11.84 2.48 -27.18
CA THR A 124 -11.90 3.67 -28.01
C THR A 124 -12.74 3.37 -29.22
N HIS A 125 -12.98 2.09 -29.47
CA HIS A 125 -13.88 1.70 -30.56
C HIS A 125 -14.36 0.26 -30.38
N PHE A 126 -15.62 0.03 -30.73
CA PHE A 126 -16.25 -1.27 -30.52
C PHE A 126 -17.37 -1.40 -31.52
N GLU A 127 -17.32 -2.49 -32.30
CA GLU A 127 -18.28 -2.65 -33.40
C GLU A 127 -18.57 -4.12 -33.73
N LYS A 128 -19.83 -4.53 -33.60
CA LYS A 128 -20.19 -5.89 -33.89
C LYS A 128 -20.18 -6.12 -35.39
N VAL A 129 -19.53 -7.20 -35.82
CA VAL A 129 -19.42 -7.47 -37.25
C VAL A 129 -19.87 -8.90 -37.51
N LYS A 130 -20.62 -9.12 -38.58
CA LYS A 130 -21.06 -10.48 -38.96
C LYS A 130 -19.87 -11.21 -39.61
N ILE A 131 -19.30 -12.19 -38.96
CA ILE A 131 -18.09 -12.80 -39.50
C ILE A 131 -18.36 -14.18 -40.11
N LEU A 132 -19.43 -14.85 -39.66
CA LEU A 132 -19.74 -16.22 -40.10
C LEU A 132 -21.25 -16.35 -40.31
N PRO A 133 -21.79 -15.78 -41.40
CA PRO A 133 -23.25 -15.75 -41.62
C PRO A 133 -23.82 -17.14 -41.44
N ARG A 134 -24.88 -17.26 -40.66
CA ARG A 134 -25.33 -18.59 -40.26
C ARG A 134 -25.89 -19.45 -41.42
N ASP A 135 -26.40 -18.80 -42.46
CA ASP A 135 -26.89 -19.48 -43.66
C ASP A 135 -25.83 -20.30 -44.40
N GLN A 136 -24.56 -20.00 -44.16
CA GLN A 136 -23.50 -20.69 -44.83
C GLN A 136 -23.07 -22.00 -44.15
N TRP A 137 -23.71 -22.36 -43.02
CA TRP A 137 -23.61 -23.71 -42.46
C TRP A 137 -24.52 -24.65 -43.23
N THR A 138 -24.19 -24.92 -44.50
CA THR A 138 -25.16 -25.60 -45.39
C THR A 138 -25.41 -27.05 -45.05
N GLN A 139 -24.52 -27.68 -44.27
CA GLN A 139 -24.67 -29.08 -43.96
C GLN A 139 -25.23 -29.31 -42.56
N HIS A 140 -25.80 -28.27 -41.96
CA HIS A 140 -26.27 -28.40 -40.57
C HIS A 140 -27.49 -27.57 -40.36
N THR A 141 -28.24 -27.92 -39.32
CA THR A 141 -29.38 -27.15 -38.89
C THR A 141 -28.87 -26.04 -37.94
N THR A 142 -29.53 -24.90 -38.00
CA THR A 142 -29.02 -23.65 -37.50
C THR A 142 -30.10 -22.88 -36.66
N THR A 143 -31.28 -23.45 -36.61
CA THR A 143 -32.42 -22.76 -36.02
C THR A 143 -32.75 -23.20 -34.58
N GLY A 144 -32.00 -24.13 -34.04
CA GLY A 144 -32.31 -24.67 -32.75
C GLY A 144 -32.25 -23.66 -31.60
N GLY A 145 -33.11 -23.85 -30.63
CA GLY A 145 -33.23 -22.97 -29.50
C GLY A 145 -33.67 -23.75 -28.28
N SER A 146 -33.93 -23.04 -27.20
CA SER A 146 -34.24 -23.67 -25.96
C SER A 146 -35.39 -22.93 -25.28
N ARG A 147 -36.23 -23.66 -24.56
CA ARG A 147 -37.21 -23.00 -23.72
C ARG A 147 -36.56 -22.17 -22.60
N ALA A 148 -35.30 -22.47 -22.28
CA ALA A 148 -34.58 -21.70 -21.30
C ALA A 148 -34.42 -20.27 -21.74
N CYS A 149 -34.39 -20.03 -23.06
CA CYS A 149 -34.23 -18.70 -23.58
C CYS A 149 -35.56 -18.21 -24.20
N ALA A 150 -36.67 -18.69 -23.70
CA ALA A 150 -37.95 -18.56 -24.42
C ALA A 150 -38.33 -17.12 -24.69
N VAL A 151 -38.80 -16.88 -25.90
CA VAL A 151 -39.36 -15.58 -26.22
C VAL A 151 -40.81 -15.74 -26.66
N LEU A 152 -41.72 -15.26 -25.84
CA LEU A 152 -43.06 -14.92 -26.30
C LEU A 152 -43.86 -15.95 -27.13
N ASP A 153 -44.00 -17.19 -26.65
CA ASP A 153 -43.10 -17.78 -25.67
C ASP A 153 -42.56 -19.05 -26.36
N ASN A 154 -41.94 -18.86 -27.51
CA ASN A 154 -41.36 -19.93 -28.30
C ASN A 154 -39.91 -20.07 -27.90
N PRO A 155 -39.38 -21.30 -27.95
CA PRO A 155 -37.95 -21.52 -27.70
C PRO A 155 -37.13 -20.53 -28.52
N SER A 156 -36.11 -19.93 -27.92
CA SER A 156 -35.16 -19.09 -28.65
C SER A 156 -33.71 -19.36 -28.24
N PHE A 157 -32.81 -18.46 -28.61
CA PHE A 157 -31.38 -18.69 -28.32
C PHE A 157 -30.64 -17.35 -28.29
N PHE A 158 -29.46 -17.37 -27.67
CA PHE A 158 -28.51 -16.27 -27.73
C PHE A 158 -28.42 -15.78 -29.20
N ARG A 159 -28.82 -14.52 -29.46
CA ARG A 159 -28.95 -14.03 -30.84
C ARG A 159 -27.63 -13.88 -31.64
N ASN A 160 -26.48 -13.80 -30.97
CA ASN A 160 -25.18 -13.73 -31.68
C ASN A 160 -24.54 -15.05 -31.97
N MET A 161 -25.13 -16.13 -31.47
CA MET A 161 -24.54 -17.44 -31.59
C MET A 161 -25.47 -18.34 -32.46
N VAL A 162 -24.92 -19.48 -32.85
CA VAL A 162 -25.63 -20.44 -33.70
C VAL A 162 -25.57 -21.80 -33.06
N TRP A 163 -26.73 -22.34 -32.65
CA TRP A 163 -26.69 -23.68 -32.09
C TRP A 163 -26.66 -24.71 -33.28
N LEU A 164 -25.49 -25.26 -33.60
CA LEU A 164 -25.46 -26.20 -34.75
C LEU A 164 -26.06 -27.53 -34.31
N THR A 165 -27.06 -28.01 -35.03
CA THR A 165 -27.58 -29.38 -34.80
C THR A 165 -27.62 -30.24 -36.08
N LYS A 166 -28.02 -31.51 -35.95
CA LYS A 166 -27.94 -32.41 -37.14
C LYS A 166 -28.96 -31.99 -38.22
N LYS A 167 -28.66 -32.33 -39.48
CA LYS A 167 -29.58 -32.11 -40.57
C LYS A 167 -30.07 -33.51 -40.97
N GLY A 168 -31.39 -33.71 -40.87
CA GLY A 168 -32.00 -35.04 -40.92
C GLY A 168 -31.33 -35.92 -39.85
N SER A 169 -30.70 -37.00 -40.30
CA SER A 169 -30.06 -37.91 -39.34
C SER A 169 -28.55 -37.78 -39.28
N ASN A 170 -28.02 -36.78 -40.01
CA ASN A 170 -26.57 -36.55 -40.13
C ASN A 170 -25.99 -35.23 -39.52
N TYR A 171 -24.88 -35.34 -38.82
CA TYR A 171 -24.06 -34.20 -38.45
C TYR A 171 -22.65 -34.44 -39.04
N PRO A 172 -22.41 -33.95 -40.28
CA PRO A 172 -21.07 -34.11 -40.89
C PRO A 172 -20.10 -33.19 -40.15
N ILE A 173 -18.82 -33.32 -40.46
CA ILE A 173 -17.86 -32.41 -39.88
C ILE A 173 -18.22 -30.92 -40.17
N ALA A 174 -18.29 -30.09 -39.14
CA ALA A 174 -18.55 -28.71 -39.34
C ALA A 174 -17.18 -28.00 -39.34
N LYS A 175 -16.84 -27.33 -40.44
CA LYS A 175 -15.57 -26.69 -40.53
C LYS A 175 -15.66 -25.38 -41.34
N ARG A 176 -15.32 -24.27 -40.68
CA ARG A 176 -15.29 -22.95 -41.28
C ARG A 176 -14.20 -22.11 -40.61
N SER A 177 -13.68 -21.13 -41.34
CA SER A 177 -12.68 -20.27 -40.81
C SER A 177 -12.95 -18.84 -41.20
N TYR A 178 -12.28 -17.92 -40.56
CA TYR A 178 -12.50 -16.54 -40.81
C TYR A 178 -11.20 -15.75 -40.64
N ASN A 179 -10.92 -14.91 -41.62
CA ASN A 179 -9.71 -14.08 -41.65
C ASN A 179 -10.08 -12.70 -41.18
N ASN A 180 -9.44 -12.22 -40.09
CA ASN A 180 -9.68 -10.89 -39.61
C ASN A 180 -9.14 -9.78 -40.54
N THR A 181 -9.91 -9.41 -41.56
CA THR A 181 -9.54 -8.29 -42.41
C THR A 181 -10.25 -7.00 -41.98
N SER A 182 -10.62 -6.90 -40.71
CA SER A 182 -11.44 -5.77 -40.26
C SER A 182 -10.66 -4.49 -39.99
N GLY A 183 -9.36 -4.61 -39.78
CA GLY A 183 -8.55 -3.44 -39.47
C GLY A 183 -8.32 -3.27 -37.98
N GLU A 184 -9.01 -4.07 -37.17
CA GLU A 184 -8.81 -4.04 -35.72
C GLU A 184 -8.79 -5.44 -35.12
N GLN A 185 -8.24 -5.58 -33.93
CA GLN A 185 -8.33 -6.85 -33.20
C GLN A 185 -9.78 -7.19 -33.02
N MET A 186 -10.10 -8.48 -33.01
CA MET A 186 -11.51 -8.85 -32.91
C MET A 186 -11.74 -9.88 -31.81
N LEU A 187 -12.65 -9.53 -30.89
CA LEU A 187 -13.17 -10.45 -29.91
C LEU A 187 -14.12 -11.45 -30.56
N ILE A 188 -13.83 -12.73 -30.32
CA ILE A 188 -14.68 -13.78 -30.79
C ILE A 188 -14.96 -14.77 -29.65
N ILE A 189 -16.24 -15.15 -29.53
CA ILE A 189 -16.66 -16.08 -28.52
C ILE A 189 -17.27 -17.36 -29.13
N TRP A 190 -17.03 -18.52 -28.48
CA TRP A 190 -17.66 -19.79 -28.93
C TRP A 190 -17.95 -20.62 -27.68
N GLY A 191 -18.75 -21.68 -27.85
CA GLY A 191 -19.10 -22.49 -26.70
C GLY A 191 -19.19 -23.95 -27.10
N ILE A 192 -19.28 -24.79 -26.08
CA ILE A 192 -19.56 -26.19 -26.27
C ILE A 192 -20.72 -26.59 -25.34
N HIS A 193 -21.57 -27.47 -25.84
CA HIS A 193 -22.74 -27.91 -25.17
C HIS A 193 -22.40 -29.20 -24.49
N HIS A 194 -22.62 -29.23 -23.17
CA HIS A 194 -22.51 -30.41 -22.31
C HIS A 194 -23.91 -30.93 -21.96
N PRO A 195 -24.41 -31.93 -22.73
CA PRO A 195 -25.79 -32.41 -22.58
C PRO A 195 -26.02 -33.11 -21.22
N ASN A 196 -27.29 -33.21 -20.88
CA ASN A 196 -27.73 -33.88 -19.65
C ASN A 196 -27.63 -35.38 -19.78
N ASP A 197 -27.84 -35.91 -21.00
CA ASP A 197 -27.88 -37.38 -21.15
C ASP A 197 -27.60 -37.80 -22.61
N ASP A 198 -27.42 -39.10 -22.80
CA ASP A 198 -27.09 -39.67 -24.10
C ASP A 198 -28.25 -39.43 -25.09
N ALA A 199 -29.49 -39.59 -24.63
CA ALA A 199 -30.63 -39.32 -25.54
C ALA A 199 -30.54 -37.91 -26.14
N GLU A 200 -30.22 -36.93 -25.29
CA GLU A 200 -30.11 -35.55 -25.73
C GLU A 200 -28.99 -35.45 -26.81
N GLN A 201 -27.82 -36.03 -26.49
CA GLN A 201 -26.65 -35.95 -27.36
C GLN A 201 -27.08 -36.47 -28.73
N ARG A 202 -27.82 -37.59 -28.74
CA ARG A 202 -28.18 -38.20 -30.04
C ARG A 202 -29.28 -37.44 -30.79
N THR A 203 -30.28 -36.99 -30.06
CA THR A 203 -31.35 -36.19 -30.69
C THR A 203 -30.75 -34.95 -31.41
N LEU A 204 -29.86 -34.22 -30.73
CA LEU A 204 -29.30 -33.00 -31.25
C LEU A 204 -28.19 -33.22 -32.27
N TYR A 205 -27.29 -34.18 -32.04
CA TYR A 205 -26.04 -34.22 -32.82
C TYR A 205 -25.81 -35.57 -33.53
N GLN A 206 -26.67 -36.57 -33.27
CA GLN A 206 -26.53 -37.91 -33.83
C GLN A 206 -25.30 -38.64 -33.31
N ASN A 207 -24.11 -38.07 -33.47
CA ASN A 207 -22.86 -38.79 -33.20
C ASN A 207 -22.56 -38.79 -31.70
N VAL A 208 -21.80 -39.79 -31.27
CA VAL A 208 -21.25 -39.80 -29.93
C VAL A 208 -19.73 -39.60 -30.04
N GLY A 209 -19.08 -39.25 -28.92
CA GLY A 209 -17.63 -39.14 -28.94
C GLY A 209 -17.21 -38.01 -29.86
N THR A 210 -17.85 -36.85 -29.72
CA THR A 210 -17.53 -35.74 -30.58
C THR A 210 -16.47 -34.81 -29.99
N TYR A 211 -16.14 -33.72 -30.69
CA TYR A 211 -15.19 -32.77 -30.18
C TYR A 211 -15.45 -31.40 -30.82
N VAL A 212 -14.93 -30.34 -30.20
CA VAL A 212 -14.92 -29.03 -30.74
C VAL A 212 -13.48 -28.57 -30.72
N SER A 213 -12.98 -28.13 -31.87
CA SER A 213 -11.63 -27.64 -31.96
C SER A 213 -11.61 -26.22 -32.52
N VAL A 214 -10.80 -25.36 -31.91
CA VAL A 214 -10.63 -23.99 -32.33
C VAL A 214 -9.18 -23.57 -32.32
N GLY A 215 -8.74 -22.93 -33.38
CA GLY A 215 -7.35 -22.58 -33.50
C GLY A 215 -7.11 -21.30 -34.25
N THR A 216 -6.21 -20.48 -33.71
CA THR A 216 -5.65 -19.30 -34.40
C THR A 216 -4.14 -19.41 -34.40
N SER A 217 -3.46 -18.29 -34.71
CA SER A 217 -1.99 -18.27 -34.70
C SER A 217 -1.45 -18.50 -33.28
N THR A 218 -2.19 -18.12 -32.26
CA THR A 218 -1.65 -18.25 -30.92
C THR A 218 -2.55 -19.13 -30.03
N LEU A 219 -3.77 -19.40 -30.47
CA LEU A 219 -4.65 -20.21 -29.65
C LEU A 219 -4.84 -21.59 -30.28
N ASN A 220 -4.92 -22.59 -29.45
CA ASN A 220 -5.12 -23.94 -29.90
C ASN A 220 -5.92 -24.62 -28.77
N LYS A 221 -7.19 -24.94 -29.02
CA LYS A 221 -8.01 -25.54 -27.99
C LYS A 221 -8.84 -26.67 -28.56
N ARG A 222 -8.88 -27.79 -27.84
CA ARG A 222 -9.76 -28.90 -28.16
C ARG A 222 -10.57 -29.26 -26.91
N SER A 223 -11.89 -29.35 -27.06
CA SER A 223 -12.78 -29.68 -25.95
C SER A 223 -13.69 -30.83 -26.36
N ILE A 224 -13.99 -31.72 -25.44
CA ILE A 224 -15.06 -32.72 -25.72
C ILE A 224 -16.22 -32.58 -24.73
N PRO A 225 -17.44 -32.87 -25.21
CA PRO A 225 -18.60 -32.52 -24.37
C PRO A 225 -18.68 -33.53 -23.19
N GLU A 226 -19.14 -33.05 -22.06
CA GLU A 226 -19.36 -33.85 -20.88
C GLU A 226 -20.88 -34.16 -20.69
N ILE A 227 -21.27 -35.38 -21.10
CA ILE A 227 -22.65 -35.82 -20.93
C ILE A 227 -22.79 -36.33 -19.48
N ALA A 228 -23.68 -35.71 -18.71
CA ALA A 228 -23.88 -36.12 -17.32
C ALA A 228 -25.15 -35.43 -16.80
N THR A 229 -25.90 -36.15 -15.98
CA THR A 229 -27.11 -35.64 -15.33
C THR A 229 -26.77 -34.54 -14.32
N ARG A 230 -27.52 -33.46 -14.34
CA ARG A 230 -27.32 -32.33 -13.43
C ARG A 230 -28.65 -31.74 -13.04
N PRO A 231 -28.69 -31.00 -11.90
CA PRO A 231 -29.93 -30.33 -11.49
C PRO A 231 -30.37 -29.35 -12.60
N LYS A 232 -31.67 -29.27 -12.84
CA LYS A 232 -32.21 -28.37 -13.86
C LYS A 232 -32.01 -26.95 -13.44
N VAL A 233 -31.44 -26.16 -14.34
CA VAL A 233 -31.36 -24.73 -14.18
C VAL A 233 -32.08 -24.15 -15.41
N ASN A 234 -33.13 -23.35 -15.15
CA ASN A 234 -33.97 -22.79 -16.17
C ASN A 234 -34.54 -23.93 -17.00
N GLY A 235 -34.88 -25.04 -16.35
CA GLY A 235 -35.41 -26.23 -17.00
C GLY A 235 -34.40 -27.17 -17.64
N GLN A 236 -33.10 -26.84 -17.62
CA GLN A 236 -32.13 -27.61 -18.40
C GLN A 236 -31.05 -28.25 -17.49
N GLY A 237 -30.78 -29.53 -17.70
CA GLY A 237 -29.69 -30.21 -17.03
C GLY A 237 -28.38 -30.12 -17.83
N GLY A 238 -28.50 -29.78 -19.11
CA GLY A 238 -27.33 -29.53 -19.93
C GLY A 238 -26.74 -28.18 -19.51
N ARG A 239 -25.50 -27.93 -20.01
CA ARG A 239 -24.80 -26.68 -19.79
C ARG A 239 -24.06 -26.27 -21.06
N MET A 240 -23.84 -24.97 -21.19
CA MET A 240 -23.01 -24.45 -22.27
C MET A 240 -21.84 -23.69 -21.68
N GLU A 241 -20.66 -24.13 -22.08
CA GLU A 241 -19.45 -23.57 -21.63
C GLU A 241 -18.82 -22.70 -22.76
N PHE A 242 -18.65 -21.41 -22.47
CA PHE A 242 -18.15 -20.46 -23.47
C PHE A 242 -16.71 -20.09 -23.25
N SER A 243 -16.03 -19.86 -24.36
CA SER A 243 -14.64 -19.34 -24.32
C SER A 243 -14.51 -18.18 -25.25
N TRP A 244 -13.45 -17.40 -25.09
CA TRP A 244 -13.26 -16.28 -26.00
C TRP A 244 -11.76 -16.17 -26.41
N THR A 245 -11.51 -15.38 -27.44
CA THR A 245 -10.15 -15.01 -27.84
C THR A 245 -10.16 -13.63 -28.52
N LEU A 246 -9.02 -12.98 -28.56
CA LEU A 246 -8.78 -11.85 -29.47
C LEU A 246 -8.06 -12.31 -30.73
N LEU A 247 -8.68 -12.12 -31.88
CA LEU A 247 -8.13 -12.53 -33.14
C LEU A 247 -7.35 -11.34 -33.67
N GLU A 248 -6.04 -11.51 -33.92
CA GLU A 248 -5.27 -10.38 -34.40
C GLU A 248 -5.63 -10.00 -35.81
N THR A 249 -5.40 -8.74 -36.18
CA THR A 249 -5.56 -8.34 -37.60
C THR A 249 -4.83 -9.30 -38.50
N TRP A 250 -5.54 -9.75 -39.52
CA TRP A 250 -5.04 -10.56 -40.60
C TRP A 250 -4.70 -11.96 -40.13
N ASP A 251 -5.01 -12.28 -38.87
CA ASP A 251 -4.95 -13.68 -38.45
C ASP A 251 -6.25 -14.43 -38.81
N VAL A 252 -6.20 -15.75 -38.75
CA VAL A 252 -7.33 -16.56 -39.12
C VAL A 252 -7.75 -17.41 -37.91
N ILE A 253 -9.07 -17.56 -37.71
CA ILE A 253 -9.60 -18.52 -36.76
C ILE A 253 -10.26 -19.71 -37.49
N ASN A 254 -9.85 -20.94 -37.12
CA ASN A 254 -10.44 -22.18 -37.62
C ASN A 254 -11.38 -22.89 -36.61
N PHE A 255 -12.66 -23.06 -36.98
CA PHE A 255 -13.57 -23.89 -36.19
C PHE A 255 -13.74 -25.28 -36.84
N GLU A 256 -13.70 -26.35 -36.03
CA GLU A 256 -13.96 -27.68 -36.51
C GLU A 256 -14.73 -28.45 -35.46
N SER A 257 -15.76 -29.19 -35.83
CA SER A 257 -16.51 -29.91 -34.83
C SER A 257 -17.27 -31.07 -35.43
N THR A 258 -17.45 -32.13 -34.63
CA THR A 258 -18.28 -33.27 -35.03
C THR A 258 -19.50 -33.31 -34.24
N GLY A 259 -19.71 -32.22 -33.47
CA GLY A 259 -20.93 -32.06 -32.71
C GLY A 259 -20.67 -31.20 -31.48
N ASN A 260 -21.70 -30.44 -31.04
CA ASN A 260 -21.68 -29.77 -29.74
C ASN A 260 -21.06 -28.41 -29.80
N LEU A 261 -20.67 -27.98 -30.98
CA LEU A 261 -20.18 -26.62 -31.18
C LEU A 261 -21.34 -25.58 -31.12
N ILE A 262 -21.18 -24.55 -30.28
CA ILE A 262 -21.96 -23.34 -30.34
C ILE A 262 -21.14 -22.24 -31.02
N ALA A 263 -21.42 -21.97 -32.31
CA ALA A 263 -20.56 -21.11 -33.13
C ALA A 263 -20.94 -19.65 -32.97
N PRO A 264 -19.93 -18.74 -32.99
CA PRO A 264 -20.29 -17.31 -33.11
C PRO A 264 -20.84 -17.06 -34.54
N GLU A 265 -21.85 -16.19 -34.70
CA GLU A 265 -22.15 -15.64 -36.02
C GLU A 265 -21.43 -14.29 -36.18
N TYR A 266 -21.13 -13.62 -35.06
CA TYR A 266 -20.56 -12.26 -35.05
C TYR A 266 -19.29 -12.22 -34.27
N GLY A 267 -18.44 -11.22 -34.54
CA GLY A 267 -17.34 -10.86 -33.66
C GLY A 267 -17.33 -9.38 -33.42
N PHE A 268 -16.47 -8.88 -32.52
CA PHE A 268 -16.52 -7.49 -32.10
C PHE A 268 -15.17 -6.83 -32.33
N LYS A 269 -15.10 -5.98 -33.33
CA LYS A 269 -13.89 -5.14 -33.47
C LYS A 269 -13.71 -4.32 -32.21
N ILE A 270 -12.52 -4.34 -31.65
CA ILE A 270 -12.27 -3.58 -30.45
C ILE A 270 -10.90 -2.83 -30.49
N SER A 271 -10.90 -1.55 -30.15
CA SER A 271 -9.65 -0.83 -29.88
C SER A 271 -9.68 -0.29 -28.50
N LYS A 272 -8.58 -0.47 -27.77
CA LYS A 272 -8.47 -0.02 -26.37
C LYS A 272 -7.38 1.03 -26.18
N ARG A 273 -7.61 1.93 -25.25
CA ARG A 273 -6.64 2.93 -24.83
C ARG A 273 -6.66 2.97 -23.29
N GLY A 274 -6.26 1.88 -22.66
CA GLY A 274 -6.30 1.80 -21.20
C GLY A 274 -7.46 0.97 -20.70
N SER A 275 -7.51 0.75 -19.40
CA SER A 275 -8.61 0.00 -18.82
C SER A 275 -9.32 0.82 -17.75
N SER A 276 -10.43 0.33 -17.27
CA SER A 276 -11.27 1.10 -16.35
C SER A 276 -11.95 0.09 -15.47
N GLY A 277 -13.27 0.20 -15.28
CA GLY A 277 -13.96 -0.82 -14.51
C GLY A 277 -15.49 -0.71 -14.60
N ILE A 278 -16.14 -1.64 -13.90
CA ILE A 278 -17.57 -1.71 -13.86
C ILE A 278 -18.08 -0.99 -12.66
N MET A 279 -19.06 -0.16 -12.86
CA MET A 279 -19.70 0.54 -11.69
C MET A 279 -21.10 -0.05 -11.48
N LYS A 280 -21.40 -0.37 -10.22
CA LYS A 280 -22.68 -0.93 -9.88
C LYS A 280 -23.58 0.09 -9.21
N THR A 281 -24.67 0.43 -9.91
CA THR A 281 -25.56 1.48 -9.42
C THR A 281 -26.83 1.39 -10.26
N GLU A 282 -27.90 1.96 -9.71
CA GLU A 282 -29.18 2.03 -10.36
C GLU A 282 -29.26 3.26 -11.24
N LYS A 283 -28.33 4.21 -11.08
CA LYS A 283 -28.38 5.47 -11.80
C LYS A 283 -28.18 5.25 -13.27
N THR A 284 -28.73 6.17 -14.08
CA THR A 284 -28.55 6.09 -15.52
C THR A 284 -27.93 7.42 -15.91
N LEU A 285 -27.34 7.46 -17.10
CA LEU A 285 -26.50 8.58 -17.54
C LEU A 285 -27.30 9.88 -17.61
N GLU A 286 -26.75 11.00 -17.14
CA GLU A 286 -27.50 12.24 -17.10
C GLU A 286 -26.92 13.46 -17.83
N ASN A 287 -26.07 13.32 -18.80
CA ASN A 287 -25.68 14.58 -19.46
C ASN A 287 -24.97 15.60 -18.55
N CYS A 288 -23.91 15.12 -17.91
CA CYS A 288 -22.99 15.93 -17.19
C CYS A 288 -21.60 15.32 -17.41
N GLU A 289 -20.59 16.05 -16.99
CA GLU A 289 -19.19 15.73 -17.24
C GLU A 289 -18.48 15.63 -15.91
N THR A 290 -17.44 14.78 -15.81
CA THR A 290 -16.69 14.63 -14.57
C THR A 290 -15.34 13.95 -14.84
N LYS A 291 -14.42 14.15 -13.91
CA LYS A 291 -13.18 13.40 -13.87
C LYS A 291 -13.26 12.29 -12.83
N CYS A 292 -14.32 12.29 -12.01
CA CYS A 292 -14.37 11.33 -10.90
C CYS A 292 -15.80 10.89 -10.60
N GLN A 293 -16.15 9.69 -11.06
CA GLN A 293 -17.46 9.13 -10.85
C GLN A 293 -17.55 8.26 -9.60
N THR A 294 -18.65 8.44 -8.84
CA THR A 294 -18.98 7.48 -7.78
C THR A 294 -20.34 6.91 -8.03
N PRO A 295 -20.68 5.78 -7.41
CA PRO A 295 -21.98 5.19 -7.74
C PRO A 295 -23.11 6.05 -7.16
N LEU A 296 -22.76 7.04 -6.31
CA LEU A 296 -23.73 7.95 -5.65
C LEU A 296 -23.82 9.24 -6.43
N GLY A 297 -22.93 9.43 -7.41
CA GLY A 297 -22.91 10.73 -8.05
C GLY A 297 -21.47 11.13 -8.26
N ALA A 298 -21.25 12.12 -9.13
CA ALA A 298 -19.86 12.49 -9.54
C ALA A 298 -19.27 13.55 -8.61
N ILE A 299 -17.94 13.56 -8.46
CA ILE A 299 -17.25 14.53 -7.58
C ILE A 299 -16.51 15.49 -8.49
N ASN A 300 -16.51 16.76 -8.13
CA ASN A 300 -15.77 17.80 -8.86
C ASN A 300 -15.09 18.69 -7.82
N THR A 301 -13.81 18.41 -7.53
CA THR A 301 -13.18 19.07 -6.39
C THR A 301 -11.71 19.24 -6.63
N THR A 302 -11.10 20.26 -6.03
CA THR A 302 -9.65 20.31 -5.96
C THR A 302 -9.12 19.64 -4.67
N LEU A 303 -10.02 19.31 -3.74
CA LEU A 303 -9.61 18.82 -2.43
C LEU A 303 -8.84 17.48 -2.47
N PRO A 304 -7.95 17.26 -1.50
CA PRO A 304 -7.08 16.07 -1.54
C PRO A 304 -7.80 14.84 -0.98
N PHE A 305 -8.89 15.02 -0.22
CA PHE A 305 -9.51 13.87 0.42
C PHE A 305 -11.01 13.85 0.22
N HIS A 306 -11.60 12.66 0.24
CA HIS A 306 -13.09 12.59 0.18
C HIS A 306 -13.59 11.40 0.97
N ASN A 307 -14.89 11.41 1.28
CA ASN A 307 -15.47 10.31 2.02
C ASN A 307 -16.79 9.84 1.40
N ILE A 308 -16.99 10.15 0.13
CA ILE A 308 -18.27 9.88 -0.44
C ILE A 308 -18.56 8.39 -0.57
N HIS A 309 -17.64 7.63 -1.18
CA HIS A 309 -17.89 6.20 -1.44
C HIS A 309 -16.56 5.59 -1.91
N PRO A 310 -16.22 4.40 -1.43
CA PRO A 310 -14.86 3.93 -1.79
C PRO A 310 -14.76 3.44 -3.25
N LEU A 311 -15.86 3.04 -3.87
CA LEU A 311 -15.76 2.50 -5.22
C LEU A 311 -15.81 3.55 -6.34
N THR A 312 -14.72 4.27 -6.57
CA THR A 312 -14.71 5.34 -7.55
C THR A 312 -14.08 4.93 -8.88
N ILE A 313 -14.40 5.69 -9.91
CA ILE A 313 -13.65 5.53 -11.17
C ILE A 313 -13.28 6.94 -11.65
N GLY A 314 -12.00 7.12 -11.92
CA GLY A 314 -11.49 8.38 -12.48
C GLY A 314 -10.25 8.81 -11.73
N GLU A 315 -10.02 10.12 -11.71
CA GLU A 315 -8.89 10.70 -11.00
C GLU A 315 -9.44 11.39 -9.75
N CYS A 316 -9.36 10.71 -8.61
CA CYS A 316 -10.21 11.05 -7.47
C CYS A 316 -9.37 11.50 -6.28
N PRO A 317 -9.97 12.26 -5.36
CA PRO A 317 -9.20 12.50 -4.13
C PRO A 317 -8.97 11.16 -3.43
N LYS A 318 -8.14 11.14 -2.39
CA LYS A 318 -7.98 9.94 -1.58
C LYS A 318 -9.16 9.74 -0.62
N TYR A 319 -9.73 8.54 -0.64
CA TYR A 319 -10.86 8.19 0.21
C TYR A 319 -10.38 7.99 1.65
N VAL A 320 -11.09 8.60 2.60
CA VAL A 320 -10.72 8.43 4.02
C VAL A 320 -12.00 8.15 4.84
N LYS A 321 -11.83 7.52 6.02
CA LYS A 321 -12.93 7.31 6.93
C LYS A 321 -12.92 8.42 7.95
N SER A 322 -13.12 9.65 7.46
CA SER A 322 -13.17 10.84 8.31
C SER A 322 -14.52 11.43 7.97
N ASP A 323 -15.12 12.10 8.95
CA ASP A 323 -16.37 12.84 8.74
C ASP A 323 -16.08 14.28 8.42
N ARG A 324 -14.87 14.71 8.75
CA ARG A 324 -14.56 16.12 8.85
C ARG A 324 -13.05 16.32 8.84
N LEU A 325 -12.55 17.23 8.01
CA LEU A 325 -11.14 17.65 8.02
C LEU A 325 -10.97 19.16 7.90
N VAL A 326 -11.09 19.86 9.03
CA VAL A 326 -11.21 21.32 8.99
C VAL A 326 -9.93 22.01 9.40
N LEU A 327 -9.33 22.74 8.46
CA LEU A 327 -8.16 23.57 8.72
C LEU A 327 -8.56 24.94 9.23
N ALA A 328 -7.98 25.34 10.37
CA ALA A 328 -8.15 26.72 10.79
C ALA A 328 -7.50 27.61 9.73
N THR A 329 -8.13 28.71 9.39
CA THR A 329 -7.43 29.75 8.61
C THR A 329 -7.32 31.06 9.38
N GLY A 330 -8.41 31.45 10.04
CA GLY A 330 -8.42 32.62 10.89
C GLY A 330 -7.78 32.25 12.24
N LEU A 331 -7.93 33.13 13.23
CA LEU A 331 -7.33 32.90 14.53
C LEU A 331 -8.37 32.43 15.55
N ARG A 332 -7.95 32.07 16.75
CA ARG A 332 -8.91 31.70 17.78
C ARG A 332 -9.90 32.89 17.92
N ASN A 333 -11.17 32.60 17.99
CA ASN A 333 -12.23 33.61 18.17
C ASN A 333 -12.51 33.77 19.68
N VAL A 334 -12.08 34.89 20.23
CA VAL A 334 -12.23 35.18 21.62
C VAL A 334 -13.19 36.38 21.73
N PRO A 335 -14.48 36.17 21.52
CA PRO A 335 -15.39 37.32 21.55
C PRO A 335 -15.45 37.90 22.97
N GLN A 336 -15.47 39.22 23.07
CA GLN A 336 -15.39 39.87 24.37
C GLN A 336 -16.74 40.42 24.77
N GLY A 341 -1.62 29.74 23.48
CA GLY A 341 -0.73 29.99 22.36
C GLY A 341 0.73 30.07 22.82
N LEU A 342 1.64 29.65 21.93
CA LEU A 342 3.04 29.64 22.25
C LEU A 342 3.56 31.02 22.56
N PHE A 343 2.92 32.06 22.04
CA PHE A 343 3.50 33.38 22.12
C PHE A 343 2.82 34.29 23.11
N GLY A 344 1.76 33.79 23.75
CA GLY A 344 1.25 34.46 24.95
C GLY A 344 0.36 35.70 24.79
N ALA A 345 0.06 36.08 23.57
CA ALA A 345 -0.69 37.30 23.35
C ALA A 345 -2.16 37.00 23.15
N ILE A 346 -2.49 36.21 22.12
CA ILE A 346 -3.89 35.88 21.84
C ILE A 346 -4.43 35.05 22.96
N ALA A 347 -5.61 35.43 23.46
CA ALA A 347 -6.24 34.81 24.62
C ALA A 347 -5.26 34.74 25.79
N GLY A 348 -4.33 35.68 25.84
CA GLY A 348 -3.27 35.68 26.82
C GLY A 348 -3.21 37.04 27.48
N PHE A 349 -2.10 37.77 27.34
CA PHE A 349 -2.08 39.09 27.99
C PHE A 349 -2.99 40.07 27.26
N ILE A 350 -3.31 39.81 25.99
CA ILE A 350 -4.40 40.53 25.32
C ILE A 350 -5.61 39.62 25.38
N GLU A 351 -6.47 39.88 26.35
CA GLU A 351 -7.41 38.88 26.83
C GLU A 351 -8.58 38.59 25.87
N GLY A 352 -8.85 39.49 24.94
CA GLY A 352 -10.01 39.27 24.09
C GLY A 352 -9.83 39.88 22.72
N GLY A 353 -10.68 39.46 21.80
CA GLY A 353 -10.65 39.97 20.44
C GLY A 353 -11.64 41.14 20.28
N TRP A 354 -11.52 41.84 19.16
CA TRP A 354 -12.30 43.03 18.89
C TRP A 354 -13.24 42.77 17.72
N GLN A 355 -14.54 42.79 17.96
CA GLN A 355 -15.50 42.68 16.87
C GLN A 355 -15.52 43.95 16.04
N GLY A 356 -15.02 45.02 16.66
CA GLY A 356 -14.97 46.35 16.05
C GLY A 356 -13.88 46.57 15.04
N MET A 357 -12.96 45.63 14.91
CA MET A 357 -11.96 45.74 13.87
C MET A 357 -12.29 44.81 12.70
N VAL A 358 -12.93 45.36 11.69
CA VAL A 358 -13.47 44.55 10.60
C VAL A 358 -12.57 44.48 9.38
N ASP A 359 -11.60 45.37 9.26
CA ASP A 359 -10.76 45.44 8.06
C ASP A 359 -9.38 44.75 8.18
N GLY A 360 -9.24 43.82 9.13
CA GLY A 360 -8.00 43.07 9.24
C GLY A 360 -8.03 42.10 10.41
N TRP A 361 -7.01 41.25 10.48
CA TRP A 361 -6.91 40.31 11.57
C TRP A 361 -6.27 40.92 12.84
N TYR A 362 -5.36 41.86 12.67
CA TYR A 362 -4.59 42.45 13.79
C TYR A 362 -4.56 43.95 13.55
N GLY A 363 -4.50 44.73 14.62
CA GLY A 363 -4.53 46.19 14.49
C GLY A 363 -4.45 46.91 15.83
N TYR A 364 -4.90 48.16 15.83
CA TYR A 364 -4.78 49.07 16.94
C TYR A 364 -6.14 49.70 17.32
N HIS A 365 -6.31 49.96 18.60
CA HIS A 365 -7.39 50.81 19.05
C HIS A 365 -6.72 52.00 19.72
N HIS A 366 -7.11 53.19 19.29
CA HIS A 366 -6.47 54.39 19.85
C HIS A 366 -7.54 55.24 20.54
N SER A 367 -7.09 56.06 21.49
CA SER A 367 -7.95 57.01 22.16
C SER A 367 -7.15 58.25 22.52
N ASN A 368 -7.66 59.40 22.07
CA ASN A 368 -7.06 60.71 22.38
C ASN A 368 -8.11 61.81 22.39
N ASP A 369 -7.66 63.06 22.35
CA ASP A 369 -8.58 64.20 22.40
C ASP A 369 -9.58 64.22 21.27
N GLN A 370 -9.17 63.76 20.11
CA GLN A 370 -10.01 63.82 18.92
C GLN A 370 -10.96 62.66 18.80
N GLY A 371 -10.92 61.73 19.76
CA GLY A 371 -11.78 60.54 19.70
C GLY A 371 -11.04 59.21 19.59
N SER A 372 -11.69 58.21 18.95
CA SER A 372 -11.18 56.85 18.79
C SER A 372 -12.10 56.02 17.90
N GLY A 373 -11.63 54.93 17.27
CA GLY A 373 -10.25 54.50 17.34
C GLY A 373 -9.95 53.05 17.01
N TYR A 374 -10.50 52.47 15.93
CA TYR A 374 -10.08 51.16 15.43
C TYR A 374 -9.34 51.26 14.10
N ALA A 375 -8.23 50.51 13.95
CA ALA A 375 -7.53 50.51 12.65
C ALA A 375 -6.67 49.26 12.44
N ALA A 376 -6.92 48.52 11.37
CA ALA A 376 -6.16 47.29 11.09
C ALA A 376 -4.73 47.60 10.65
N ASP A 377 -3.80 46.73 11.08
CA ASP A 377 -2.46 46.83 10.54
C ASP A 377 -2.48 46.05 9.23
N LYS A 378 -2.58 46.79 8.14
CA LYS A 378 -2.72 46.22 6.79
C LYS A 378 -1.57 45.26 6.43
N GLU A 379 -0.35 45.66 6.77
CA GLU A 379 0.82 44.90 6.37
C GLU A 379 0.89 43.54 7.02
N SER A 380 0.79 43.49 8.35
CA SER A 380 0.86 42.21 9.02
C SER A 380 -0.36 41.33 8.66
N THR A 381 -1.52 41.95 8.51
CA THR A 381 -2.69 41.21 8.07
C THR A 381 -2.44 40.56 6.72
N GLN A 382 -1.89 41.33 5.79
CA GLN A 382 -1.69 40.78 4.45
C GLN A 382 -0.61 39.70 4.43
N LYS A 383 0.45 39.89 5.21
CA LYS A 383 1.45 38.86 5.34
C LYS A 383 0.86 37.54 5.84
N ALA A 384 0.00 37.62 6.86
CA ALA A 384 -0.67 36.43 7.39
C ALA A 384 -1.60 35.80 6.35
N PHE A 385 -2.35 36.61 5.59
CA PHE A 385 -3.22 36.08 4.54
C PHE A 385 -2.40 35.34 3.47
N ASP A 386 -1.26 35.90 3.11
CA ASP A 386 -0.38 35.24 2.14
C ASP A 386 0.13 33.91 2.66
N GLY A 387 0.60 33.91 3.89
CA GLY A 387 1.04 32.70 4.55
C GLY A 387 0.01 31.58 4.64
N ILE A 388 -1.18 31.92 5.08
CA ILE A 388 -2.20 30.91 5.33
C ILE A 388 -2.73 30.45 3.96
N THR A 389 -2.78 31.34 2.99
CA THR A 389 -3.16 30.95 1.62
C THR A 389 -2.09 29.94 1.12
N ASN A 390 -0.81 30.20 1.35
CA ASN A 390 0.21 29.20 0.90
C ASN A 390 0.07 27.86 1.60
N LYS A 391 -0.28 27.90 2.87
CA LYS A 391 -0.45 26.70 3.63
C LYS A 391 -1.64 25.82 3.10
N VAL A 392 -2.83 26.43 2.92
CA VAL A 392 -3.95 25.73 2.36
C VAL A 392 -3.57 25.19 0.97
N ASN A 393 -3.00 26.03 0.13
CA ASN A 393 -2.58 25.59 -1.22
C ASN A 393 -1.55 24.44 -1.14
N SER A 394 -0.64 24.51 -0.21
CA SER A 394 0.37 23.46 -0.09
C SER A 394 -0.27 22.07 0.13
N VAL A 395 -1.15 22.00 1.12
CA VAL A 395 -1.88 20.77 1.48
C VAL A 395 -2.70 20.21 0.30
N ILE A 396 -3.27 21.08 -0.52
CA ILE A 396 -4.08 20.71 -1.65
C ILE A 396 -3.25 20.35 -2.89
N GLU A 397 -2.32 21.23 -3.26
CA GLU A 397 -1.61 21.14 -4.52
C GLU A 397 -0.59 20.02 -4.56
N LYS A 398 -0.03 19.66 -3.42
CA LYS A 398 0.96 18.60 -3.42
C LYS A 398 0.35 17.19 -3.60
N MET A 399 -0.95 17.06 -3.54
CA MET A 399 -1.50 15.71 -3.65
C MET A 399 -1.48 15.25 -5.11
N ASN A 400 -0.70 14.19 -5.39
CA ASN A 400 -0.71 13.50 -6.70
C ASN A 400 -1.93 12.59 -6.86
N THR A 401 -2.58 12.72 -8.01
CA THR A 401 -3.78 11.96 -8.32
C THR A 401 -3.60 11.24 -9.66
N GLN A 402 -4.04 10.00 -9.74
CA GLN A 402 -4.02 9.28 -11.03
C GLN A 402 -5.32 8.52 -11.32
N PHE A 403 -5.57 8.23 -12.59
CA PHE A 403 -6.74 7.42 -12.98
C PHE A 403 -6.73 6.05 -12.29
N GLU A 404 -7.85 5.71 -11.66
CA GLU A 404 -8.01 4.38 -11.07
C GLU A 404 -9.50 3.98 -11.06
N ALA A 405 -9.75 2.69 -11.23
CA ALA A 405 -11.09 2.12 -11.03
C ALA A 405 -11.02 1.20 -9.86
N VAL A 406 -11.64 1.56 -8.75
CA VAL A 406 -11.43 0.81 -7.51
C VAL A 406 -12.15 -0.56 -7.49
N GLY A 407 -13.42 -0.59 -7.93
CA GLY A 407 -14.19 -1.84 -7.95
C GLY A 407 -13.60 -2.85 -8.96
N LYS A 408 -13.39 -4.10 -8.50
CA LYS A 408 -12.78 -5.19 -9.25
C LYS A 408 -13.70 -6.41 -9.30
N GLU A 409 -13.51 -7.28 -10.30
CA GLU A 409 -14.27 -8.55 -10.38
C GLU A 409 -13.37 -9.76 -10.08
N PHE A 410 -13.80 -10.62 -9.16
CA PHE A 410 -13.15 -11.86 -8.83
C PHE A 410 -14.17 -12.99 -8.80
N SER A 411 -13.80 -14.17 -9.28
CA SER A 411 -14.70 -15.33 -9.30
C SER A 411 -14.77 -15.92 -7.89
N ASN A 412 -15.58 -16.95 -7.72
CA ASN A 412 -15.76 -17.54 -6.41
C ASN A 412 -14.62 -18.45 -5.99
N LEU A 413 -13.73 -18.81 -6.93
CA LEU A 413 -12.51 -19.52 -6.61
C LEU A 413 -11.31 -18.55 -6.55
N GLU A 414 -11.59 -17.26 -6.38
CA GLU A 414 -10.55 -16.26 -6.32
C GLU A 414 -10.71 -15.50 -5.04
N ARG A 415 -11.10 -16.16 -3.96
CA ARG A 415 -11.31 -15.44 -2.70
C ARG A 415 -10.06 -14.85 -2.12
N ARG A 416 -8.92 -15.60 -2.22
CA ARG A 416 -7.68 -15.11 -1.66
C ARG A 416 -7.23 -13.87 -2.42
N LEU A 417 -7.33 -13.93 -3.73
CA LEU A 417 -7.00 -12.75 -4.53
C LEU A 417 -7.96 -11.56 -4.16
N GLU A 418 -9.23 -11.83 -4.02
CA GLU A 418 -10.19 -10.76 -3.62
C GLU A 418 -9.78 -10.23 -2.23
N ASN A 419 -9.27 -11.12 -1.36
CA ASN A 419 -8.90 -10.70 0.01
C ASN A 419 -7.65 -9.83 -0.04
N LEU A 420 -6.76 -10.15 -0.96
CA LEU A 420 -5.50 -9.40 -1.11
C LEU A 420 -5.82 -7.97 -1.59
N ASN A 421 -6.68 -7.92 -2.61
CA ASN A 421 -7.20 -6.60 -3.03
C ASN A 421 -7.81 -5.80 -1.84
N LYS A 422 -8.64 -6.47 -1.04
CA LYS A 422 -9.27 -5.76 0.06
C LYS A 422 -8.24 -5.25 1.09
N LYS A 423 -7.22 -6.06 1.37
CA LYS A 423 -6.20 -5.73 2.35
C LYS A 423 -5.45 -4.52 1.86
N MET A 424 -5.22 -4.48 0.55
CA MET A 424 -4.49 -3.35 -0.05
C MET A 424 -5.30 -2.05 0.07
N GLU A 425 -6.60 -2.11 -0.23
CA GLU A 425 -7.45 -0.93 -0.10
C GLU A 425 -7.62 -0.49 1.38
N ASP A 426 -7.86 -1.43 2.27
CA ASP A 426 -7.95 -1.14 3.70
C ASP A 426 -6.64 -0.57 4.25
N GLY A 427 -5.52 -1.05 3.73
CA GLY A 427 -4.23 -0.56 4.11
C GLY A 427 -4.01 0.88 3.70
N PHE A 428 -4.35 1.23 2.46
CA PHE A 428 -4.26 2.62 2.05
C PHE A 428 -5.27 3.50 2.79
N LEU A 429 -6.46 2.99 2.96
CA LEU A 429 -7.52 3.70 3.77
C LEU A 429 -6.96 4.03 5.20
N ASP A 430 -6.25 3.09 5.81
CA ASP A 430 -5.71 3.34 7.15
C ASP A 430 -4.64 4.44 7.12
N VAL A 431 -3.71 4.31 6.17
CA VAL A 431 -2.63 5.28 6.02
C VAL A 431 -3.19 6.68 5.75
N TRP A 432 -4.08 6.79 4.78
CA TRP A 432 -4.49 8.15 4.45
C TRP A 432 -5.37 8.80 5.56
N THR A 433 -6.24 7.99 6.18
CA THR A 433 -7.08 8.49 7.28
C THR A 433 -6.23 9.01 8.45
N TYR A 434 -5.30 8.18 8.93
CA TYR A 434 -4.46 8.52 10.07
C TYR A 434 -3.67 9.79 9.73
N ASN A 435 -3.05 9.80 8.56
CA ASN A 435 -2.24 10.93 8.19
C ASN A 435 -3.05 12.20 7.89
N ALA A 436 -4.26 12.07 7.34
CA ALA A 436 -5.05 13.27 7.00
C ALA A 436 -5.46 13.91 8.33
N GLU A 437 -5.90 13.09 9.26
CA GLU A 437 -6.43 13.57 10.52
C GLU A 437 -5.32 14.28 11.31
N LEU A 438 -4.13 13.65 11.36
CA LEU A 438 -3.05 14.18 12.19
C LEU A 438 -2.48 15.44 11.52
N LEU A 439 -2.47 15.44 10.20
CA LEU A 439 -1.97 16.60 9.46
C LEU A 439 -2.86 17.83 9.83
N VAL A 440 -4.17 17.62 9.82
CA VAL A 440 -5.10 18.69 10.20
C VAL A 440 -4.82 19.14 11.65
N LEU A 441 -4.72 18.19 12.57
CA LEU A 441 -4.51 18.55 13.99
C LEU A 441 -3.22 19.36 14.10
N MET A 442 -2.11 18.83 13.57
CA MET A 442 -0.81 19.45 13.64
C MET A 442 -0.79 20.82 12.98
N GLU A 443 -1.32 20.94 11.75
CA GLU A 443 -1.23 22.23 11.10
C GLU A 443 -2.11 23.25 11.85
N ASN A 444 -3.19 22.78 12.47
CA ASN A 444 -4.09 23.74 13.17
C ASN A 444 -3.38 24.29 14.38
N GLU A 445 -2.59 23.47 15.05
CA GLU A 445 -1.84 23.98 16.19
C GLU A 445 -0.85 25.08 15.71
N ARG A 446 -0.17 24.86 14.60
CA ARG A 446 0.77 25.82 14.06
C ARG A 446 0.10 27.09 13.54
N THR A 447 -1.09 26.96 12.97
CA THR A 447 -1.81 28.13 12.43
C THR A 447 -2.21 29.10 13.59
N LEU A 448 -2.72 28.54 14.66
CA LEU A 448 -3.08 29.37 15.83
C LEU A 448 -1.85 30.07 16.46
N ASP A 449 -0.74 29.35 16.57
CA ASP A 449 0.51 29.94 17.09
C ASP A 449 1.10 30.97 16.13
N PHE A 450 0.87 30.77 14.84
CA PHE A 450 1.35 31.72 13.82
C PHE A 450 0.61 33.06 14.04
N HIS A 451 -0.69 33.00 14.12
CA HIS A 451 -1.46 34.23 14.46
C HIS A 451 -0.98 34.90 15.79
N ASP A 452 -0.64 34.08 16.78
CA ASP A 452 -0.31 34.54 18.14
C ASP A 452 1.02 35.31 18.02
N SER A 453 1.96 34.72 17.31
CA SER A 453 3.22 35.35 16.99
C SER A 453 3.08 36.67 16.18
N ASN A 454 2.25 36.66 15.17
CA ASN A 454 1.99 37.94 14.44
C ASN A 454 1.54 39.07 15.39
N VAL A 455 0.74 38.73 16.37
CA VAL A 455 0.20 39.73 17.30
C VAL A 455 1.29 40.16 18.25
N LYS A 456 2.08 39.19 18.71
CA LYS A 456 3.17 39.47 19.60
C LYS A 456 4.18 40.40 18.89
N ASN A 457 4.47 40.11 17.64
CA ASN A 457 5.44 40.91 16.92
C ASN A 457 4.94 42.33 16.69
N LEU A 458 3.68 42.47 16.30
CA LEU A 458 3.10 43.81 16.19
C LEU A 458 3.22 44.53 17.52
N TYR A 459 2.91 43.82 18.58
CA TYR A 459 2.99 44.42 19.92
C TYR A 459 4.41 44.92 20.23
N ASP A 460 5.45 44.11 19.97
CA ASP A 460 6.79 44.54 20.26
C ASP A 460 7.24 45.70 19.39
N LYS A 461 6.81 45.72 18.13
CA LYS A 461 7.14 46.87 17.27
C LYS A 461 6.68 48.16 17.90
N VAL A 462 5.50 48.16 18.52
CA VAL A 462 5.01 49.39 19.13
C VAL A 462 5.84 49.69 20.36
N ARG A 463 6.10 48.63 21.15
CA ARG A 463 6.90 48.75 22.36
C ARG A 463 8.27 49.39 22.10
N MET A 464 9.01 48.85 21.14
CA MET A 464 10.36 49.32 20.86
C MET A 464 10.36 50.78 20.33
N GLN A 465 9.28 51.21 19.70
CA GLN A 465 9.08 52.60 19.28
C GLN A 465 8.81 53.57 20.43
N LEU A 466 7.83 53.27 21.24
CA LEU A 466 7.42 54.17 22.31
C LEU A 466 8.44 54.27 23.45
N ARG A 467 9.08 53.17 23.77
CA ARG A 467 10.07 53.14 24.83
C ARG A 467 9.52 53.70 26.13
N ASP A 468 10.22 54.62 26.77
CA ASP A 468 9.73 55.17 28.04
C ASP A 468 8.85 56.44 27.88
N ASN A 469 8.48 56.78 26.65
CA ASN A 469 7.51 57.83 26.42
C ASN A 469 6.10 57.34 26.68
N VAL A 470 5.98 56.09 27.14
CA VAL A 470 4.67 55.51 27.39
C VAL A 470 4.73 54.47 28.51
N LYS A 471 3.61 54.27 29.17
CA LYS A 471 3.47 53.21 30.15
C LYS A 471 3.02 51.89 29.46
N GLU A 472 3.74 50.82 29.67
CA GLU A 472 3.24 49.54 29.22
C GLU A 472 2.32 48.98 30.30
N LEU A 473 1.01 49.01 30.07
CA LEU A 473 0.06 48.53 31.08
C LEU A 473 0.13 47.01 31.30
N GLY A 474 0.30 46.26 30.23
CA GLY A 474 0.40 44.80 30.34
C GLY A 474 -0.83 44.04 29.84
N ASN A 475 -1.72 44.74 29.14
CA ASN A 475 -2.92 44.12 28.56
C ASN A 475 -2.99 44.45 27.09
N GLY A 476 -1.84 44.75 26.49
CA GLY A 476 -1.78 45.17 25.11
C GLY A 476 -1.90 46.69 24.93
N CYS A 477 -2.16 47.42 26.01
CA CYS A 477 -2.32 48.87 25.92
C CYS A 477 -1.06 49.63 26.34
N PHE A 478 -0.85 50.76 25.69
CA PHE A 478 0.26 51.67 26.00
C PHE A 478 -0.36 53.03 26.33
N GLU A 479 -0.02 53.56 27.51
CA GLU A 479 -0.55 54.88 27.91
C GLU A 479 0.52 55.96 27.77
N PHE A 480 0.28 56.96 26.93
CA PHE A 480 1.28 57.96 26.60
C PHE A 480 1.55 58.92 27.76
N TYR A 481 2.83 59.21 27.97
CA TYR A 481 3.24 60.23 28.90
C TYR A 481 3.22 61.58 28.21
N HIS A 482 2.61 61.65 27.03
CA HIS A 482 2.47 62.92 26.33
C HIS A 482 1.16 62.92 25.55
N LYS A 483 0.76 64.07 25.02
CA LYS A 483 -0.48 64.12 24.25
C LYS A 483 -0.14 63.59 22.87
N CYS A 484 -0.94 62.63 22.39
CA CYS A 484 -0.69 62.00 21.10
C CYS A 484 -1.91 62.17 20.19
N ASP A 485 -1.85 63.12 19.25
CA ASP A 485 -2.99 63.37 18.36
C ASP A 485 -3.04 62.34 17.24
N ASP A 486 -3.99 62.50 16.34
CA ASP A 486 -4.16 61.54 15.27
C ASP A 486 -2.93 61.38 14.42
N GLU A 487 -2.22 62.48 14.19
CA GLU A 487 -1.01 62.45 13.36
C GLU A 487 0.05 61.59 14.04
N CYS A 488 0.19 61.79 15.33
CA CYS A 488 1.15 61.05 16.14
C CYS A 488 0.74 59.57 16.21
N MET A 489 -0.51 59.31 16.55
CA MET A 489 -1.06 57.96 16.59
C MET A 489 -0.70 57.28 15.27
N ASN A 490 -0.84 58.01 14.18
CA ASN A 490 -0.55 57.45 12.88
C ASN A 490 0.93 57.07 12.69
N SER A 491 1.84 57.86 13.25
CA SER A 491 3.27 57.57 13.10
C SER A 491 3.63 56.28 13.86
N VAL A 492 2.96 56.08 15.00
CA VAL A 492 3.13 54.84 15.75
C VAL A 492 2.69 53.67 14.90
N LYS A 493 1.47 53.78 14.40
CA LYS A 493 0.88 52.75 13.55
C LYS A 493 1.79 52.37 12.36
N ASN A 494 2.48 53.33 11.76
CA ASN A 494 3.28 53.02 10.57
C ASN A 494 4.78 53.11 10.79
N GLY A 495 5.21 53.11 12.05
CA GLY A 495 6.62 52.89 12.35
C GLY A 495 7.51 54.11 12.25
N THR A 496 6.94 55.30 12.28
CA THR A 496 7.74 56.52 12.21
C THR A 496 7.59 57.39 13.46
N TYR A 497 7.20 56.81 14.57
CA TYR A 497 7.08 57.59 15.80
C TYR A 497 8.40 58.31 16.09
N ASP A 498 8.28 59.54 16.57
CA ASP A 498 9.44 60.39 16.82
C ASP A 498 9.70 60.54 18.34
N TYR A 499 10.39 59.57 18.91
CA TYR A 499 10.66 59.61 20.34
C TYR A 499 11.26 60.95 20.86
N PRO A 500 12.34 61.42 20.21
CA PRO A 500 12.93 62.69 20.69
C PRO A 500 11.91 63.83 20.70
N LYS A 501 11.05 63.89 19.68
CA LYS A 501 10.09 64.98 19.56
C LYS A 501 9.21 65.14 20.80
N TYR A 502 8.77 64.03 21.37
CA TYR A 502 7.87 64.07 22.53
C TYR A 502 8.63 63.79 23.81
N GLU A 503 9.92 63.51 23.67
CA GLU A 503 10.76 63.23 24.82
C GLU A 503 10.71 64.43 25.75
N GLU A 504 10.76 65.63 25.15
CA GLU A 504 10.62 66.87 25.89
C GLU A 504 9.15 67.11 26.20
N GLU A 505 8.65 66.39 27.21
CA GLU A 505 7.25 66.45 27.62
C GLU A 505 6.92 65.20 28.40
N SER A 506 7.36 64.04 27.89
CA SER A 506 6.90 62.75 28.39
C SER A 506 7.24 62.46 29.86
N LYS A 507 6.21 62.04 30.62
CA LYS A 507 6.32 61.57 32.01
C LYS A 507 6.08 62.71 33.01
N ALA A 508 6.00 63.93 32.47
CA ALA A 508 6.33 65.13 33.20
C ALA A 508 7.86 65.22 33.23
N ALA A 509 8.49 64.11 33.60
CA ALA A 509 9.93 64.00 33.60
C ALA A 509 10.42 63.55 32.23
N ASP B 16 30.88 52.86 23.31
CA ASP B 16 31.05 51.43 23.18
C ASP B 16 29.70 50.76 22.86
N GLN B 17 29.76 49.74 22.01
CA GLN B 17 28.55 49.02 21.64
C GLN B 17 28.81 47.59 21.23
N ILE B 18 27.77 46.77 21.37
CA ILE B 18 27.81 45.41 20.90
C ILE B 18 26.48 45.15 20.21
N CYS B 19 26.55 44.52 19.04
CA CYS B 19 25.38 44.20 18.23
C CYS B 19 25.32 42.72 18.03
N ILE B 20 24.08 42.22 17.97
CA ILE B 20 23.84 40.79 17.75
C ILE B 20 23.44 40.63 16.29
N GLY B 21 23.98 39.62 15.61
CA GLY B 21 23.57 39.41 14.22
C GLY B 21 23.79 38.02 13.72
N TYR B 22 23.54 37.82 12.41
CA TYR B 22 23.50 36.46 11.83
C TYR B 22 24.17 36.40 10.44
N HIS B 23 24.59 35.23 10.02
CA HIS B 23 25.38 35.06 8.80
C HIS B 23 24.56 35.36 7.55
N ALA B 24 25.18 36.07 6.62
CA ALA B 24 24.65 36.19 5.24
C ALA B 24 25.76 35.80 4.26
N ASN B 25 25.41 35.47 3.03
CA ASN B 25 26.38 35.13 2.00
C ASN B 25 25.83 35.41 0.60
N ASN B 26 26.52 34.90 -0.42
CA ASN B 26 26.10 35.15 -1.79
C ASN B 26 25.19 34.05 -2.39
N SER B 27 24.68 33.17 -1.53
CA SER B 27 23.73 32.13 -1.98
C SER B 27 22.45 32.63 -2.63
N THR B 28 22.03 31.96 -3.71
CA THR B 28 20.75 32.26 -4.33
C THR B 28 19.92 30.99 -4.30
N GLU B 29 20.32 29.99 -3.53
CA GLU B 29 19.50 28.78 -3.38
C GLU B 29 18.12 29.12 -2.82
N LYS B 30 17.09 28.50 -3.36
CA LYS B 30 15.72 28.74 -2.96
C LYS B 30 15.12 27.49 -2.37
N VAL B 31 14.35 27.66 -1.30
CA VAL B 31 13.50 26.55 -0.80
C VAL B 31 12.05 27.05 -0.64
N ASP B 32 11.11 26.11 -0.54
CA ASP B 32 9.75 26.46 -0.23
C ASP B 32 9.50 26.07 1.20
N THR B 33 8.53 26.74 1.80
CA THR B 33 8.03 26.35 3.11
C THR B 33 6.50 26.33 3.06
N ILE B 34 5.90 25.78 4.08
CA ILE B 34 4.47 25.72 4.16
C ILE B 34 3.84 27.12 3.99
N LEU B 35 4.49 28.13 4.53
CA LEU B 35 3.94 29.50 4.59
C LEU B 35 4.40 30.39 3.44
N GLU B 36 5.48 30.02 2.77
CA GLU B 36 6.16 30.95 1.89
C GLU B 36 6.90 30.22 0.76
N ARG B 37 6.89 30.76 -0.44
CA ARG B 37 7.59 30.11 -1.55
C ARG B 37 8.87 30.84 -1.92
N ASN B 38 9.84 30.09 -2.47
CA ASN B 38 11.08 30.69 -3.01
C ASN B 38 11.81 31.58 -2.00
N VAL B 39 12.07 31.05 -0.82
CA VAL B 39 12.84 31.77 0.20
C VAL B 39 14.31 31.48 -0.11
N THR B 40 15.10 32.53 -0.23
CA THR B 40 16.56 32.38 -0.43
C THR B 40 17.24 32.07 0.91
N VAL B 41 18.04 31.01 0.93
CA VAL B 41 18.64 30.54 2.18
C VAL B 41 20.15 30.49 1.95
N THR B 42 20.91 30.46 3.03
CA THR B 42 22.36 30.62 2.94
C THR B 42 22.98 29.25 2.57
N HIS B 43 22.31 28.17 2.99
CA HIS B 43 22.67 26.79 2.65
C HIS B 43 21.46 25.88 2.57
N ALA B 44 21.53 24.89 1.68
CA ALA B 44 20.45 23.94 1.48
C ALA B 44 20.98 22.57 1.07
N LYS B 45 20.16 21.55 1.20
CA LYS B 45 20.53 20.19 0.80
C LYS B 45 19.35 19.48 0.08
N ASP B 46 19.59 19.04 -1.16
CA ASP B 46 18.56 18.29 -1.88
C ASP B 46 18.51 16.85 -1.40
N ILE B 47 17.37 16.35 -0.99
CA ILE B 47 17.23 14.94 -0.58
C ILE B 47 16.59 14.10 -1.69
N LEU B 48 16.54 14.65 -2.89
CA LEU B 48 15.99 13.91 -4.05
C LEU B 48 17.12 13.50 -4.99
N GLU B 49 17.38 12.19 -5.09
CA GLU B 49 18.37 11.67 -6.06
C GLU B 49 17.85 11.72 -7.48
N LYS B 50 18.49 12.53 -8.32
CA LYS B 50 18.05 12.76 -9.70
C LYS B 50 19.02 12.27 -10.75
N THR B 51 20.19 11.83 -10.34
CA THR B 51 21.19 11.39 -11.30
C THR B 51 21.44 9.91 -11.30
N HIS B 52 21.89 9.40 -12.44
CA HIS B 52 22.28 7.98 -12.61
C HIS B 52 23.51 7.95 -13.55
N ASN B 53 24.22 6.82 -13.59
CA ASN B 53 25.51 6.77 -14.25
C ASN B 53 25.46 6.32 -15.69
N GLY B 54 24.27 6.15 -16.24
CA GLY B 54 24.15 5.76 -17.64
C GLY B 54 24.56 4.33 -17.93
N LYS B 55 24.89 3.55 -16.89
CA LYS B 55 25.39 2.19 -17.08
C LYS B 55 24.48 1.11 -16.53
N LEU B 56 24.59 -0.07 -17.13
CA LEU B 56 23.99 -1.27 -16.60
C LEU B 56 25.10 -1.96 -15.80
N CYS B 57 24.85 -2.29 -14.54
CA CYS B 57 25.92 -2.71 -13.61
C CYS B 57 25.76 -4.07 -12.97
N ARG B 58 26.82 -4.50 -12.27
CA ARG B 58 26.73 -5.67 -11.37
C ARG B 58 26.00 -5.22 -10.11
N LEU B 59 25.29 -6.13 -9.46
CA LEU B 59 24.53 -5.83 -8.26
C LEU B 59 25.19 -6.61 -7.11
N SER B 60 25.90 -5.90 -6.23
CA SER B 60 26.63 -6.54 -5.14
C SER B 60 27.64 -7.55 -5.68
N GLY B 61 28.39 -7.16 -6.69
CA GLY B 61 29.42 -8.00 -7.30
C GLY B 61 28.90 -9.05 -8.28
N ILE B 62 27.59 -9.20 -8.34
CA ILE B 62 27.03 -10.24 -9.17
C ILE B 62 26.32 -9.70 -10.40
N PRO B 63 26.75 -10.12 -11.57
CA PRO B 63 26.24 -9.65 -12.87
C PRO B 63 24.85 -10.16 -13.15
N PRO B 64 24.10 -9.45 -14.06
CA PRO B 64 22.90 -10.00 -14.68
C PRO B 64 23.27 -11.03 -15.74
N LEU B 65 22.40 -11.98 -15.95
CA LEU B 65 22.34 -12.81 -17.16
C LEU B 65 21.76 -11.90 -18.26
N GLU B 66 22.48 -11.76 -19.35
CA GLU B 66 22.07 -10.86 -20.43
C GLU B 66 21.53 -11.66 -21.60
N LEU B 67 20.23 -11.58 -21.81
CA LEU B 67 19.64 -12.46 -22.83
C LEU B 67 19.53 -11.82 -24.22
N GLY B 68 19.77 -10.53 -24.32
CA GLY B 68 19.66 -9.87 -25.61
C GLY B 68 18.25 -9.95 -26.16
N ASP B 69 18.12 -10.43 -27.39
CA ASP B 69 16.78 -10.54 -27.96
C ASP B 69 16.28 -11.98 -27.94
N CYS B 70 16.78 -12.78 -27.01
CA CYS B 70 16.22 -14.09 -26.77
C CYS B 70 15.28 -14.01 -25.58
N SER B 71 14.23 -14.82 -25.60
CA SER B 71 13.37 -14.96 -24.47
C SER B 71 13.93 -16.07 -23.56
N ILE B 72 13.40 -16.15 -22.33
CA ILE B 72 13.84 -17.18 -21.42
C ILE B 72 13.43 -18.54 -22.00
N ALA B 73 12.22 -18.62 -22.59
CA ALA B 73 11.88 -19.86 -23.32
C ALA B 73 12.94 -20.20 -24.39
N GLY B 74 13.29 -19.20 -25.16
CA GLY B 74 14.11 -19.44 -26.35
C GLY B 74 15.46 -19.97 -25.85
N TRP B 75 15.93 -19.36 -24.75
CA TRP B 75 17.21 -19.69 -24.14
C TRP B 75 17.22 -21.14 -23.54
N LEU B 76 16.21 -21.48 -22.69
CA LEU B 76 16.17 -22.78 -22.02
C LEU B 76 15.96 -23.94 -23.04
N LEU B 77 15.04 -23.74 -23.99
CA LEU B 77 14.83 -24.77 -25.06
C LEU B 77 16.05 -24.96 -26.00
N GLY B 78 16.78 -23.87 -26.22
CA GLY B 78 17.89 -23.88 -27.14
C GLY B 78 17.52 -23.50 -28.58
N ASN B 79 16.68 -22.48 -28.74
CA ASN B 79 16.48 -21.85 -30.05
C ASN B 79 17.87 -21.54 -30.67
N PRO B 80 18.15 -22.10 -31.87
CA PRO B 80 19.47 -21.94 -32.51
C PRO B 80 19.91 -20.47 -32.60
N GLU B 81 18.96 -19.52 -32.68
CA GLU B 81 19.29 -18.09 -32.73
C GLU B 81 19.86 -17.58 -31.40
N CYS B 82 19.79 -18.40 -30.35
CA CYS B 82 20.33 -18.03 -29.05
C CYS B 82 21.68 -18.68 -28.74
N ASP B 83 22.19 -19.45 -29.69
CA ASP B 83 23.35 -20.33 -29.46
C ASP B 83 24.55 -19.73 -28.70
N ARG B 84 25.00 -18.55 -29.12
CA ARG B 84 26.06 -17.88 -28.40
C ARG B 84 25.52 -16.92 -27.37
N LEU B 85 24.63 -17.41 -26.52
CA LEU B 85 23.99 -16.59 -25.51
C LEU B 85 24.95 -16.27 -24.38
N LEU B 86 25.93 -17.15 -24.15
CA LEU B 86 26.91 -16.91 -23.09
C LEU B 86 26.22 -16.91 -21.73
N SER B 87 25.96 -18.09 -21.20
CA SER B 87 25.30 -18.21 -19.90
C SER B 87 26.33 -18.17 -18.79
N VAL B 88 26.05 -17.36 -17.77
CA VAL B 88 26.98 -17.18 -16.67
C VAL B 88 26.69 -18.11 -15.48
N PRO B 89 27.69 -18.38 -14.63
CA PRO B 89 27.44 -19.34 -13.55
C PRO B 89 26.44 -18.83 -12.51
N GLU B 90 26.41 -17.51 -12.34
CA GLU B 90 25.70 -16.88 -11.23
C GLU B 90 25.09 -15.55 -11.67
N TRP B 91 23.88 -15.23 -11.22
CA TRP B 91 23.32 -13.93 -11.63
C TRP B 91 22.31 -13.40 -10.64
N SER B 92 22.12 -12.06 -10.62
CA SER B 92 21.30 -11.44 -9.59
C SER B 92 20.09 -10.80 -10.22
N TYR B 93 20.07 -10.72 -11.55
CA TYR B 93 18.85 -10.33 -12.25
C TYR B 93 19.03 -10.69 -13.70
N ILE B 94 17.99 -10.45 -14.51
CA ILE B 94 18.06 -10.86 -15.90
C ILE B 94 17.77 -9.68 -16.73
N VAL B 95 18.53 -9.53 -17.82
CA VAL B 95 18.29 -8.38 -18.70
C VAL B 95 17.77 -8.86 -20.03
N GLU B 96 16.63 -8.30 -20.46
CA GLU B 96 16.06 -8.59 -21.77
C GLU B 96 15.80 -7.30 -22.54
N LYS B 97 15.76 -7.40 -23.87
CA LYS B 97 15.24 -6.32 -24.68
C LYS B 97 13.71 -6.30 -24.51
N GLU B 98 13.09 -5.19 -24.90
CA GLU B 98 11.68 -4.96 -24.58
C GLU B 98 10.75 -6.07 -25.06
N ASN B 99 10.87 -6.43 -26.32
CA ASN B 99 10.10 -7.55 -26.85
C ASN B 99 11.02 -8.54 -27.54
N PRO B 100 11.60 -9.48 -26.78
CA PRO B 100 12.56 -10.45 -27.32
C PRO B 100 12.00 -11.14 -28.54
N VAL B 101 12.79 -11.23 -29.59
CA VAL B 101 12.32 -11.78 -30.84
C VAL B 101 12.57 -13.29 -31.00
N ASN B 102 13.52 -13.84 -30.26
CA ASN B 102 13.84 -15.25 -30.41
C ASN B 102 13.27 -16.11 -29.27
N GLY B 103 12.20 -16.83 -29.57
CA GLY B 103 11.54 -17.56 -28.50
C GLY B 103 11.21 -18.94 -29.02
N LEU B 104 9.93 -19.21 -29.23
CA LEU B 104 9.53 -20.52 -29.73
C LEU B 104 9.65 -20.44 -31.23
N CYS B 105 10.77 -20.94 -31.76
CA CYS B 105 11.01 -20.82 -33.18
C CYS B 105 10.01 -21.77 -33.86
N TYR B 106 9.82 -22.95 -33.30
CA TYR B 106 8.68 -23.73 -33.76
C TYR B 106 7.55 -23.27 -32.88
N PRO B 107 6.42 -22.88 -33.48
CA PRO B 107 5.34 -22.20 -32.74
C PRO B 107 4.61 -23.12 -31.74
N GLY B 108 3.98 -22.50 -30.72
CA GLY B 108 3.29 -23.27 -29.72
C GLY B 108 3.19 -22.46 -28.48
N SER B 109 3.21 -23.11 -27.31
CA SER B 109 2.95 -22.40 -26.07
C SER B 109 3.82 -22.99 -24.96
N PHE B 110 3.76 -22.40 -23.78
CA PHE B 110 4.60 -22.77 -22.67
C PHE B 110 3.76 -22.63 -21.41
N ASN B 111 3.45 -23.76 -20.77
CA ASN B 111 2.53 -23.71 -19.64
C ASN B 111 3.25 -23.11 -18.43
N ASP B 112 2.53 -22.24 -17.70
CA ASP B 112 3.05 -21.61 -16.46
C ASP B 112 4.39 -20.95 -16.68
N TYR B 113 4.47 -20.26 -17.81
CA TYR B 113 5.77 -19.71 -18.22
C TYR B 113 6.26 -18.61 -17.25
N GLU B 114 5.32 -17.74 -16.84
CA GLU B 114 5.68 -16.64 -15.96
C GLU B 114 6.23 -17.17 -14.62
N GLU B 115 5.63 -18.23 -14.06
CA GLU B 115 6.09 -18.76 -12.80
C GLU B 115 7.54 -19.34 -13.03
N LEU B 116 7.84 -19.81 -14.25
CA LEU B 116 9.15 -20.36 -14.53
C LEU B 116 10.13 -19.16 -14.58
N LYS B 117 9.69 -18.07 -15.20
CA LYS B 117 10.55 -16.88 -15.28
C LYS B 117 10.86 -16.33 -13.89
N HIS B 118 9.87 -16.31 -12.99
CA HIS B 118 10.07 -15.79 -11.66
C HIS B 118 11.13 -16.63 -10.89
N LEU B 119 11.06 -17.95 -11.01
CA LEU B 119 11.91 -18.86 -10.30
C LEU B 119 13.43 -18.69 -10.62
N ILE B 120 13.77 -18.30 -11.85
CA ILE B 120 15.20 -18.35 -12.22
C ILE B 120 15.78 -16.97 -12.33
N THR B 121 15.14 -16.05 -11.67
CA THR B 121 15.47 -14.67 -11.83
C THR B 121 16.77 -14.30 -11.07
N SER B 122 17.09 -15.13 -10.09
CA SER B 122 18.31 -14.95 -9.32
C SER B 122 18.79 -16.33 -8.81
N VAL B 123 19.96 -16.78 -9.28
CA VAL B 123 20.44 -18.11 -8.93
C VAL B 123 21.92 -18.06 -8.62
N THR B 124 22.43 -19.02 -7.86
CA THR B 124 23.86 -18.98 -7.45
C THR B 124 24.69 -20.08 -8.07
N HIS B 125 24.04 -21.18 -8.39
CA HIS B 125 24.71 -22.18 -9.18
C HIS B 125 23.72 -22.63 -10.21
N PHE B 126 24.13 -22.56 -11.46
CA PHE B 126 23.28 -22.95 -12.54
C PHE B 126 24.10 -23.81 -13.44
N GLU B 127 23.64 -25.05 -13.66
CA GLU B 127 24.47 -26.02 -14.38
C GLU B 127 23.62 -26.94 -15.21
N LYS B 128 23.90 -27.06 -16.51
CA LYS B 128 23.13 -28.06 -17.20
C LYS B 128 23.63 -29.49 -17.03
N VAL B 129 22.72 -30.44 -17.07
CA VAL B 129 23.07 -31.82 -16.90
C VAL B 129 22.43 -32.58 -18.07
N LYS B 130 23.21 -33.42 -18.75
CA LYS B 130 22.65 -34.13 -19.88
C LYS B 130 21.94 -35.36 -19.34
N ILE B 131 20.70 -35.13 -18.90
CA ILE B 131 19.92 -36.14 -18.21
C ILE B 131 19.46 -37.25 -19.15
N LEU B 132 19.14 -36.93 -20.40
CA LEU B 132 18.76 -37.98 -21.33
C LEU B 132 19.57 -37.96 -22.63
N PRO B 133 20.81 -38.44 -22.57
CA PRO B 133 21.67 -38.41 -23.77
C PRO B 133 20.88 -38.84 -24.99
N ARG B 134 20.92 -38.05 -26.06
CA ARG B 134 20.01 -38.30 -27.16
C ARG B 134 20.39 -39.58 -27.90
N ASP B 135 21.66 -39.98 -27.79
CA ASP B 135 22.14 -41.18 -28.46
C ASP B 135 21.54 -42.49 -27.94
N GLN B 136 20.97 -42.47 -26.73
CA GLN B 136 20.33 -43.67 -26.18
C GLN B 136 18.88 -43.86 -26.60
N TRP B 137 18.35 -42.94 -27.39
CA TRP B 137 17.07 -43.16 -28.06
C TRP B 137 17.31 -44.04 -29.29
N THR B 138 17.84 -45.23 -29.05
CA THR B 138 18.39 -46.07 -30.12
C THR B 138 17.37 -46.69 -31.06
N GLN B 139 16.11 -46.73 -30.62
CA GLN B 139 15.04 -47.29 -31.44
C GLN B 139 14.13 -46.22 -32.04
N HIS B 140 14.58 -44.96 -31.99
CA HIS B 140 13.84 -43.85 -32.57
C HIS B 140 14.74 -42.92 -33.34
N THR B 141 14.20 -42.21 -34.31
CA THR B 141 14.97 -41.22 -35.03
C THR B 141 14.99 -39.95 -34.17
N THR B 142 16.10 -39.21 -34.25
CA THR B 142 16.43 -38.26 -33.23
C THR B 142 16.90 -36.96 -33.86
N THR B 143 17.00 -36.96 -35.19
CA THR B 143 17.52 -35.80 -35.95
C THR B 143 16.42 -34.89 -36.54
N GLY B 144 15.16 -35.18 -36.29
CA GLY B 144 14.08 -34.40 -36.83
C GLY B 144 14.20 -32.90 -36.57
N GLY B 145 13.92 -32.10 -37.60
CA GLY B 145 14.06 -30.67 -37.50
C GLY B 145 13.04 -29.93 -38.34
N SER B 146 13.14 -28.61 -38.38
CA SER B 146 12.17 -27.81 -39.12
C SER B 146 12.79 -26.53 -39.64
N ARG B 147 12.31 -26.09 -40.79
CA ARG B 147 12.73 -24.79 -41.34
C ARG B 147 12.30 -23.63 -40.49
N ALA B 148 11.33 -23.86 -39.60
CA ALA B 148 10.97 -22.84 -38.63
C ALA B 148 12.16 -22.48 -37.72
N CYS B 149 12.99 -23.50 -37.44
CA CYS B 149 14.19 -23.35 -36.61
C CYS B 149 15.45 -23.52 -37.43
N ALA B 150 15.37 -23.13 -38.69
CA ALA B 150 16.41 -23.41 -39.67
C ALA B 150 17.73 -22.80 -39.31
N VAL B 151 18.79 -23.55 -39.62
CA VAL B 151 20.17 -23.09 -39.48
C VAL B 151 20.96 -23.25 -40.79
N LEU B 152 21.14 -22.15 -41.50
CA LEU B 152 22.13 -22.06 -42.58
C LEU B 152 21.99 -22.98 -43.80
N ASP B 153 20.82 -23.14 -44.40
CA ASP B 153 19.54 -22.75 -43.83
C ASP B 153 18.78 -24.06 -43.68
N ASN B 154 19.53 -25.09 -43.31
CA ASN B 154 18.99 -26.43 -43.15
C ASN B 154 18.00 -26.52 -42.00
N PRO B 155 17.06 -27.46 -42.11
CA PRO B 155 16.12 -27.73 -41.00
C PRO B 155 16.92 -27.94 -39.71
N SER B 156 16.43 -27.38 -38.61
CA SER B 156 17.06 -27.60 -37.33
C SER B 156 16.01 -27.64 -36.19
N PHE B 157 16.50 -27.59 -34.96
CA PHE B 157 15.64 -27.78 -33.82
C PHE B 157 16.22 -27.18 -32.52
N PHE B 158 15.36 -26.89 -31.55
CA PHE B 158 15.81 -26.54 -30.21
C PHE B 158 16.97 -27.45 -29.77
N ARG B 159 18.10 -26.87 -29.41
CA ARG B 159 19.30 -27.65 -29.16
C ARG B 159 19.17 -28.45 -27.88
N ASN B 160 18.29 -28.03 -26.96
CA ASN B 160 18.25 -28.70 -25.68
C ASN B 160 17.23 -29.83 -25.69
N MET B 161 16.55 -30.00 -26.81
CA MET B 161 15.40 -30.88 -26.88
C MET B 161 15.57 -31.90 -28.00
N VAL B 162 14.73 -32.93 -28.01
CA VAL B 162 14.84 -33.98 -28.98
C VAL B 162 13.48 -34.28 -29.58
N LEU B 164 11.58 -36.76 -31.09
CA LEU B 164 11.53 -38.18 -31.40
C LEU B 164 10.59 -38.49 -32.57
N THR B 165 11.08 -39.22 -33.56
CA THR B 165 10.20 -39.65 -34.67
C THR B 165 10.53 -41.12 -35.03
N LYS B 166 9.82 -41.70 -35.98
CA LYS B 166 9.84 -43.12 -36.20
C LYS B 166 11.17 -43.50 -36.82
N LYS B 167 11.60 -44.72 -36.55
CA LYS B 167 12.84 -45.21 -37.16
C LYS B 167 12.48 -46.22 -38.23
N GLY B 168 12.62 -45.82 -39.48
CA GLY B 168 12.11 -46.59 -40.60
C GLY B 168 10.61 -46.40 -40.73
N SER B 169 9.86 -47.38 -40.28
CA SER B 169 8.40 -47.29 -40.31
C SER B 169 7.83 -47.65 -38.94
N ASN B 170 8.69 -47.61 -37.92
CA ASN B 170 8.29 -47.97 -36.56
C ASN B 170 8.60 -46.91 -35.49
N TYR B 171 7.66 -46.75 -34.58
CA TYR B 171 7.85 -45.96 -33.39
C TYR B 171 7.51 -46.85 -32.21
N PRO B 172 8.49 -47.61 -31.71
CA PRO B 172 8.20 -48.46 -30.56
C PRO B 172 7.87 -47.57 -29.35
N ILE B 173 7.18 -48.10 -28.36
CA ILE B 173 6.92 -47.30 -27.18
C ILE B 173 8.25 -46.69 -26.68
N ALA B 174 8.25 -45.40 -26.40
CA ALA B 174 9.44 -44.70 -25.95
C ALA B 174 9.34 -44.56 -24.43
N LYS B 175 10.39 -44.98 -23.72
CA LYS B 175 10.33 -45.16 -22.28
C LYS B 175 11.69 -44.95 -21.64
N ARG B 176 11.90 -43.82 -20.98
CA ARG B 176 13.20 -43.57 -20.34
C ARG B 176 12.99 -42.79 -19.05
N SER B 177 13.90 -42.98 -18.11
CA SER B 177 13.78 -42.32 -16.84
C SER B 177 15.10 -41.77 -16.34
N TYR B 178 15.05 -40.84 -15.38
CA TYR B 178 16.24 -40.20 -14.89
C TYR B 178 16.10 -40.00 -13.38
N ASN B 179 17.15 -40.38 -12.66
CA ASN B 179 17.17 -40.18 -11.23
C ASN B 179 18.03 -38.95 -10.94
N ASN B 180 17.47 -37.89 -10.37
CA ASN B 180 18.26 -36.70 -10.07
C ASN B 180 19.36 -36.93 -9.05
N THR B 181 20.56 -37.37 -9.53
CA THR B 181 21.68 -37.60 -8.64
C THR B 181 22.58 -36.36 -8.64
N SER B 182 22.08 -35.24 -9.20
CA SER B 182 22.94 -34.06 -9.47
C SER B 182 23.31 -33.29 -8.19
N GLY B 183 22.58 -33.58 -7.09
CA GLY B 183 22.87 -32.88 -5.83
C GLY B 183 22.00 -31.61 -5.66
N GLU B 184 21.28 -31.22 -6.69
CA GLU B 184 20.34 -30.06 -6.53
C GLU B 184 19.02 -30.27 -7.25
N GLN B 185 18.01 -29.48 -6.88
CA GLN B 185 16.76 -29.51 -7.57
C GLN B 185 17.01 -29.23 -9.06
N MET B 186 16.28 -29.95 -9.89
CA MET B 186 16.46 -29.79 -11.31
C MET B 186 15.25 -29.34 -12.11
N LEU B 187 15.42 -28.29 -12.88
CA LEU B 187 14.42 -27.86 -13.82
C LEU B 187 14.45 -28.74 -15.10
N ILE B 188 13.31 -29.31 -15.45
CA ILE B 188 13.19 -30.19 -16.59
C ILE B 188 11.96 -29.71 -17.41
N ILE B 189 12.15 -29.53 -18.73
CA ILE B 189 11.14 -29.14 -19.66
C ILE B 189 10.93 -30.26 -20.68
N TRP B 190 9.69 -30.48 -21.04
CA TRP B 190 9.36 -31.42 -22.11
C TRP B 190 8.20 -30.83 -22.92
N GLY B 191 7.91 -31.35 -24.11
CA GLY B 191 6.71 -30.86 -24.78
C GLY B 191 5.95 -31.97 -25.51
N ILE B 192 4.83 -31.55 -26.11
CA ILE B 192 4.09 -32.44 -26.99
C ILE B 192 3.80 -31.72 -28.27
N HIS B 193 3.91 -32.45 -29.38
CA HIS B 193 3.66 -31.91 -30.71
C HIS B 193 2.21 -32.12 -31.19
N HIS B 194 1.54 -31.05 -31.55
CA HIS B 194 0.16 -31.11 -32.01
C HIS B 194 0.19 -30.94 -33.52
N PRO B 195 0.05 -32.05 -34.26
CA PRO B 195 0.27 -31.97 -35.73
C PRO B 195 -0.90 -31.24 -36.43
N ASN B 196 -0.66 -30.84 -37.67
CA ASN B 196 -1.63 -30.19 -38.48
C ASN B 196 -2.66 -31.21 -39.04
N ASP B 197 -2.23 -32.44 -39.30
CA ASP B 197 -3.13 -33.41 -39.89
C ASP B 197 -2.71 -34.85 -39.70
N ASP B 198 -3.62 -35.77 -40.01
CA ASP B 198 -3.37 -37.21 -39.83
C ASP B 198 -2.15 -37.69 -40.64
N ALA B 199 -1.93 -37.12 -41.79
CA ALA B 199 -0.82 -37.55 -42.63
C ALA B 199 0.49 -37.15 -41.96
N GLU B 200 0.53 -35.95 -41.37
CA GLU B 200 1.70 -35.52 -40.62
C GLU B 200 1.94 -36.51 -39.45
N GLN B 201 0.87 -36.88 -38.77
CA GLN B 201 0.93 -37.78 -37.59
C GLN B 201 1.60 -39.10 -37.99
N ARG B 202 1.13 -39.66 -39.10
CA ARG B 202 1.63 -40.95 -39.60
C ARG B 202 3.05 -40.86 -40.11
N THR B 203 3.35 -39.77 -40.82
CA THR B 203 4.69 -39.59 -41.33
C THR B 203 5.69 -39.55 -40.18
N LEU B 204 5.36 -38.77 -39.14
CA LEU B 204 6.28 -38.54 -38.04
C LEU B 204 6.36 -39.72 -37.10
N TYR B 205 5.20 -40.27 -36.74
CA TYR B 205 5.12 -41.17 -35.60
C TYR B 205 4.55 -42.55 -35.89
N GLN B 206 4.03 -42.74 -37.12
CA GLN B 206 3.44 -44.00 -37.56
C GLN B 206 2.17 -44.27 -36.76
N ASN B 207 2.30 -44.39 -35.44
CA ASN B 207 1.16 -44.69 -34.62
C ASN B 207 0.16 -43.54 -34.61
N VAL B 208 -1.12 -43.86 -34.44
CA VAL B 208 -2.12 -42.84 -34.21
C VAL B 208 -2.76 -43.18 -32.86
N GLY B 209 -3.54 -42.27 -32.29
CA GLY B 209 -4.06 -42.48 -30.96
C GLY B 209 -2.92 -42.56 -29.95
N THR B 210 -2.02 -41.57 -29.98
CA THR B 210 -0.85 -41.58 -29.10
C THR B 210 -1.02 -40.76 -27.81
N TYR B 211 0.00 -40.85 -26.95
CA TYR B 211 -0.03 -40.08 -25.71
C TYR B 211 1.39 -39.85 -25.30
N VAL B 212 1.55 -38.85 -24.44
CA VAL B 212 2.78 -38.58 -23.71
C VAL B 212 2.46 -38.54 -22.23
N SER B 213 3.19 -39.31 -21.45
CA SER B 213 2.95 -39.25 -20.00
C SER B 213 4.26 -39.03 -19.25
N VAL B 214 4.18 -38.30 -18.16
CA VAL B 214 5.34 -37.97 -17.37
C VAL B 214 4.93 -38.08 -15.91
N GLY B 215 5.74 -38.74 -15.09
CA GLY B 215 5.47 -38.78 -13.66
C GLY B 215 6.71 -38.65 -12.81
N THR B 216 6.57 -37.92 -11.72
CA THR B 216 7.54 -37.91 -10.62
C THR B 216 6.81 -38.16 -9.27
N SER B 217 7.55 -37.98 -8.18
CA SER B 217 6.95 -38.08 -6.87
C SER B 217 5.72 -37.09 -6.76
N THR B 218 5.73 -35.95 -7.46
CA THR B 218 4.66 -34.94 -7.31
C THR B 218 3.97 -34.54 -8.63
N LEU B 219 4.59 -34.86 -9.75
CA LEU B 219 4.02 -34.55 -11.04
C LEU B 219 3.31 -35.78 -11.60
N ASN B 220 2.13 -35.56 -12.18
CA ASN B 220 1.42 -36.63 -12.89
C ASN B 220 0.73 -36.01 -14.06
N LYS B 221 1.10 -36.39 -15.27
CA LYS B 221 0.49 -35.78 -16.43
C LYS B 221 0.49 -36.77 -17.59
N ARG B 222 -0.64 -36.83 -18.25
CA ARG B 222 -0.68 -37.56 -19.53
C ARG B 222 -1.33 -36.59 -20.49
N SER B 223 -0.70 -36.33 -21.63
CA SER B 223 -1.21 -35.40 -22.64
C SER B 223 -1.49 -36.19 -23.87
N ILE B 224 -2.54 -35.83 -24.57
CA ILE B 224 -2.80 -36.45 -25.86
C ILE B 224 -2.77 -35.42 -27.02
N PRO B 225 -2.15 -35.76 -28.15
CA PRO B 225 -1.90 -34.82 -29.24
C PRO B 225 -3.20 -34.33 -29.87
N GLU B 226 -3.23 -33.05 -30.21
CA GLU B 226 -4.43 -32.47 -30.84
C GLU B 226 -4.10 -32.25 -32.32
N ILE B 227 -4.80 -32.98 -33.17
CA ILE B 227 -4.58 -32.87 -34.60
C ILE B 227 -5.64 -31.97 -35.17
N ALA B 228 -5.25 -30.83 -35.75
CA ALA B 228 -6.24 -29.88 -36.34
C ALA B 228 -5.56 -28.85 -37.24
N THR B 229 -6.26 -28.41 -38.27
CA THR B 229 -5.75 -27.35 -39.15
C THR B 229 -5.67 -26.00 -38.46
N ARG B 230 -4.53 -25.33 -38.59
CA ARG B 230 -4.32 -24.03 -37.95
C ARG B 230 -3.55 -23.16 -38.92
N PRO B 231 -3.62 -21.84 -38.75
CA PRO B 231 -2.82 -20.99 -39.63
C PRO B 231 -1.31 -21.25 -39.39
N LYS B 232 -0.53 -21.00 -40.43
CA LYS B 232 0.88 -21.25 -40.39
C LYS B 232 1.61 -20.12 -39.69
N VAL B 233 2.53 -20.49 -38.80
CA VAL B 233 3.37 -19.55 -38.10
C VAL B 233 4.78 -20.07 -38.34
N ASN B 234 5.66 -19.20 -38.84
CA ASN B 234 6.97 -19.65 -39.30
C ASN B 234 6.87 -20.88 -40.17
N GLY B 235 5.84 -20.92 -41.01
CA GLY B 235 5.69 -22.00 -41.97
C GLY B 235 4.90 -23.21 -41.49
N GLN B 236 4.48 -23.22 -40.20
CA GLN B 236 3.93 -24.44 -39.61
C GLN B 236 2.51 -24.31 -39.11
N GLY B 237 1.67 -25.27 -39.46
CA GLY B 237 0.36 -25.35 -38.84
C GLY B 237 0.41 -26.17 -37.54
N GLY B 238 1.48 -26.93 -37.38
CA GLY B 238 1.65 -27.70 -36.15
C GLY B 238 2.00 -26.82 -34.97
N ARG B 239 1.81 -27.31 -33.76
CA ARG B 239 2.24 -26.57 -32.60
C ARG B 239 3.05 -27.46 -31.64
N MET B 240 3.87 -26.83 -30.81
CA MET B 240 4.51 -27.55 -29.71
C MET B 240 4.22 -26.88 -28.37
N GLU B 241 3.67 -27.68 -27.47
CA GLU B 241 3.26 -27.23 -26.19
C GLU B 241 4.25 -27.75 -25.12
N PHE B 242 4.92 -26.86 -24.41
CA PHE B 242 5.94 -27.22 -23.44
C PHE B 242 5.44 -27.02 -22.04
N SER B 243 5.96 -27.85 -21.11
CA SER B 243 5.61 -27.82 -19.70
C SER B 243 6.89 -28.05 -18.94
N TRP B 244 6.89 -27.77 -17.64
CA TRP B 244 8.15 -27.83 -16.90
C TRP B 244 7.83 -28.32 -15.52
N THR B 245 8.83 -28.90 -14.84
CA THR B 245 8.64 -29.24 -13.45
C THR B 245 10.02 -29.11 -12.78
N LEU B 246 10.03 -29.05 -11.44
CA LEU B 246 11.30 -29.19 -10.69
C LEU B 246 11.39 -30.58 -10.11
N LEU B 247 12.45 -31.32 -10.44
CA LEU B 247 12.64 -32.67 -9.93
C LEU B 247 13.48 -32.51 -8.63
N GLU B 248 13.01 -33.09 -7.52
CA GLU B 248 13.74 -33.01 -6.29
C GLU B 248 14.96 -33.93 -6.38
N THR B 249 15.94 -33.61 -5.55
CA THR B 249 17.11 -34.48 -5.38
C THR B 249 16.64 -35.89 -5.09
N TRP B 250 17.22 -36.87 -5.80
CA TRP B 250 17.00 -38.28 -5.51
C TRP B 250 15.62 -38.78 -6.00
N ASP B 251 14.75 -37.87 -6.47
CA ASP B 251 13.50 -38.28 -7.07
C ASP B 251 13.71 -38.67 -8.55
N VAL B 252 12.74 -39.40 -9.11
CA VAL B 252 12.87 -39.96 -10.44
C VAL B 252 11.79 -39.36 -11.37
N ILE B 253 12.17 -38.98 -12.62
CA ILE B 253 11.19 -38.67 -13.62
C ILE B 253 11.14 -39.77 -14.67
N ASN B 254 9.92 -40.13 -15.07
CA ASN B 254 9.62 -41.19 -16.00
C ASN B 254 8.81 -40.68 -17.17
N PHE B 255 9.36 -40.83 -18.37
CA PHE B 255 8.67 -40.42 -19.56
C PHE B 255 8.20 -41.68 -20.27
N GLU B 256 6.98 -41.64 -20.81
CA GLU B 256 6.49 -42.71 -21.66
C GLU B 256 5.66 -42.11 -22.79
N SER B 257 5.93 -42.58 -24.01
CA SER B 257 5.22 -42.02 -25.14
C SER B 257 5.08 -43.03 -26.23
N THR B 258 3.90 -43.02 -26.82
CA THR B 258 3.69 -43.78 -28.05
C THR B 258 3.83 -42.87 -29.27
N GLY B 259 4.27 -41.63 -29.06
CA GLY B 259 4.40 -40.66 -30.14
C GLY B 259 4.13 -39.22 -29.68
N ASN B 260 4.75 -38.27 -30.40
CA ASN B 260 4.51 -36.85 -30.27
C ASN B 260 5.25 -36.19 -29.09
N LEU B 261 6.12 -36.96 -28.43
CA LEU B 261 6.94 -36.44 -27.32
C LEU B 261 8.13 -35.66 -27.85
N ILE B 262 8.28 -34.47 -27.32
CA ILE B 262 9.46 -33.64 -27.53
C ILE B 262 10.25 -33.79 -26.22
N ALA B 263 11.33 -34.60 -26.23
CA ALA B 263 12.01 -34.97 -24.95
C ALA B 263 13.06 -33.91 -24.61
N PRO B 264 13.29 -33.67 -23.34
CA PRO B 264 14.44 -32.85 -23.02
C PRO B 264 15.67 -33.74 -23.21
N GLU B 265 16.81 -33.16 -23.57
CA GLU B 265 18.11 -33.87 -23.45
C GLU B 265 18.83 -33.40 -22.18
N TYR B 266 18.60 -32.16 -21.80
CA TYR B 266 19.24 -31.55 -20.66
C TYR B 266 18.22 -31.12 -19.60
N GLY B 267 18.72 -31.10 -18.34
CA GLY B 267 18.01 -30.46 -17.24
C GLY B 267 18.89 -29.40 -16.69
N PHE B 268 18.37 -28.52 -15.86
CA PHE B 268 19.14 -27.42 -15.28
C PHE B 268 19.05 -27.40 -13.75
N LYS B 269 20.21 -27.49 -13.10
CA LYS B 269 20.30 -27.47 -11.64
C LYS B 269 20.16 -26.09 -11.12
N ILE B 270 19.27 -25.89 -10.18
CA ILE B 270 19.00 -24.54 -9.77
C ILE B 270 19.01 -24.40 -8.24
N SER B 271 19.92 -23.54 -7.77
CA SER B 271 19.98 -23.10 -6.37
C SER B 271 19.63 -21.65 -6.38
N LYS B 272 18.49 -21.30 -5.77
CA LYS B 272 18.00 -19.93 -5.78
C LYS B 272 18.54 -19.12 -4.59
N ARG B 273 19.05 -17.93 -4.88
CA ARG B 273 19.48 -16.99 -3.85
C ARG B 273 18.39 -15.94 -3.71
N GLY B 274 17.24 -16.37 -3.23
CA GLY B 274 16.09 -15.50 -3.15
C GLY B 274 15.46 -15.31 -4.53
N SER B 275 14.87 -14.13 -4.73
CA SER B 275 14.21 -13.84 -5.98
C SER B 275 14.43 -12.36 -6.40
N SER B 276 14.45 -12.15 -7.70
CA SER B 276 14.78 -10.86 -8.25
C SER B 276 13.75 -10.55 -9.35
N GLY B 277 14.20 -10.03 -10.48
CA GLY B 277 13.27 -9.72 -11.53
C GLY B 277 14.03 -9.57 -12.85
N ILE B 278 13.26 -9.34 -13.91
CA ILE B 278 13.76 -9.12 -15.24
C ILE B 278 13.71 -7.62 -15.52
N MET B 279 14.78 -7.14 -16.11
CA MET B 279 14.85 -5.71 -16.47
C MET B 279 14.85 -5.57 -18.00
N LYS B 280 13.91 -4.81 -18.52
CA LYS B 280 13.86 -4.59 -19.96
C LYS B 280 14.63 -3.32 -20.32
N THR B 281 15.69 -3.48 -21.12
CA THR B 281 16.50 -2.35 -21.54
C THR B 281 17.39 -2.79 -22.71
N GLU B 282 17.90 -1.83 -23.46
CA GLU B 282 18.77 -2.12 -24.59
C GLU B 282 20.20 -2.08 -24.15
N LYS B 283 20.43 -1.63 -22.91
CA LYS B 283 21.79 -1.47 -22.41
C LYS B 283 22.47 -2.80 -22.11
N THR B 284 23.80 -2.83 -22.19
CA THR B 284 24.54 -4.03 -21.88
C THR B 284 25.50 -3.77 -20.72
N LEU B 285 25.92 -4.84 -20.06
CA LEU B 285 26.73 -4.75 -18.84
C LEU B 285 28.03 -3.94 -19.02
N GLU B 286 28.56 -3.37 -17.95
CA GLU B 286 29.70 -2.47 -18.07
C GLU B 286 30.74 -2.46 -16.96
N ASN B 287 31.00 -3.57 -16.29
CA ASN B 287 32.06 -3.57 -15.26
C ASN B 287 32.01 -2.38 -14.27
N CYS B 288 30.82 -2.14 -13.71
CA CYS B 288 30.66 -1.19 -12.64
C CYS B 288 29.82 -1.87 -11.56
N GLU B 289 29.75 -1.24 -10.41
CA GLU B 289 29.11 -1.85 -9.25
C GLU B 289 27.97 -0.96 -8.75
N THR B 290 26.91 -1.58 -8.20
CA THR B 290 25.79 -0.81 -7.66
C THR B 290 24.90 -1.58 -6.70
N LYS B 291 24.08 -0.86 -5.96
CA LYS B 291 23.11 -1.44 -5.07
C LYS B 291 21.71 -1.23 -5.65
N CYS B 292 21.60 -0.39 -6.67
CA CYS B 292 20.28 0.00 -7.21
C CYS B 292 20.38 0.23 -8.69
N GLN B 293 19.71 -0.61 -9.44
CA GLN B 293 19.82 -0.52 -10.93
C GLN B 293 18.52 -0.08 -11.55
N THR B 294 18.55 0.84 -12.52
CA THR B 294 17.37 1.16 -13.28
C THR B 294 17.65 0.90 -14.75
N PRO B 295 16.60 0.83 -15.56
CA PRO B 295 16.87 0.58 -16.99
C PRO B 295 17.65 1.70 -17.65
N LEU B 296 17.74 2.88 -17.04
CA LEU B 296 18.43 4.02 -17.64
C LEU B 296 19.87 4.10 -17.17
N GLY B 297 20.17 3.41 -16.07
CA GLY B 297 21.47 3.50 -15.44
C GLY B 297 21.37 3.22 -13.96
N ALA B 298 22.50 3.04 -13.30
CA ALA B 298 22.54 2.68 -11.89
C ALA B 298 22.52 3.92 -10.99
N ILE B 299 21.96 3.76 -9.79
CA ILE B 299 21.86 4.82 -8.81
C ILE B 299 22.75 4.50 -7.61
N ASN B 300 23.58 5.46 -7.24
CA ASN B 300 24.42 5.35 -6.06
C ASN B 300 24.14 6.52 -5.12
N THR B 301 23.39 6.26 -4.05
CA THR B 301 22.95 7.36 -3.20
C THR B 301 22.63 6.96 -1.75
N THR B 302 22.82 7.91 -0.86
CA THR B 302 22.34 7.82 0.51
C THR B 302 20.95 8.45 0.67
N LEU B 303 20.47 9.14 -0.37
CA LEU B 303 19.20 9.89 -0.30
C LEU B 303 17.98 9.00 -0.21
N PRO B 304 16.93 9.46 0.52
CA PRO B 304 15.72 8.67 0.75
C PRO B 304 14.77 8.61 -0.43
N PHE B 305 14.91 9.51 -1.39
CA PHE B 305 14.02 9.52 -2.54
C PHE B 305 14.77 9.65 -3.87
N HIS B 306 14.13 9.20 -4.95
CA HIS B 306 14.64 9.44 -6.28
C HIS B 306 13.52 9.54 -7.29
N ASN B 307 13.77 10.11 -8.45
CA ASN B 307 12.74 10.25 -9.49
C ASN B 307 13.22 9.72 -10.84
N ILE B 308 14.16 8.80 -10.82
CA ILE B 308 14.84 8.43 -12.06
C ILE B 308 13.98 7.53 -12.95
N HIS B 309 13.43 6.47 -12.39
CA HIS B 309 12.63 5.49 -13.14
C HIS B 309 11.93 4.58 -12.07
N PRO B 310 10.69 4.18 -12.33
CA PRO B 310 10.03 3.36 -11.30
C PRO B 310 10.44 1.89 -11.34
N LEU B 311 10.99 1.43 -12.46
CA LEU B 311 11.28 0.00 -12.53
C LEU B 311 12.66 -0.37 -12.04
N THR B 312 12.88 -0.27 -10.74
CA THR B 312 14.22 -0.54 -10.23
C THR B 312 14.41 -1.96 -9.76
N ILE B 313 15.66 -2.34 -9.55
CA ILE B 313 15.98 -3.63 -8.96
C ILE B 313 17.15 -3.39 -8.04
N GLY B 314 16.99 -3.75 -6.77
CA GLY B 314 18.05 -3.54 -5.80
C GLY B 314 17.47 -2.98 -4.49
N GLU B 315 18.33 -2.34 -3.70
CA GLU B 315 17.89 -1.66 -2.49
C GLU B 315 17.91 -0.17 -2.85
N CYS B 316 16.73 0.34 -3.17
CA CYS B 316 16.59 1.61 -3.83
C CYS B 316 15.89 2.61 -2.93
N PRO B 317 16.16 3.91 -3.15
CA PRO B 317 15.38 4.98 -2.51
C PRO B 317 13.94 4.82 -2.91
N LYS B 318 12.99 5.47 -2.21
CA LYS B 318 11.58 5.46 -2.60
C LYS B 318 11.42 6.36 -3.83
N TYR B 319 10.67 5.83 -4.81
CA TYR B 319 10.43 6.52 -6.05
C TYR B 319 9.30 7.52 -5.82
N VAL B 320 9.48 8.76 -6.23
CA VAL B 320 8.42 9.75 -6.06
C VAL B 320 8.22 10.54 -7.35
N LYS B 321 7.04 11.16 -7.50
CA LYS B 321 6.71 11.97 -8.66
C LYS B 321 7.01 13.40 -8.29
N SER B 322 8.28 13.69 -8.10
CA SER B 322 8.75 15.01 -7.69
C SER B 322 9.99 15.40 -8.50
N ASP B 323 10.18 16.69 -8.71
CA ASP B 323 11.33 17.17 -9.48
C ASP B 323 12.35 17.88 -8.61
N ARG B 324 12.01 18.09 -7.34
CA ARG B 324 12.83 18.89 -6.42
C ARG B 324 12.41 18.62 -4.97
N LEU B 325 13.33 18.19 -4.10
CA LEU B 325 13.02 18.15 -2.65
C LEU B 325 14.16 18.77 -1.87
N VAL B 326 14.06 20.07 -1.58
CA VAL B 326 15.20 20.80 -1.07
C VAL B 326 14.97 21.22 0.36
N LEU B 327 15.84 20.73 1.24
CA LEU B 327 15.79 21.08 2.67
C LEU B 327 16.66 22.29 2.92
N ALA B 328 16.09 23.27 3.59
CA ALA B 328 16.91 24.34 4.13
C ALA B 328 17.86 23.72 5.20
N THR B 329 19.12 24.14 5.21
CA THR B 329 19.97 23.82 6.34
C THR B 329 20.45 25.07 7.01
N GLY B 330 20.78 26.10 6.21
CA GLY B 330 21.07 27.43 6.73
C GLY B 330 19.86 28.34 6.99
N LEU B 331 20.09 29.64 7.18
CA LEU B 331 18.96 30.50 7.51
C LEU B 331 18.55 31.30 6.31
N ARG B 332 17.49 32.09 6.44
CA ARG B 332 17.13 33.02 5.39
C ARG B 332 18.31 33.92 5.09
N ASN B 333 18.61 34.05 3.79
CA ASN B 333 19.80 34.79 3.39
C ASN B 333 19.46 36.23 3.20
N VAL B 334 19.85 37.12 4.10
CA VAL B 334 19.52 38.54 3.97
C VAL B 334 20.78 39.44 3.88
N PRO B 335 21.51 39.35 2.77
CA PRO B 335 22.69 40.19 2.54
C PRO B 335 22.35 41.68 2.60
N GLN B 336 23.29 42.49 3.04
CA GLN B 336 23.04 43.94 3.10
C GLN B 336 24.10 44.69 2.25
N ILE B 337 23.81 45.93 1.85
CA ILE B 337 24.84 46.81 1.27
C ILE B 337 26.09 46.97 2.18
N GLY B 341 9.52 35.96 10.53
CA GLY B 341 9.49 34.64 11.12
C GLY B 341 8.78 34.70 12.49
N LEU B 342 8.58 33.55 13.11
CA LEU B 342 7.86 33.43 14.35
C LEU B 342 8.44 34.30 15.43
N PHE B 343 9.75 34.42 15.49
CA PHE B 343 10.43 35.08 16.60
C PHE B 343 10.82 36.52 16.32
N GLY B 344 10.59 36.99 15.11
CA GLY B 344 10.67 38.40 14.78
C GLY B 344 12.04 39.03 14.71
N ALA B 345 13.09 38.21 14.87
CA ALA B 345 14.48 38.69 14.83
C ALA B 345 15.03 38.79 13.39
N ILE B 346 15.18 37.63 12.74
CA ILE B 346 15.72 37.57 11.36
C ILE B 346 14.83 38.25 10.33
N ALA B 347 15.42 39.20 9.54
CA ALA B 347 14.71 39.99 8.58
C ALA B 347 13.60 40.71 9.36
N GLY B 348 13.87 41.05 10.63
CA GLY B 348 12.83 41.61 11.46
C GLY B 348 13.42 42.76 12.27
N PHE B 349 13.45 42.63 13.61
CA PHE B 349 14.06 43.70 14.38
C PHE B 349 15.57 43.78 14.18
N ILE B 350 16.20 42.69 13.72
CA ILE B 350 17.58 42.76 13.20
C ILE B 350 17.47 42.69 11.66
N GLU B 351 17.62 43.85 11.04
CA GLU B 351 17.22 44.12 9.64
C GLU B 351 17.80 43.15 8.61
N GLY B 352 19.09 42.80 8.77
CA GLY B 352 19.74 41.93 7.81
C GLY B 352 20.92 41.18 8.37
N GLY B 353 21.50 40.35 7.52
CA GLY B 353 22.61 39.54 7.96
C GLY B 353 23.97 40.13 7.66
N TRP B 354 25.03 39.42 8.07
CA TRP B 354 26.37 40.01 8.01
C TRP B 354 27.22 39.09 7.13
N GLN B 355 27.55 39.52 5.93
CA GLN B 355 28.47 38.78 5.09
C GLN B 355 29.88 38.69 5.70
N GLY B 356 30.25 39.68 6.50
CA GLY B 356 31.55 39.69 7.15
C GLY B 356 31.69 38.73 8.33
N MET B 357 30.60 38.09 8.74
CA MET B 357 30.72 37.08 9.79
C MET B 357 30.69 35.70 9.19
N VAL B 358 31.87 35.09 9.08
CA VAL B 358 32.02 33.89 8.26
C VAL B 358 32.32 32.64 9.06
N ASP B 359 32.65 32.79 10.33
CA ASP B 359 33.00 31.64 11.17
C ASP B 359 31.87 31.17 12.09
N GLY B 360 30.65 31.59 11.77
CA GLY B 360 29.51 31.16 12.53
C GLY B 360 28.17 31.59 11.93
N TRP B 361 27.12 30.95 12.39
CA TRP B 361 25.80 31.30 11.95
C TRP B 361 25.31 32.52 12.70
N TYR B 362 25.71 32.65 13.96
CA TYR B 362 25.25 33.78 14.79
C TYR B 362 26.43 34.36 15.54
N GLY B 363 26.42 35.66 15.76
CA GLY B 363 27.48 36.24 16.60
C GLY B 363 27.27 37.70 16.93
N TYR B 364 28.38 38.36 17.14
CA TYR B 364 28.38 39.74 17.67
C TYR B 364 29.27 40.62 16.82
N HIS B 365 28.92 41.88 16.75
CA HIS B 365 29.83 42.89 16.27
C HIS B 365 29.96 43.92 17.40
N HIS B 366 31.18 44.28 17.71
CA HIS B 366 31.40 45.19 18.82
C HIS B 366 32.24 46.38 18.34
N SER B 367 32.26 47.41 19.17
CA SER B 367 33.09 48.56 18.93
C SER B 367 33.45 49.19 20.24
N ASN B 368 34.75 49.29 20.52
CA ASN B 368 35.22 50.00 21.71
C ASN B 368 36.44 50.86 21.41
N ASP B 369 37.16 51.26 22.47
CA ASP B 369 38.39 52.04 22.29
C ASP B 369 39.45 51.23 21.55
N GLN B 370 39.48 49.93 21.79
CA GLN B 370 40.51 49.06 21.22
C GLN B 370 40.33 48.75 19.74
N GLY B 371 39.09 48.69 19.25
CA GLY B 371 38.84 48.31 17.86
C GLY B 371 37.46 47.70 17.64
N SER B 372 37.31 46.91 16.57
CA SER B 372 36.06 46.25 16.19
C SER B 372 36.19 45.50 14.84
N GLY B 373 35.46 44.38 14.64
CA GLY B 373 34.92 43.59 15.71
C GLY B 373 33.84 42.57 15.40
N TYR B 374 34.06 41.56 14.55
CA TYR B 374 33.11 40.44 14.42
C TYR B 374 33.52 39.26 15.28
N ALA B 375 32.57 38.58 15.92
CA ALA B 375 32.87 37.30 16.57
C ALA B 375 31.67 36.37 16.66
N ALA B 376 31.85 35.17 16.15
CA ALA B 376 30.77 34.17 16.18
C ALA B 376 30.49 33.74 17.61
N ASP B 377 29.23 33.43 17.92
CA ASP B 377 28.89 32.87 19.22
C ASP B 377 29.00 31.36 19.05
N LYS B 378 30.05 30.77 19.60
CA LYS B 378 30.31 29.38 19.32
C LYS B 378 29.28 28.44 19.95
N GLU B 379 28.60 28.91 20.99
CA GLU B 379 27.60 28.10 21.66
C GLU B 379 26.30 27.98 20.84
N SER B 380 25.70 29.10 20.47
CA SER B 380 24.55 29.06 19.61
C SER B 380 24.91 28.41 18.28
N THR B 381 26.05 28.77 17.69
CA THR B 381 26.46 28.24 16.39
C THR B 381 26.56 26.69 16.43
N GLN B 382 27.24 26.17 17.45
CA GLN B 382 27.31 24.72 17.65
C GLN B 382 25.95 24.06 17.88
N LYS B 383 25.05 24.72 18.61
CA LYS B 383 23.70 24.22 18.77
C LYS B 383 23.07 24.00 17.42
N ALA B 384 23.08 25.04 16.60
CA ALA B 384 22.44 25.00 15.30
C ALA B 384 23.14 23.94 14.43
N PHE B 385 24.46 23.89 14.41
CA PHE B 385 25.13 22.78 13.67
C PHE B 385 24.61 21.39 14.07
N ASP B 386 24.65 21.11 15.36
CA ASP B 386 24.22 19.80 15.83
C ASP B 386 22.74 19.53 15.54
N GLY B 387 21.90 20.50 15.83
CA GLY B 387 20.47 20.34 15.56
C GLY B 387 20.15 20.06 14.08
N ILE B 388 20.67 20.89 13.18
CA ILE B 388 20.33 20.72 11.78
C ILE B 388 20.94 19.41 11.24
N THR B 389 22.15 19.03 11.66
CA THR B 389 22.73 17.77 11.26
C THR B 389 21.81 16.64 11.73
N ASN B 390 21.28 16.77 12.96
CA ASN B 390 20.37 15.74 13.48
C ASN B 390 19.07 15.66 12.65
N LYS B 391 18.54 16.82 12.27
CA LYS B 391 17.31 16.84 11.51
C LYS B 391 17.51 16.10 10.16
N VAL B 392 18.51 16.51 9.41
CA VAL B 392 18.85 15.86 8.15
C VAL B 392 19.08 14.38 8.28
N ASN B 393 19.93 14.01 9.25
CA ASN B 393 20.19 12.61 9.52
C ASN B 393 18.89 11.84 9.83
N SER B 394 17.98 12.47 10.56
CA SER B 394 16.74 11.79 10.92
C SER B 394 15.91 11.47 9.68
N VAL B 395 15.71 12.49 8.85
CA VAL B 395 14.93 12.34 7.62
C VAL B 395 15.55 11.29 6.69
N ILE B 396 16.86 11.29 6.59
CA ILE B 396 17.61 10.34 5.74
C ILE B 396 17.76 8.92 6.32
N GLU B 397 18.30 8.81 7.54
CA GLU B 397 18.60 7.54 8.20
C GLU B 397 17.38 6.71 8.54
N LYS B 398 16.27 7.34 8.90
CA LYS B 398 15.09 6.57 9.33
C LYS B 398 14.36 5.84 8.19
N MET B 399 14.77 6.08 6.95
CA MET B 399 14.15 5.43 5.81
C MET B 399 14.60 3.99 5.63
N ASN B 400 13.67 3.07 5.53
CA ASN B 400 14.00 1.67 5.28
C ASN B 400 14.21 1.35 3.80
N THR B 401 15.27 0.63 3.49
CA THR B 401 15.59 0.30 2.11
C THR B 401 15.88 -1.20 1.89
N GLN B 402 14.85 -1.97 1.48
CA GLN B 402 15.00 -3.42 1.29
C GLN B 402 15.00 -3.82 -0.18
N PHE B 403 15.64 -4.95 -0.49
CA PHE B 403 15.78 -5.38 -1.86
C PHE B 403 14.45 -5.58 -2.52
N GLU B 404 14.30 -5.07 -3.73
CA GLU B 404 13.06 -5.27 -4.47
C GLU B 404 13.30 -5.23 -5.95
N ALA B 405 12.55 -6.05 -6.67
CA ALA B 405 12.51 -6.09 -8.11
C ALA B 405 11.13 -5.63 -8.47
N VAL B 406 11.00 -4.41 -8.98
CA VAL B 406 9.68 -3.80 -9.19
C VAL B 406 8.91 -4.38 -10.37
N GLY B 407 9.54 -4.41 -11.53
CA GLY B 407 8.86 -4.92 -12.73
C GLY B 407 8.51 -6.41 -12.61
N LYS B 408 7.27 -6.78 -12.94
CA LYS B 408 6.79 -8.15 -12.82
C LYS B 408 6.26 -8.70 -14.16
N GLU B 409 6.23 -10.03 -14.30
CA GLU B 409 5.72 -10.70 -15.51
C GLU B 409 4.32 -11.29 -15.29
N PHE B 410 3.37 -10.85 -16.11
CA PHE B 410 2.00 -11.33 -16.08
C PHE B 410 1.63 -11.64 -17.53
N SER B 411 0.92 -12.76 -17.74
CA SER B 411 0.46 -13.16 -19.10
C SER B 411 -0.75 -12.29 -19.55
N ASN B 412 -1.15 -12.50 -20.81
CA ASN B 412 -2.22 -11.63 -21.29
C ASN B 412 -3.61 -12.03 -20.74
N LEU B 413 -3.66 -13.16 -20.03
CA LEU B 413 -4.85 -13.55 -19.27
C LEU B 413 -4.71 -13.29 -17.75
N GLU B 414 -3.83 -12.40 -17.37
CA GLU B 414 -3.61 -12.02 -16.01
C GLU B 414 -3.60 -10.50 -15.90
N ARG B 415 -4.42 -9.86 -16.73
CA ARG B 415 -4.53 -8.38 -16.74
C ARG B 415 -4.97 -7.89 -15.41
N ARG B 416 -5.85 -8.64 -14.75
CA ARG B 416 -6.37 -8.17 -13.43
C ARG B 416 -5.28 -8.18 -12.36
N LEU B 417 -4.47 -9.20 -12.44
CA LEU B 417 -3.39 -9.32 -11.51
C LEU B 417 -2.37 -8.18 -11.78
N GLU B 418 -2.08 -7.97 -13.08
CA GLU B 418 -1.18 -6.88 -13.46
C GLU B 418 -1.70 -5.55 -12.95
N ASN B 419 -3.00 -5.36 -13.10
CA ASN B 419 -3.63 -4.12 -12.65
C ASN B 419 -3.54 -3.93 -11.12
N LEU B 420 -3.62 -5.02 -10.38
CA LEU B 420 -3.50 -4.96 -8.92
C LEU B 420 -2.06 -4.54 -8.47
N ASN B 421 -1.05 -5.14 -9.09
CA ASN B 421 0.32 -4.68 -8.95
C ASN B 421 0.48 -3.18 -9.23
N LYS B 422 -0.04 -2.75 -10.36
CA LYS B 422 -0.05 -1.34 -10.71
C LYS B 422 -0.75 -0.49 -9.65
N LYS B 423 -1.84 -1.00 -9.09
CA LYS B 423 -2.62 -0.19 -8.14
C LYS B 423 -1.77 -0.10 -6.86
N MET B 424 -1.05 -1.15 -6.54
CA MET B 424 -0.23 -1.14 -5.35
C MET B 424 0.89 -0.12 -5.51
N GLU B 425 1.61 -0.19 -6.65
CA GLU B 425 2.74 0.68 -6.92
C GLU B 425 2.25 2.12 -6.99
N ASP B 426 1.17 2.36 -7.74
CA ASP B 426 0.62 3.71 -7.80
C ASP B 426 0.26 4.26 -6.39
N GLY B 427 -0.24 3.41 -5.52
CA GLY B 427 -0.71 3.82 -4.23
C GLY B 427 0.46 4.25 -3.37
N PHE B 428 1.53 3.46 -3.36
CA PHE B 428 2.65 3.81 -2.54
C PHE B 428 3.32 5.05 -3.14
N LEU B 429 3.33 5.17 -4.48
CA LEU B 429 3.92 6.36 -5.10
C LEU B 429 3.22 7.65 -4.59
N ASP B 430 1.90 7.64 -4.57
CA ASP B 430 1.12 8.80 -4.08
C ASP B 430 1.38 9.04 -2.61
N VAL B 431 1.46 7.96 -1.83
CA VAL B 431 1.81 8.14 -0.39
C VAL B 431 3.14 8.80 -0.19
N TRP B 432 4.20 8.23 -0.82
CA TRP B 432 5.55 8.75 -0.61
C TRP B 432 5.77 10.16 -1.16
N THR B 433 5.17 10.43 -2.32
CA THR B 433 5.27 11.75 -2.94
C THR B 433 4.61 12.81 -2.06
N TYR B 434 3.39 12.52 -1.64
CA TYR B 434 2.70 13.54 -0.81
C TYR B 434 3.47 13.76 0.53
N ASN B 435 3.86 12.68 1.20
CA ASN B 435 4.58 12.80 2.48
C ASN B 435 5.94 13.46 2.30
N ALA B 436 6.67 13.12 1.24
CA ALA B 436 7.94 13.77 0.95
C ALA B 436 7.85 15.27 0.75
N GLU B 437 6.96 15.67 -0.13
CA GLU B 437 6.76 17.09 -0.42
C GLU B 437 6.35 17.84 0.83
N LEU B 438 5.41 17.30 1.58
CA LEU B 438 4.90 18.02 2.79
C LEU B 438 5.92 18.07 3.90
N LEU B 439 6.66 16.97 4.07
CA LEU B 439 7.67 16.92 5.11
C LEU B 439 8.69 18.03 4.86
N VAL B 440 9.04 18.22 3.58
CA VAL B 440 10.04 19.21 3.19
C VAL B 440 9.49 20.60 3.52
N LEU B 441 8.25 20.88 3.08
CA LEU B 441 7.70 22.20 3.38
C LEU B 441 7.64 22.42 4.88
N MET B 442 7.20 21.43 5.64
CA MET B 442 6.98 21.63 7.06
C MET B 442 8.30 21.78 7.81
N GLU B 443 9.27 20.92 7.51
CA GLU B 443 10.56 21.00 8.15
C GLU B 443 11.29 22.30 7.76
N ASN B 444 11.15 22.76 6.51
CA ASN B 444 11.80 24.05 6.18
C ASN B 444 11.19 25.23 7.02
N GLU B 445 9.90 25.23 7.22
CA GLU B 445 9.27 26.24 8.06
C GLU B 445 9.92 26.20 9.45
N ARG B 446 10.05 24.99 10.00
CA ARG B 446 10.61 24.82 11.33
C ARG B 446 12.07 25.21 11.37
N THR B 447 12.79 24.85 10.30
CA THR B 447 14.19 25.29 10.28
C THR B 447 14.45 26.78 10.30
N LEU B 448 13.69 27.52 9.48
CA LEU B 448 13.84 28.95 9.44
C LEU B 448 13.47 29.52 10.84
N ASP B 449 12.43 28.99 11.46
CA ASP B 449 11.99 29.44 12.80
C ASP B 449 13.04 29.10 13.88
N PHE B 450 13.71 27.96 13.69
CA PHE B 450 14.76 27.53 14.64
C PHE B 450 15.88 28.59 14.65
N HIS B 451 16.35 28.96 13.46
CA HIS B 451 17.37 30.01 13.39
C HIS B 451 16.90 31.34 13.95
N ASP B 452 15.67 31.74 13.64
CA ASP B 452 15.06 32.96 14.15
C ASP B 452 15.12 32.95 15.69
N SER B 453 14.68 31.84 16.27
CA SER B 453 14.74 31.61 17.71
C SER B 453 16.14 31.75 18.26
N ASN B 454 17.12 31.10 17.59
CA ASN B 454 18.49 31.18 18.12
C ASN B 454 19.00 32.63 18.13
N VAL B 455 18.68 33.42 17.09
CA VAL B 455 19.07 34.83 17.05
C VAL B 455 18.37 35.64 18.17
N LYS B 456 17.07 35.50 18.31
CA LYS B 456 16.28 36.16 19.37
C LYS B 456 16.83 35.77 20.75
N ASN B 457 17.08 34.50 20.98
CA ASN B 457 17.69 34.06 22.22
C ASN B 457 19.07 34.64 22.51
N LEU B 458 19.92 34.72 21.48
CA LEU B 458 21.22 35.34 21.64
C LEU B 458 21.02 36.80 22.05
N TYR B 459 20.13 37.53 21.36
CA TYR B 459 19.88 38.91 21.69
C TYR B 459 19.46 39.06 23.19
N ASP B 460 18.47 38.28 23.62
CA ASP B 460 18.00 38.30 24.98
C ASP B 460 19.05 37.90 25.97
N LYS B 461 19.98 37.03 25.57
CA LYS B 461 21.01 36.60 26.51
C LYS B 461 21.85 37.81 26.86
N VAL B 462 22.10 38.65 25.84
CA VAL B 462 22.90 39.82 26.05
C VAL B 462 22.08 40.84 26.81
N ARG B 463 20.84 41.07 26.38
CA ARG B 463 19.96 42.03 27.05
C ARG B 463 19.76 41.75 28.58
N MET B 464 19.53 40.51 28.97
CA MET B 464 19.24 40.18 30.38
C MET B 464 20.46 40.29 31.29
N GLN B 465 21.65 40.11 30.74
CA GLN B 465 22.90 40.32 31.46
C GLN B 465 23.10 41.81 31.66
N LEU B 466 22.99 42.59 30.56
CA LEU B 466 23.38 44.00 30.59
C LEU B 466 22.36 44.82 31.42
N ARG B 467 21.14 44.33 31.48
CA ARG B 467 20.05 45.10 32.13
C ARG B 467 20.17 46.59 31.82
N ASP B 468 20.17 47.43 32.85
CA ASP B 468 20.17 48.87 32.57
C ASP B 468 21.56 49.48 32.53
N ASN B 469 22.59 48.65 32.42
CA ASN B 469 23.95 49.17 32.17
C ASN B 469 24.16 49.48 30.67
N VAL B 470 23.20 49.11 29.84
CA VAL B 470 23.26 49.52 28.43
C VAL B 470 21.88 49.88 27.96
N LYS B 471 21.80 50.59 26.84
CA LYS B 471 20.55 50.99 26.25
C LYS B 471 20.28 50.13 25.01
N GLU B 472 19.06 49.65 24.85
CA GLU B 472 18.70 48.95 23.63
C GLU B 472 18.49 50.00 22.49
N LEU B 473 19.41 49.99 21.56
CA LEU B 473 19.47 50.95 20.48
C LEU B 473 18.56 50.61 19.26
N GLY B 474 18.04 49.37 19.22
CA GLY B 474 17.12 48.89 18.21
C GLY B 474 17.77 48.61 16.88
N ASN B 475 17.72 47.39 16.33
CA ASN B 475 18.44 46.85 15.17
C ASN B 475 19.43 45.79 15.73
N GLY B 476 19.09 45.12 16.83
CA GLY B 476 20.03 44.16 17.38
C GLY B 476 21.20 44.73 18.20
N CYS B 477 21.20 46.06 18.42
CA CYS B 477 22.38 46.71 19.00
C CYS B 477 22.19 47.21 20.44
N PHE B 478 23.26 47.22 21.20
CA PHE B 478 23.25 47.75 22.54
C PHE B 478 24.32 48.83 22.63
N GLU B 479 23.96 50.01 23.13
CA GLU B 479 25.01 50.98 23.49
C GLU B 479 25.30 51.01 25.02
N PHE B 480 26.56 50.73 25.37
CA PHE B 480 26.98 50.64 26.78
C PHE B 480 26.91 52.02 27.47
N TYR B 481 26.49 52.01 28.73
CA TYR B 481 26.56 53.20 29.56
C TYR B 481 27.89 53.20 30.33
N HIS B 482 28.84 52.41 29.86
CA HIS B 482 30.12 52.36 30.53
C HIS B 482 31.15 51.90 29.54
N LYS B 483 32.41 52.07 29.93
CA LYS B 483 33.50 51.64 29.08
C LYS B 483 33.62 50.13 29.13
N CYS B 484 33.61 49.51 27.95
CA CYS B 484 33.62 48.06 27.88
C CYS B 484 34.76 47.65 26.97
N ASP B 485 35.93 47.37 27.57
CA ASP B 485 37.12 46.93 26.83
C ASP B 485 36.94 45.50 26.35
N ASP B 486 37.92 45.00 25.61
CA ASP B 486 37.89 43.65 25.06
C ASP B 486 37.63 42.60 26.11
N GLU B 487 38.22 42.76 27.29
CA GLU B 487 38.01 41.81 28.37
C GLU B 487 36.55 41.81 28.78
N CYS B 488 35.98 43.01 28.89
CA CYS B 488 34.57 43.18 29.20
C CYS B 488 33.69 42.51 28.13
N MET B 489 34.00 42.76 26.86
CA MET B 489 33.24 42.18 25.75
C MET B 489 33.19 40.68 25.80
N ASN B 490 34.33 40.05 26.09
CA ASN B 490 34.37 38.61 26.24
C ASN B 490 33.39 38.09 27.27
N SER B 491 33.30 38.78 28.40
CA SER B 491 32.38 38.36 29.45
C SER B 491 30.93 38.43 28.93
N VAL B 492 30.63 39.48 28.13
CA VAL B 492 29.35 39.53 27.46
C VAL B 492 29.20 38.32 26.54
N LYS B 493 30.17 38.12 25.65
CA LYS B 493 30.08 37.06 24.66
C LYS B 493 29.97 35.64 25.27
N ASN B 494 30.61 35.40 26.43
CA ASN B 494 30.51 34.07 27.04
C ASN B 494 29.59 33.97 28.25
N GLY B 495 28.92 35.06 28.56
CA GLY B 495 27.78 34.97 29.45
C GLY B 495 28.11 35.10 30.92
N THR B 496 29.21 35.76 31.22
CA THR B 496 29.66 35.93 32.61
C THR B 496 29.80 37.41 32.93
N TYR B 497 29.01 38.24 32.28
CA TYR B 497 29.13 39.66 32.51
C TYR B 497 28.84 40.06 33.98
N ASP B 498 29.61 41.02 34.46
CA ASP B 498 29.46 41.46 35.82
C ASP B 498 28.64 42.76 35.90
N TYR B 499 27.33 42.64 36.08
CA TYR B 499 26.49 43.83 36.24
C TYR B 499 26.95 44.78 37.40
N PRO B 500 27.02 44.26 38.63
CA PRO B 500 27.38 45.11 39.78
C PRO B 500 28.70 45.85 39.60
N LYS B 501 29.67 45.24 38.95
CA LYS B 501 30.94 45.93 38.70
C LYS B 501 30.82 47.26 37.96
N TYR B 502 29.70 47.50 37.24
CA TYR B 502 29.62 48.69 36.42
C TYR B 502 28.56 49.74 36.77
N GLU B 503 28.59 50.38 37.96
CA GLU B 503 27.73 51.59 38.27
C GLU B 503 28.28 53.03 38.03
N GLU B 504 29.45 53.07 37.46
CA GLU B 504 29.70 53.99 36.39
C GLU B 504 28.48 53.58 35.57
N GLU B 505 27.60 54.49 35.26
CA GLU B 505 26.31 54.02 34.72
C GLU B 505 25.33 55.12 34.95
N SER B 506 25.67 55.97 35.95
CA SER B 506 25.13 57.31 36.16
C SER B 506 25.43 58.25 34.97
N LYS B 507 26.23 57.77 34.01
CA LYS B 507 26.18 58.28 32.66
C LYS B 507 24.73 58.26 32.11
N ALA B 508 23.96 57.27 32.53
CA ALA B 508 22.60 57.15 32.06
C ALA B 508 21.73 58.32 32.59
N ALA B 509 21.92 58.69 33.85
CA ALA B 509 21.11 59.73 34.49
C ALA B 509 21.81 61.09 34.48
N GLN C 17 11.90 38.72 47.20
CA GLN C 17 11.85 38.38 45.78
C GLN C 17 10.88 37.27 45.42
N ILE C 18 10.62 37.12 44.11
CA ILE C 18 9.82 36.01 43.60
C ILE C 18 10.48 35.50 42.33
N CYS C 19 10.58 34.18 42.18
CA CYS C 19 11.24 33.59 41.03
C CYS C 19 10.33 32.61 40.34
N ILE C 20 10.47 32.52 39.01
CA ILE C 20 9.73 31.57 38.19
C ILE C 20 10.61 30.34 37.96
N GLY C 21 10.01 29.16 38.11
CA GLY C 21 10.72 27.90 38.01
C GLY C 21 9.90 26.78 37.43
N TYR C 22 10.56 25.65 37.20
CA TYR C 22 9.92 24.48 36.64
C TYR C 22 10.40 23.23 37.37
N HIS C 23 9.58 22.19 37.28
CA HIS C 23 9.78 20.92 37.94
C HIS C 23 11.02 20.17 37.43
N ALA C 24 11.70 19.51 38.36
CA ALA C 24 12.72 18.52 37.97
C ALA C 24 12.51 17.33 38.87
N ASN C 25 13.09 16.19 38.49
CA ASN C 25 12.94 15.02 39.32
C ASN C 25 14.17 14.14 39.14
N ASN C 26 14.05 12.89 39.55
CA ASN C 26 15.14 11.93 39.51
C ASN C 26 15.03 11.03 38.29
N SER C 27 14.23 11.41 37.32
CA SER C 27 13.99 10.58 36.14
C SER C 27 15.23 10.44 35.26
N THR C 28 15.38 9.28 34.65
CA THR C 28 16.47 9.06 33.72
C THR C 28 15.94 8.67 32.37
N GLU C 29 14.64 8.80 32.17
CA GLU C 29 14.01 8.49 30.88
C GLU C 29 14.57 9.35 29.74
N LYS C 30 14.89 8.71 28.62
CA LYS C 30 15.46 9.42 27.47
C LYS C 30 14.49 9.42 26.29
N VAL C 31 14.45 10.53 25.58
CA VAL C 31 13.74 10.57 24.31
C VAL C 31 14.62 11.17 23.22
N ASP C 32 14.25 10.93 21.96
CA ASP C 32 14.91 11.57 20.82
C ASP C 32 13.98 12.62 20.21
N THR C 33 14.52 13.70 19.63
CA THR C 33 13.69 14.68 18.97
C THR C 33 14.30 14.91 17.57
N ILE C 34 13.65 15.65 16.70
CA ILE C 34 14.19 15.90 15.37
C ILE C 34 15.59 16.56 15.48
N LEU C 35 15.80 17.40 16.48
CA LEU C 35 17.03 18.16 16.65
C LEU C 35 18.08 17.54 17.61
N GLU C 36 17.67 16.63 18.49
CA GLU C 36 18.52 16.22 19.62
C GLU C 36 18.30 14.75 20.00
N ARG C 37 19.37 14.03 20.31
CA ARG C 37 19.24 12.67 20.76
C ARG C 37 19.42 12.52 22.27
N ASN C 38 18.79 11.49 22.85
CA ASN C 38 18.96 11.16 24.25
C ASN C 38 18.74 12.30 25.21
N VAL C 39 17.65 13.02 25.04
CA VAL C 39 17.28 14.06 25.99
C VAL C 39 16.65 13.36 27.21
N THR C 40 17.09 13.74 28.42
CA THR C 40 16.41 13.28 29.60
C THR C 40 15.19 14.10 29.90
N VAL C 41 14.06 13.43 30.17
CA VAL C 41 12.80 14.11 30.45
C VAL C 41 12.26 13.66 31.79
N THR C 42 11.31 14.42 32.36
CA THR C 42 10.82 14.08 33.70
C THR C 42 9.83 12.93 33.66
N HIS C 43 9.17 12.75 32.51
CA HIS C 43 8.12 11.76 32.29
C HIS C 43 8.04 11.44 30.76
N ALA C 44 7.74 10.19 30.44
CA ALA C 44 7.61 9.82 29.03
C ALA C 44 6.68 8.64 28.93
N LYS C 45 6.17 8.44 27.71
CA LYS C 45 5.12 7.47 27.42
C LYS C 45 5.56 6.62 26.19
N ASP C 46 5.76 5.35 26.43
CA ASP C 46 6.16 4.42 25.39
C ASP C 46 4.93 4.05 24.57
N ILE C 47 4.98 4.21 23.24
CA ILE C 47 3.81 3.84 22.44
C ILE C 47 4.02 2.61 21.59
N LEU C 48 5.11 1.90 21.87
CA LEU C 48 5.41 0.70 21.10
C LEU C 48 5.10 -0.49 22.03
N GLU C 49 4.13 -1.32 21.68
CA GLU C 49 3.93 -2.53 22.47
C GLU C 49 5.00 -3.61 22.15
N LYS C 50 5.75 -4.04 23.15
CA LYS C 50 6.83 -5.00 23.00
C LYS C 50 6.60 -6.31 23.74
N THR C 51 5.49 -6.44 24.44
CA THR C 51 5.30 -7.64 25.24
C THR C 51 4.06 -8.43 24.83
N HIS C 52 4.12 -9.73 25.10
CA HIS C 52 3.00 -10.61 24.89
C HIS C 52 2.94 -11.61 26.04
N ASN C 53 1.87 -12.38 26.08
CA ASN C 53 1.61 -13.24 27.24
C ASN C 53 2.08 -14.69 27.10
N GLY C 54 2.68 -15.04 25.97
CA GLY C 54 3.23 -16.36 25.77
C GLY C 54 2.22 -17.47 25.56
N LYS C 55 0.97 -17.12 25.37
CA LYS C 55 -0.07 -18.13 25.25
C LYS C 55 -0.83 -18.06 23.92
N LEU C 56 -1.27 -19.23 23.44
CA LEU C 56 -2.33 -19.29 22.45
C LEU C 56 -3.69 -19.07 23.14
N CYS C 57 -4.53 -18.17 22.59
CA CYS C 57 -5.79 -17.83 23.27
C CYS C 57 -7.01 -17.88 22.38
N ARG C 58 -8.18 -17.83 23.00
CA ARG C 58 -9.43 -17.68 22.26
C ARG C 58 -9.49 -16.27 21.69
N LEU C 59 -10.18 -16.11 20.58
CA LEU C 59 -10.40 -14.80 19.98
C LEU C 59 -11.86 -14.40 20.21
N SER C 60 -12.08 -13.28 20.92
CA SER C 60 -13.43 -12.82 21.20
C SER C 60 -14.33 -13.97 21.65
N GLY C 61 -13.85 -14.79 22.57
CA GLY C 61 -14.65 -15.86 23.15
C GLY C 61 -14.56 -17.22 22.43
N ILE C 62 -14.08 -17.23 21.18
CA ILE C 62 -14.10 -18.44 20.34
C ILE C 62 -12.71 -19.03 20.13
N PRO C 63 -12.54 -20.34 20.39
CA PRO C 63 -11.23 -20.97 20.28
C PRO C 63 -10.85 -21.19 18.81
N PRO C 64 -9.55 -21.46 18.55
CA PRO C 64 -9.05 -21.87 17.25
C PRO C 64 -9.34 -23.33 17.12
N LEU C 65 -9.39 -23.82 15.88
CA LEU C 65 -9.44 -25.23 15.59
C LEU C 65 -7.98 -25.69 15.69
N GLU C 66 -7.68 -26.73 16.47
CA GLU C 66 -6.30 -27.16 16.61
C GLU C 66 -6.03 -28.48 15.88
N LEU C 67 -5.21 -28.44 14.84
CA LEU C 67 -5.02 -29.59 13.97
C LEU C 67 -3.79 -30.45 14.33
N GLY C 68 -2.99 -29.96 15.26
CA GLY C 68 -1.83 -30.74 15.68
C GLY C 68 -0.91 -30.84 14.50
N ASP C 69 -0.48 -32.06 14.14
CA ASP C 69 0.25 -32.18 12.86
C ASP C 69 -0.54 -32.95 11.84
N CYS C 70 -1.84 -32.65 11.80
CA CYS C 70 -2.65 -33.05 10.67
C CYS C 70 -2.86 -31.83 9.79
N SER C 71 -2.99 -32.06 8.49
CA SER C 71 -3.23 -30.98 7.57
C SER C 71 -4.74 -30.88 7.46
N ILE C 72 -5.22 -29.80 6.88
CA ILE C 72 -6.63 -29.64 6.67
C ILE C 72 -7.18 -30.78 5.77
N ALA C 73 -6.39 -31.19 4.75
CA ALA C 73 -6.83 -32.25 3.83
C ALA C 73 -6.90 -33.53 4.64
N GLY C 74 -5.81 -33.83 5.35
CA GLY C 74 -5.76 -35.04 6.20
C GLY C 74 -6.98 -35.10 7.14
N TRP C 75 -7.29 -33.99 7.80
CA TRP C 75 -8.46 -33.93 8.67
C TRP C 75 -9.76 -34.16 7.89
N LEU C 76 -9.95 -33.50 6.77
CA LEU C 76 -11.28 -33.55 6.12
C LEU C 76 -11.52 -34.86 5.38
N LEU C 77 -10.49 -35.40 4.73
CA LEU C 77 -10.58 -36.73 4.12
C LEU C 77 -10.74 -37.87 5.12
N GLY C 78 -10.18 -37.67 6.32
CA GLY C 78 -10.21 -38.71 7.34
C GLY C 78 -8.97 -39.59 7.34
N ASN C 79 -7.80 -39.03 7.06
CA ASN C 79 -6.54 -39.76 7.27
C ASN C 79 -6.68 -40.39 8.64
N PRO C 80 -6.44 -41.72 8.74
CA PRO C 80 -6.64 -42.49 9.98
C PRO C 80 -5.81 -41.94 11.12
N GLU C 81 -4.68 -41.31 10.79
CA GLU C 81 -3.79 -40.73 11.79
C GLU C 81 -4.39 -39.46 12.37
N CYS C 82 -5.46 -38.95 11.77
CA CYS C 82 -6.08 -37.76 12.32
C CYS C 82 -7.35 -38.09 13.14
N ASP C 83 -7.52 -39.36 13.48
CA ASP C 83 -8.73 -39.84 14.19
C ASP C 83 -8.99 -39.24 15.57
N ARG C 84 -7.95 -39.19 16.40
CA ARG C 84 -8.11 -38.70 17.77
C ARG C 84 -7.90 -37.20 17.81
N LEU C 85 -8.67 -36.47 17.00
CA LEU C 85 -8.40 -35.06 16.75
C LEU C 85 -9.10 -34.13 17.73
N LEU C 86 -10.42 -34.14 17.72
CA LEU C 86 -11.22 -33.23 18.59
C LEU C 86 -11.57 -31.90 17.90
N SER C 87 -12.66 -31.90 17.16
CA SER C 87 -13.04 -30.76 16.34
C SER C 87 -14.22 -30.00 16.92
N VAL C 88 -13.94 -28.83 17.45
CA VAL C 88 -14.96 -27.91 17.92
C VAL C 88 -15.96 -27.59 16.81
N PRO C 89 -17.17 -27.18 17.18
CA PRO C 89 -18.22 -26.88 16.20
C PRO C 89 -18.11 -25.44 15.68
N GLU C 90 -17.20 -24.68 16.28
CA GLU C 90 -17.06 -23.26 15.97
C GLU C 90 -15.66 -22.79 16.28
N TRP C 91 -15.06 -22.00 15.38
CA TRP C 91 -13.69 -21.55 15.61
C TRP C 91 -13.41 -20.22 14.92
N SER C 92 -12.45 -19.48 15.47
CA SER C 92 -12.14 -18.13 15.02
C SER C 92 -10.86 -18.11 14.23
N TYR C 93 -10.04 -19.16 14.32
CA TYR C 93 -8.87 -19.32 13.43
C TYR C 93 -8.31 -20.73 13.52
N ILE C 94 -7.28 -21.04 12.73
CA ILE C 94 -6.82 -22.40 12.66
C ILE C 94 -5.36 -22.47 13.02
N VAL C 95 -5.01 -23.44 13.85
CA VAL C 95 -3.62 -23.57 14.28
C VAL C 95 -3.09 -24.84 13.68
N GLU C 96 -1.97 -24.74 12.99
CA GLU C 96 -1.25 -25.90 12.48
C GLU C 96 0.21 -25.81 12.88
N LYS C 97 0.86 -26.96 13.03
CA LYS C 97 2.32 -27.02 13.08
C LYS C 97 2.83 -26.53 11.73
N GLU C 98 4.08 -26.08 11.68
CA GLU C 98 4.63 -25.47 10.48
C GLU C 98 4.59 -26.39 9.25
N ASN C 99 4.91 -27.66 9.45
CA ASN C 99 4.84 -28.65 8.38
C ASN C 99 4.18 -29.94 8.85
N PRO C 100 2.86 -30.04 8.62
CA PRO C 100 2.04 -31.16 9.12
C PRO C 100 2.55 -32.49 8.61
N VAL C 101 2.60 -33.48 9.50
CA VAL C 101 3.02 -34.85 9.19
C VAL C 101 1.95 -35.67 8.44
N ASN C 102 0.67 -35.46 8.79
CA ASN C 102 -0.39 -36.30 8.25
C ASN C 102 -1.31 -35.55 7.29
N GLY C 103 -1.17 -35.82 6.01
CA GLY C 103 -1.99 -35.13 5.01
C GLY C 103 -2.52 -36.22 4.09
N LEU C 104 -2.11 -36.20 2.83
CA LEU C 104 -2.59 -37.20 1.89
C LEU C 104 -1.78 -38.47 2.12
N CYS C 105 -2.32 -39.39 2.94
CA CYS C 105 -1.56 -40.58 3.21
C CYS C 105 -1.50 -41.44 1.94
N TYR C 106 -2.62 -41.52 1.22
CA TYR C 106 -2.51 -42.04 -0.15
C TYR C 106 -2.10 -40.84 -0.99
N PRO C 107 -0.97 -40.97 -1.69
CA PRO C 107 -0.32 -39.78 -2.28
C PRO C 107 -1.16 -39.16 -3.42
N GLY C 108 -0.95 -37.88 -3.67
CA GLY C 108 -1.61 -37.23 -4.79
C GLY C 108 -1.72 -35.73 -4.70
N SER C 109 -2.89 -35.16 -4.99
CA SER C 109 -3.03 -33.72 -5.00
C SER C 109 -4.47 -33.33 -4.66
N PHE C 110 -4.69 -32.04 -4.55
CA PHE C 110 -5.98 -31.53 -4.03
C PHE C 110 -6.21 -30.21 -4.76
N ASN C 111 -7.15 -30.19 -5.69
CA ASN C 111 -7.38 -28.99 -6.48
C ASN C 111 -7.94 -27.80 -5.70
N ASP C 112 -7.50 -26.59 -6.02
CA ASP C 112 -7.90 -25.36 -5.32
C ASP C 112 -7.85 -25.49 -3.83
N TYR C 113 -6.77 -26.12 -3.36
CA TYR C 113 -6.66 -26.45 -1.95
C TYR C 113 -6.56 -25.17 -1.05
N GLU C 114 -5.86 -24.17 -1.51
CA GLU C 114 -5.65 -22.97 -0.70
C GLU C 114 -6.95 -22.17 -0.65
N GLU C 115 -7.74 -22.20 -1.71
CA GLU C 115 -9.09 -21.61 -1.67
C GLU C 115 -9.98 -22.33 -0.61
N LEU C 116 -9.92 -23.66 -0.53
CA LEU C 116 -10.66 -24.40 0.46
C LEU C 116 -10.22 -23.98 1.88
N LYS C 117 -8.93 -23.99 2.14
CA LYS C 117 -8.39 -23.55 3.43
C LYS C 117 -8.86 -22.17 3.84
N HIS C 118 -8.79 -21.24 2.93
CA HIS C 118 -9.24 -19.87 3.19
C HIS C 118 -10.72 -19.84 3.60
N LEU C 119 -11.56 -20.60 2.92
CA LEU C 119 -12.96 -20.67 3.25
C LEU C 119 -13.28 -21.14 4.70
N ILE C 120 -12.53 -22.12 5.25
CA ILE C 120 -12.96 -22.74 6.51
C ILE C 120 -12.15 -22.17 7.67
N THR C 121 -11.56 -21.04 7.40
CA THR C 121 -10.60 -20.44 8.27
C THR C 121 -11.28 -19.92 9.58
N SER C 122 -12.52 -19.46 9.44
CA SER C 122 -13.33 -19.07 10.57
C SER C 122 -14.81 -19.43 10.28
N VAL C 123 -15.43 -20.21 11.16
CA VAL C 123 -16.80 -20.63 10.95
C VAL C 123 -17.62 -20.47 12.21
N THR C 124 -18.91 -20.16 12.06
CA THR C 124 -19.80 -20.08 13.20
C THR C 124 -20.40 -21.44 13.51
N HIS C 125 -20.33 -22.34 12.54
CA HIS C 125 -20.83 -23.70 12.73
C HIS C 125 -20.23 -24.66 11.69
N PHE C 126 -19.83 -25.84 12.15
CA PHE C 126 -19.25 -26.85 11.30
C PHE C 126 -19.69 -28.18 11.81
N GLU C 127 -20.22 -29.04 10.94
CA GLU C 127 -20.74 -30.34 11.39
C GLU C 127 -20.76 -31.40 10.30
N LYS C 128 -20.09 -32.52 10.56
CA LYS C 128 -19.98 -33.58 9.59
C LYS C 128 -21.28 -34.34 9.52
N VAL C 129 -21.76 -34.62 8.32
CA VAL C 129 -23.02 -35.29 8.13
C VAL C 129 -22.86 -36.42 7.10
N LYS C 130 -23.50 -37.54 7.39
CA LYS C 130 -23.41 -38.69 6.50
C LYS C 130 -24.39 -38.44 5.36
N ILE C 131 -23.89 -38.25 4.14
CA ILE C 131 -24.75 -37.89 3.03
C ILE C 131 -24.93 -39.01 1.99
N LEU C 132 -23.97 -39.92 1.86
CA LEU C 132 -24.10 -40.99 0.89
C LEU C 132 -23.65 -42.31 1.48
N PRO C 133 -24.48 -42.93 2.37
CA PRO C 133 -24.02 -44.11 3.12
C PRO C 133 -23.34 -45.11 2.18
N ARG C 134 -22.17 -45.64 2.56
CA ARG C 134 -21.39 -46.40 1.57
C ARG C 134 -22.06 -47.74 1.20
N ASP C 135 -22.92 -48.24 2.06
CA ASP C 135 -23.53 -49.52 1.79
C ASP C 135 -24.58 -49.45 0.66
N GLN C 136 -24.92 -48.23 0.22
CA GLN C 136 -25.86 -48.09 -0.90
C GLN C 136 -25.21 -48.10 -2.29
N TRP C 137 -23.89 -48.23 -2.36
CA TRP C 137 -23.18 -48.57 -3.62
C TRP C 137 -23.30 -50.08 -3.85
N THR C 138 -24.50 -50.54 -4.14
CA THR C 138 -24.75 -51.96 -4.12
C THR C 138 -24.17 -52.77 -5.28
N GLN C 139 -23.69 -52.13 -6.34
CA GLN C 139 -23.08 -52.92 -7.42
C GLN C 139 -21.63 -52.58 -7.68
N HIS C 140 -21.01 -51.97 -6.67
CA HIS C 140 -19.56 -51.84 -6.70
C HIS C 140 -18.99 -52.36 -5.37
N THR C 141 -17.72 -52.78 -5.43
CA THR C 141 -16.97 -53.12 -4.22
C THR C 141 -16.51 -51.78 -3.57
N THR C 142 -16.49 -51.79 -2.25
CA THR C 142 -16.46 -50.58 -1.46
C THR C 142 -15.38 -50.64 -0.36
N THR C 143 -14.72 -51.77 -0.29
CA THR C 143 -13.84 -52.09 0.82
C THR C 143 -12.41 -51.82 0.54
N GLY C 144 -12.14 -51.42 -0.70
CA GLY C 144 -10.75 -51.17 -1.11
C GLY C 144 -9.96 -50.21 -0.20
N GLY C 145 -8.69 -50.53 0.04
CA GLY C 145 -7.82 -49.67 0.83
C GLY C 145 -6.38 -49.79 0.37
N SER C 146 -5.48 -49.24 1.16
CA SER C 146 -4.09 -49.22 0.83
C SER C 146 -3.20 -49.25 2.05
N ARG C 147 -2.06 -49.91 1.88
CA ARG C 147 -0.98 -49.91 2.87
C ARG C 147 -0.43 -48.52 3.09
N ALA C 148 -0.66 -47.62 2.15
CA ALA C 148 -0.21 -46.28 2.35
C ALA C 148 -1.02 -45.58 3.44
N CYS C 149 -2.21 -46.11 3.74
CA CYS C 149 -3.07 -45.55 4.79
C CYS C 149 -3.15 -46.52 5.97
N ALA C 150 -2.08 -47.31 6.13
CA ALA C 150 -2.11 -48.52 6.92
C ALA C 150 -2.33 -48.20 8.39
N VAL C 151 -3.15 -49.02 9.04
CA VAL C 151 -3.34 -48.99 10.47
C VAL C 151 -2.93 -50.35 11.06
N LEU C 152 -1.89 -50.39 11.88
CA LEU C 152 -1.82 -51.48 12.84
C LEU C 152 -1.19 -52.85 12.51
N ASP C 153 -0.74 -53.11 11.29
CA ASP C 153 -0.80 -52.24 10.14
C ASP C 153 -1.38 -53.00 8.90
N ASN C 154 -2.70 -52.95 8.79
CA ASN C 154 -3.37 -53.51 7.66
C ASN C 154 -3.73 -52.35 6.73
N PRO C 155 -3.98 -52.67 5.48
CA PRO C 155 -4.36 -51.58 4.58
C PRO C 155 -5.61 -50.94 5.15
N SER C 156 -5.75 -49.63 4.96
CA SER C 156 -6.96 -48.92 5.36
C SER C 156 -7.18 -47.80 4.34
N PHE C 157 -7.98 -46.80 4.70
CA PHE C 157 -8.24 -45.75 3.73
C PHE C 157 -8.75 -44.52 4.41
N PHE C 158 -8.74 -43.40 3.71
CA PHE C 158 -9.43 -42.18 4.22
C PHE C 158 -10.78 -42.53 4.81
N ARG C 159 -11.02 -42.20 6.07
CA ARG C 159 -12.23 -42.67 6.75
C ARG C 159 -13.51 -42.02 6.22
N ASN C 160 -13.39 -40.85 5.58
CA ASN C 160 -14.61 -40.13 5.13
C ASN C 160 -15.01 -40.51 3.66
N MET C 161 -14.15 -41.31 3.02
CA MET C 161 -14.20 -41.50 1.59
C MET C 161 -14.36 -43.00 1.28
N VAL C 162 -14.78 -43.29 0.05
CA VAL C 162 -15.05 -44.64 -0.38
C VAL C 162 -14.41 -44.95 -1.73
N LEU C 164 -14.38 -46.89 -4.81
CA LEU C 164 -15.18 -47.84 -5.60
C LEU C 164 -14.32 -48.66 -6.56
N THR C 165 -14.53 -49.97 -6.55
CA THR C 165 -13.84 -50.86 -7.50
C THR C 165 -14.84 -51.86 -8.09
N LYS C 166 -14.39 -52.61 -9.08
CA LYS C 166 -15.35 -53.43 -9.82
C LYS C 166 -15.84 -54.53 -8.88
N LYS C 167 -17.03 -55.03 -9.13
CA LYS C 167 -17.64 -56.06 -8.29
C LYS C 167 -17.82 -57.31 -9.15
N GLY C 168 -17.22 -58.41 -8.72
CA GLY C 168 -17.07 -59.57 -9.57
C GLY C 168 -16.09 -59.16 -10.66
N SER C 169 -16.65 -58.76 -11.78
CA SER C 169 -15.83 -58.33 -12.91
C SER C 169 -16.47 -57.18 -13.69
N ASN C 170 -17.48 -56.57 -13.13
CA ASN C 170 -18.10 -55.42 -13.77
C ASN C 170 -18.11 -54.19 -12.90
N TYR C 171 -17.99 -53.04 -13.55
CA TYR C 171 -18.09 -51.74 -12.93
C TYR C 171 -19.18 -50.99 -13.71
N PRO C 172 -20.43 -51.11 -13.27
CA PRO C 172 -21.57 -50.46 -13.92
C PRO C 172 -21.45 -48.96 -13.64
N ILE C 173 -22.23 -48.12 -14.29
CA ILE C 173 -22.08 -46.70 -14.02
C ILE C 173 -22.31 -46.43 -12.52
N ALA C 174 -21.51 -45.55 -11.95
CA ALA C 174 -21.66 -45.26 -10.54
C ALA C 174 -22.38 -43.96 -10.50
N LYS C 175 -23.67 -44.01 -10.15
CA LYS C 175 -24.46 -42.76 -10.27
C LYS C 175 -25.29 -42.57 -9.03
N ARG C 176 -25.01 -41.54 -8.23
CA ARG C 176 -25.82 -41.29 -7.03
C ARG C 176 -25.88 -39.80 -6.86
N SER C 177 -26.95 -39.32 -6.22
CA SER C 177 -27.08 -37.91 -5.95
C SER C 177 -27.48 -37.62 -4.52
N TYR C 178 -27.28 -36.38 -4.10
CA TYR C 178 -27.68 -36.00 -2.77
C TYR C 178 -28.28 -34.59 -2.81
N ASN C 179 -29.40 -34.41 -2.15
CA ASN C 179 -30.03 -33.09 -2.03
C ASN C 179 -29.71 -32.44 -0.66
N ASN C 180 -29.03 -31.29 -0.64
CA ASN C 180 -28.66 -30.67 0.60
C ASN C 180 -29.91 -30.12 1.31
N THR C 181 -30.60 -30.97 2.06
CA THR C 181 -31.70 -30.51 2.89
C THR C 181 -31.28 -30.22 4.34
N SER C 182 -29.98 -29.97 4.54
CA SER C 182 -29.41 -29.85 5.89
C SER C 182 -29.64 -28.50 6.53
N GLY C 183 -30.03 -27.51 5.73
CA GLY C 183 -30.28 -26.16 6.25
C GLY C 183 -29.12 -25.17 6.17
N GLU C 184 -27.90 -25.67 5.95
CA GLU C 184 -26.73 -24.80 5.74
C GLU C 184 -25.98 -25.25 4.45
N GLN C 185 -25.17 -24.37 3.87
CA GLN C 185 -24.32 -24.77 2.75
C GLN C 185 -23.45 -25.92 3.18
N MET C 186 -23.11 -26.79 2.25
CA MET C 186 -22.38 -27.99 2.58
C MET C 186 -21.11 -28.19 1.76
N LEU C 187 -20.01 -28.46 2.44
CA LEU C 187 -18.72 -28.68 1.81
C LEU C 187 -18.61 -30.18 1.52
N ILE C 188 -18.28 -30.48 0.26
CA ILE C 188 -18.28 -31.87 -0.23
C ILE C 188 -17.03 -32.14 -1.03
N ILE C 189 -16.33 -33.21 -0.72
CA ILE C 189 -15.07 -33.49 -1.39
C ILE C 189 -15.18 -34.80 -2.13
N TRP C 190 -14.52 -34.92 -3.29
CA TRP C 190 -14.43 -36.20 -3.97
C TRP C 190 -13.09 -36.32 -4.67
N GLY C 191 -12.82 -37.49 -5.23
CA GLY C 191 -11.54 -37.67 -5.91
C GLY C 191 -11.55 -38.62 -7.11
N ILE C 192 -10.43 -38.64 -7.81
CA ILE C 192 -10.31 -39.57 -8.87
C ILE C 192 -8.94 -40.24 -8.67
N HIS C 193 -8.92 -41.55 -8.92
CA HIS C 193 -7.68 -42.35 -8.71
C HIS C 193 -7.00 -42.47 -10.07
N HIS C 194 -5.68 -42.24 -10.08
CA HIS C 194 -4.83 -42.32 -11.25
C HIS C 194 -3.92 -43.56 -11.15
N PRO C 195 -4.28 -44.62 -11.88
CA PRO C 195 -3.55 -45.88 -11.73
C PRO C 195 -2.11 -45.84 -12.26
N ASN C 196 -1.37 -46.90 -11.96
CA ASN C 196 -0.02 -47.07 -12.42
C ASN C 196 0.15 -47.37 -13.91
N ASP C 197 -0.86 -48.00 -14.50
CA ASP C 197 -0.73 -48.48 -15.87
C ASP C 197 -2.04 -49.05 -16.32
N ASP C 198 -2.18 -49.29 -17.63
CA ASP C 198 -3.47 -49.75 -18.16
C ASP C 198 -3.92 -51.08 -17.55
N ALA C 199 -3.00 -51.94 -17.17
CA ALA C 199 -3.33 -53.24 -16.57
C ALA C 199 -3.99 -53.07 -15.18
N GLU C 200 -3.45 -52.16 -14.38
CA GLU C 200 -4.05 -51.88 -13.08
C GLU C 200 -5.43 -51.20 -13.26
N GLN C 201 -5.53 -50.33 -14.25
CA GLN C 201 -6.84 -49.70 -14.59
C GLN C 201 -7.91 -50.78 -14.79
N ARG C 202 -7.58 -51.80 -15.59
CA ARG C 202 -8.51 -52.91 -15.86
C ARG C 202 -8.76 -53.77 -14.64
N THR C 203 -7.71 -54.03 -13.88
CA THR C 203 -7.86 -54.81 -12.67
C THR C 203 -8.85 -54.15 -11.67
N LEU C 204 -8.72 -52.83 -11.47
CA LEU C 204 -9.56 -52.15 -10.50
C LEU C 204 -10.95 -51.83 -11.06
N TYR C 205 -11.02 -51.33 -12.29
CA TYR C 205 -12.25 -50.71 -12.78
C TYR C 205 -12.76 -51.34 -14.06
N GLN C 206 -12.04 -52.36 -14.55
CA GLN C 206 -12.40 -53.10 -15.76
C GLN C 206 -12.32 -52.32 -17.08
N ASN C 207 -13.06 -51.22 -17.16
CA ASN C 207 -13.04 -50.40 -18.35
C ASN C 207 -11.85 -49.43 -18.41
N VAL C 208 -11.40 -49.11 -19.61
CA VAL C 208 -10.41 -48.05 -19.79
C VAL C 208 -11.18 -46.83 -20.31
N GLY C 209 -10.56 -45.66 -20.33
CA GLY C 209 -11.20 -44.49 -20.89
C GLY C 209 -12.42 -44.04 -20.07
N THR C 210 -12.26 -44.01 -18.76
CA THR C 210 -13.34 -43.68 -17.86
C THR C 210 -13.33 -42.19 -17.50
N TYR C 211 -14.30 -41.80 -16.68
CA TYR C 211 -14.44 -40.40 -16.27
C TYR C 211 -15.13 -40.34 -14.90
N VAL C 212 -14.92 -39.21 -14.22
CA VAL C 212 -15.67 -38.86 -13.03
C VAL C 212 -16.33 -37.49 -13.27
N SER C 213 -17.65 -37.46 -13.29
CA SER C 213 -18.41 -36.21 -13.44
C SER C 213 -19.14 -35.87 -12.20
N VAL C 214 -19.05 -34.62 -11.82
CA VAL C 214 -19.82 -34.08 -10.69
C VAL C 214 -20.50 -32.81 -11.12
N GLY C 215 -21.79 -32.69 -10.78
CA GLY C 215 -22.52 -31.52 -11.24
C GLY C 215 -23.48 -31.04 -10.17
N THR C 216 -23.54 -29.73 -9.97
CA THR C 216 -24.62 -29.10 -9.17
C THR C 216 -25.28 -28.05 -10.07
N SER C 217 -26.04 -27.13 -9.46
CA SER C 217 -26.67 -26.06 -10.25
C SER C 217 -25.60 -25.09 -10.71
N THR C 218 -24.45 -25.05 -10.06
CA THR C 218 -23.44 -24.05 -10.45
C THR C 218 -22.07 -24.63 -10.77
N LEU C 219 -21.83 -25.87 -10.39
CA LEU C 219 -20.54 -26.53 -10.71
C LEU C 219 -20.74 -27.62 -11.73
N ASN C 220 -19.86 -27.66 -12.73
CA ASN C 220 -19.83 -28.77 -13.66
C ASN C 220 -18.38 -29.17 -13.83
N LYS C 221 -18.00 -30.30 -13.28
CA LYS C 221 -16.59 -30.66 -13.30
C LYS C 221 -16.39 -32.10 -13.71
N ARG C 222 -15.45 -32.35 -14.59
CA ARG C 222 -15.10 -33.69 -14.95
C ARG C 222 -13.58 -33.89 -14.87
N SER C 223 -13.17 -35.05 -14.36
CA SER C 223 -11.76 -35.48 -14.39
C SER C 223 -11.69 -36.81 -15.13
N ILE C 224 -10.59 -37.04 -15.85
CA ILE C 224 -10.35 -38.32 -16.42
C ILE C 224 -9.04 -38.88 -15.88
N PRO C 225 -8.90 -40.19 -15.89
CA PRO C 225 -7.64 -40.79 -15.36
C PRO C 225 -6.41 -40.38 -16.19
N GLU C 226 -5.31 -40.06 -15.50
CA GLU C 226 -4.08 -39.73 -16.19
C GLU C 226 -3.03 -40.68 -15.70
N ILE C 227 -2.75 -41.67 -16.54
CA ILE C 227 -1.87 -42.77 -16.18
C ILE C 227 -0.44 -42.48 -16.56
N ALA C 228 0.46 -42.67 -15.63
CA ALA C 228 1.87 -42.41 -15.90
C ALA C 228 2.68 -43.30 -14.97
N THR C 229 3.94 -43.54 -15.33
CA THR C 229 4.88 -44.25 -14.51
C THR C 229 5.49 -43.30 -13.49
N ARG C 230 5.39 -43.64 -12.20
CA ARG C 230 5.82 -42.71 -11.15
C ARG C 230 6.59 -43.47 -10.07
N PRO C 231 7.53 -42.79 -9.41
CA PRO C 231 8.17 -43.41 -8.22
C PRO C 231 7.14 -43.57 -7.08
N LYS C 232 7.45 -44.41 -6.12
CA LYS C 232 6.54 -44.68 -5.01
C LYS C 232 6.58 -43.55 -4.00
N VAL C 233 5.40 -43.17 -3.55
CA VAL C 233 5.26 -42.20 -2.49
C VAL C 233 4.43 -42.92 -1.45
N ASN C 234 4.89 -42.89 -0.20
CA ASN C 234 4.34 -43.74 0.87
C ASN C 234 4.14 -45.15 0.37
N GLY C 235 5.06 -45.62 -0.48
CA GLY C 235 4.99 -46.99 -0.99
C GLY C 235 4.16 -47.19 -2.24
N GLN C 236 3.55 -46.14 -2.75
CA GLN C 236 2.60 -46.30 -3.87
C GLN C 236 2.99 -45.46 -5.07
N GLY C 237 2.92 -46.09 -6.24
CA GLY C 237 3.09 -45.39 -7.52
C GLY C 237 1.79 -44.67 -7.92
N GLY C 238 0.64 -45.16 -7.45
CA GLY C 238 -0.64 -44.54 -7.81
C GLY C 238 -0.83 -43.18 -7.14
N ARG C 239 -1.80 -42.41 -7.63
CA ARG C 239 -2.13 -41.12 -7.00
C ARG C 239 -3.61 -40.95 -6.97
N MET C 240 -4.11 -40.16 -6.03
CA MET C 240 -5.49 -39.72 -6.01
C MET C 240 -5.57 -38.19 -6.04
N GLU C 241 -6.45 -37.68 -6.90
CA GLU C 241 -6.55 -36.26 -7.09
C GLU C 241 -7.92 -35.80 -6.61
N PHE C 242 -7.94 -34.88 -5.63
CA PHE C 242 -9.19 -34.53 -4.96
C PHE C 242 -9.69 -33.22 -5.43
N SER C 243 -11.02 -32.99 -5.40
CA SER C 243 -11.60 -31.71 -5.73
C SER C 243 -12.69 -31.42 -4.75
N TRP C 244 -13.21 -30.17 -4.69
CA TRP C 244 -14.26 -29.91 -3.69
C TRP C 244 -15.28 -28.88 -4.22
N THR C 245 -16.46 -28.84 -3.59
CA THR C 245 -17.40 -27.76 -3.93
C THR C 245 -18.22 -27.39 -2.69
N LEU C 246 -18.89 -26.24 -2.76
CA LEU C 246 -19.87 -25.81 -1.75
C LEU C 246 -21.23 -26.01 -2.29
N LEU C 247 -21.95 -26.99 -1.77
CA LEU C 247 -23.30 -27.28 -2.23
C LEU C 247 -24.31 -26.38 -1.50
N GLU C 248 -25.03 -25.53 -2.25
CA GLU C 248 -25.97 -24.61 -1.59
C GLU C 248 -27.18 -25.33 -0.98
N THR C 249 -27.81 -24.72 0.02
CA THR C 249 -29.05 -25.29 0.59
C THR C 249 -30.04 -25.55 -0.55
N TRP C 250 -30.72 -26.69 -0.47
CA TRP C 250 -31.69 -27.16 -1.44
C TRP C 250 -31.19 -27.44 -2.85
N ASP C 251 -29.88 -27.47 -3.11
CA ASP C 251 -29.38 -27.84 -4.44
C ASP C 251 -29.01 -29.30 -4.40
N VAL C 252 -28.80 -29.90 -5.57
CA VAL C 252 -28.46 -31.33 -5.61
C VAL C 252 -27.05 -31.49 -6.17
N ILE C 253 -26.28 -32.42 -5.62
CA ILE C 253 -25.02 -32.80 -6.23
C ILE C 253 -25.23 -34.16 -6.90
N ASN C 254 -24.88 -34.25 -8.20
CA ASN C 254 -24.95 -35.50 -8.94
C ASN C 254 -23.52 -36.03 -9.21
N PHE C 255 -23.26 -37.27 -8.78
CA PHE C 255 -22.01 -38.00 -9.10
C PHE C 255 -22.31 -38.94 -10.22
N GLU C 256 -21.43 -38.98 -11.24
CA GLU C 256 -21.65 -39.90 -12.33
C GLU C 256 -20.32 -40.41 -12.87
N SER C 257 -20.01 -41.67 -12.72
CA SER C 257 -18.68 -42.13 -13.13
C SER C 257 -18.70 -43.51 -13.78
N THR C 258 -17.87 -43.69 -14.80
CA THR C 258 -17.67 -45.00 -15.41
C THR C 258 -16.46 -45.73 -14.83
N GLY C 259 -15.85 -45.12 -13.79
CA GLY C 259 -14.74 -45.70 -13.05
C GLY C 259 -13.82 -44.65 -12.42
N ASN C 260 -13.04 -45.12 -11.45
CA ASN C 260 -12.00 -44.34 -10.83
C ASN C 260 -12.51 -43.33 -9.74
N LEU C 261 -13.83 -43.23 -9.58
CA LEU C 261 -14.38 -42.30 -8.59
C LEU C 261 -13.99 -42.70 -7.20
N ILE C 262 -13.56 -41.70 -6.41
CA ILE C 262 -13.40 -41.85 -4.98
C ILE C 262 -14.48 -41.02 -4.32
N ALA C 263 -15.53 -41.66 -3.82
CA ALA C 263 -16.81 -40.94 -3.48
C ALA C 263 -16.73 -40.46 -2.02
N PRO C 264 -17.37 -39.35 -1.70
CA PRO C 264 -17.47 -38.97 -0.28
C PRO C 264 -18.57 -39.83 0.35
N GLU C 265 -18.44 -40.15 1.64
CA GLU C 265 -19.57 -40.67 2.37
C GLU C 265 -20.22 -39.54 3.17
N TYR C 266 -19.43 -38.55 3.55
CA TYR C 266 -19.89 -37.46 4.37
C TYR C 266 -19.72 -36.13 3.67
N GLY C 267 -20.44 -35.13 4.14
CA GLY C 267 -20.22 -33.73 3.77
C GLY C 267 -20.18 -32.91 5.05
N PHE C 268 -19.86 -31.63 4.94
CA PHE C 268 -19.67 -30.77 6.11
C PHE C 268 -20.55 -29.55 6.05
N LYS C 269 -21.51 -29.51 6.98
CA LYS C 269 -22.35 -28.30 7.13
C LYS C 269 -21.50 -27.16 7.61
N ILE C 270 -21.60 -26.01 6.96
CA ILE C 270 -20.75 -24.89 7.29
C ILE C 270 -21.49 -23.53 7.23
N SER C 271 -21.34 -22.76 8.29
CA SER C 271 -21.76 -21.36 8.30
C SER C 271 -20.57 -20.45 8.59
N LYS C 272 -20.35 -19.42 7.75
CA LYS C 272 -19.21 -18.50 7.89
C LYS C 272 -19.68 -17.13 8.36
N ARG C 273 -18.94 -16.52 9.27
CA ARG C 273 -19.21 -15.18 9.78
C ARG C 273 -18.12 -14.20 9.34
N GLY C 274 -17.36 -14.60 8.32
CA GLY C 274 -16.20 -13.85 7.88
C GLY C 274 -15.00 -14.74 7.67
N SER C 275 -13.88 -14.15 7.33
CA SER C 275 -12.68 -14.95 7.06
C SER C 275 -11.58 -14.61 8.11
N SER C 276 -10.61 -15.49 8.25
CA SER C 276 -9.65 -15.42 9.31
C SER C 276 -8.39 -15.93 8.67
N GLY C 277 -7.64 -16.79 9.34
CA GLY C 277 -6.41 -17.29 8.77
C GLY C 277 -5.85 -18.48 9.51
N ILE C 278 -4.76 -19.01 8.98
CA ILE C 278 -4.10 -20.15 9.62
C ILE C 278 -2.87 -19.65 10.31
N MET C 279 -2.62 -20.12 11.53
CA MET C 279 -1.43 -19.70 12.27
C MET C 279 -0.48 -20.90 12.48
N LYS C 280 0.76 -20.76 12.04
CA LYS C 280 1.75 -21.81 12.18
C LYS C 280 2.50 -21.68 13.51
N THR C 281 2.32 -22.66 14.38
CA THR C 281 2.97 -22.65 15.70
C THR C 281 2.84 -23.99 16.41
N GLU C 282 3.76 -24.27 17.32
CA GLU C 282 3.73 -25.53 18.06
C GLU C 282 2.87 -25.37 19.32
N LYS C 283 2.38 -24.15 19.54
CA LYS C 283 1.71 -23.84 20.80
C LYS C 283 0.32 -24.44 20.86
N THR C 284 -0.16 -24.70 22.08
CA THR C 284 -1.50 -25.24 22.27
C THR C 284 -2.41 -24.28 23.02
N LEU C 285 -3.71 -24.37 22.78
CA LEU C 285 -4.67 -23.45 23.39
C LEU C 285 -4.59 -23.46 24.93
N GLU C 286 -4.70 -22.31 25.59
CA GLU C 286 -4.48 -22.27 27.04
C GLU C 286 -5.55 -21.60 27.90
N ASN C 287 -6.74 -21.35 27.36
CA ASN C 287 -7.81 -20.81 28.21
C ASN C 287 -7.55 -19.40 28.70
N CYS C 288 -7.45 -18.47 27.77
CA CYS C 288 -7.45 -17.08 28.10
C CYS C 288 -8.10 -16.34 26.96
N GLU C 289 -8.30 -15.05 27.12
CA GLU C 289 -8.98 -14.27 26.12
C GLU C 289 -8.00 -13.29 25.50
N THR C 290 -8.07 -13.13 24.18
CA THR C 290 -7.28 -12.09 23.54
C THR C 290 -8.12 -11.47 22.45
N LYS C 291 -7.69 -10.31 21.96
CA LYS C 291 -8.28 -9.75 20.76
C LYS C 291 -7.26 -9.76 19.64
N CYS C 292 -6.04 -10.14 19.98
CA CYS C 292 -4.95 -10.11 19.05
C CYS C 292 -3.97 -11.22 19.38
N GLN C 293 -3.83 -12.18 18.48
CA GLN C 293 -3.00 -13.35 18.67
C GLN C 293 -1.81 -13.31 17.71
N THR C 294 -0.62 -13.64 18.23
CA THR C 294 0.57 -13.86 17.41
C THR C 294 1.05 -15.27 17.73
N PRO C 295 1.92 -15.82 16.86
CA PRO C 295 2.38 -17.19 17.07
C PRO C 295 3.26 -17.31 18.28
N LEU C 296 3.60 -16.21 18.94
CA LEU C 296 4.52 -16.26 20.05
C LEU C 296 3.71 -16.15 21.33
N GLY C 297 2.53 -15.54 21.20
CA GLY C 297 1.70 -15.29 22.37
C GLY C 297 0.74 -14.18 21.99
N ALA C 298 -0.22 -13.91 22.85
CA ALA C 298 -1.23 -12.91 22.58
C ALA C 298 -0.81 -11.54 23.11
N ILE C 299 -1.38 -10.51 22.51
CA ILE C 299 -1.11 -9.15 22.87
C ILE C 299 -2.37 -8.51 23.43
N ASN C 300 -2.23 -7.78 24.53
CA ASN C 300 -3.34 -7.07 25.14
C ASN C 300 -2.87 -5.66 25.38
N THR C 301 -3.28 -4.74 24.52
CA THR C 301 -2.69 -3.41 24.52
C THR C 301 -3.57 -2.31 23.91
N THR C 302 -3.40 -1.10 24.42
CA THR C 302 -4.00 0.09 23.84
C THR C 302 -3.05 0.79 22.85
N LEU C 303 -1.74 0.57 23.02
CA LEU C 303 -0.71 1.22 22.18
C LEU C 303 -0.99 0.97 20.71
N PRO C 304 -0.67 1.95 19.84
CA PRO C 304 -0.96 1.92 18.41
C PRO C 304 0.04 1.10 17.57
N PHE C 305 1.23 0.79 18.11
CA PHE C 305 2.26 0.07 17.33
C PHE C 305 2.76 -1.10 18.14
N HIS C 306 3.37 -2.07 17.45
CA HIS C 306 4.02 -3.19 18.14
C HIS C 306 5.17 -3.77 17.27
N ASN C 307 6.05 -4.53 17.86
CA ASN C 307 7.09 -5.15 17.07
C ASN C 307 7.24 -6.61 17.47
N ILE C 308 6.13 -7.23 17.85
CA ILE C 308 6.24 -8.60 18.37
C ILE C 308 6.44 -9.60 17.22
N HIS C 309 5.64 -9.47 16.18
CA HIS C 309 5.62 -10.50 15.14
C HIS C 309 4.69 -10.03 14.03
N PRO C 310 5.13 -10.16 12.80
CA PRO C 310 4.32 -9.67 11.69
C PRO C 310 3.05 -10.52 11.45
N LEU C 311 3.04 -11.80 11.74
CA LEU C 311 1.88 -12.63 11.42
C LEU C 311 0.86 -12.72 12.54
N THR C 312 0.04 -11.70 12.67
CA THR C 312 -0.93 -11.63 13.74
C THR C 312 -2.30 -12.00 13.20
N ILE C 313 -3.19 -12.40 14.12
CA ILE C 313 -4.61 -12.56 13.83
C ILE C 313 -5.45 -11.85 14.87
N GLY C 314 -6.27 -10.91 14.43
CA GLY C 314 -7.19 -10.25 15.33
C GLY C 314 -7.23 -8.77 15.01
N GLU C 315 -7.47 -7.99 16.07
CA GLU C 315 -7.53 -6.52 16.03
C GLU C 315 -6.29 -6.04 16.74
N CYS C 316 -5.27 -5.76 15.95
CA CYS C 316 -3.93 -5.58 16.46
C CYS C 316 -3.41 -4.18 16.13
N PRO C 317 -2.38 -3.74 16.87
CA PRO C 317 -1.68 -2.49 16.53
C PRO C 317 -0.91 -2.66 15.23
N LYS C 318 -0.43 -1.57 14.59
CA LYS C 318 0.40 -1.66 13.39
C LYS C 318 1.78 -2.23 13.75
N TYR C 319 2.21 -3.23 13.01
CA TYR C 319 3.55 -3.84 13.13
C TYR C 319 4.57 -2.87 12.53
N VAL C 320 5.58 -2.51 13.28
CA VAL C 320 6.64 -1.65 12.77
C VAL C 320 8.05 -2.29 13.03
N LYS C 321 9.04 -1.90 12.21
CA LYS C 321 10.43 -2.31 12.34
C LYS C 321 11.17 -1.34 13.24
N SER C 322 10.98 -1.45 14.52
CA SER C 322 11.42 -0.44 15.44
C SER C 322 11.67 -1.07 16.81
N ASP C 323 12.66 -0.57 17.53
CA ASP C 323 12.96 -1.09 18.85
C ASP C 323 12.38 -0.24 19.98
N ARG C 324 11.95 0.95 19.62
CA ARG C 324 11.67 1.97 20.60
C ARG C 324 10.90 3.14 20.00
N LEU C 325 9.77 3.48 20.57
CA LEU C 325 9.02 4.71 20.19
C LEU C 325 8.57 5.36 21.48
N VAL C 326 9.31 6.32 22.01
CA VAL C 326 8.97 6.94 23.31
C VAL C 326 8.60 8.41 23.13
N LEU C 327 7.35 8.75 23.46
CA LEU C 327 6.90 10.15 23.44
C LEU C 327 7.28 10.81 24.75
N ALA C 328 7.89 11.99 24.69
CA ALA C 328 8.08 12.80 25.89
C ALA C 328 6.70 13.31 26.31
N THR C 329 6.41 13.32 27.63
CA THR C 329 5.19 13.98 28.09
C THR C 329 5.58 15.12 28.99
N GLY C 330 6.54 14.87 29.88
CA GLY C 330 7.07 15.90 30.76
C GLY C 330 8.10 16.81 30.09
N LEU C 331 8.78 17.63 30.88
CA LEU C 331 9.75 18.57 30.34
C LEU C 331 11.18 18.06 30.43
N ARG C 332 12.12 18.70 29.77
CA ARG C 332 13.52 18.37 29.94
C ARG C 332 13.78 18.36 31.47
N ASN C 333 14.39 17.28 31.96
CA ASN C 333 14.72 17.14 33.34
C ASN C 333 16.09 17.76 33.55
N VAL C 334 16.11 18.91 34.22
CA VAL C 334 17.35 19.64 34.49
C VAL C 334 17.54 19.75 36.03
N PRO C 335 17.91 18.65 36.69
CA PRO C 335 18.14 18.76 38.14
C PRO C 335 19.54 19.29 38.46
N GLY C 341 15.92 25.39 24.20
CA GLY C 341 14.58 25.35 23.64
C GLY C 341 14.28 26.62 22.87
N LEU C 342 13.21 26.57 22.07
CA LEU C 342 12.87 27.70 21.20
C LEU C 342 12.62 28.95 21.96
N PHE C 343 12.16 28.85 23.21
CA PHE C 343 11.69 30.05 23.92
C PHE C 343 12.70 30.54 24.93
N GLY C 344 13.80 29.80 25.07
CA GLY C 344 14.96 30.29 25.78
C GLY C 344 14.88 30.26 27.31
N ALA C 345 13.88 29.69 27.93
CA ALA C 345 13.77 29.74 29.40
C ALA C 345 14.29 28.47 30.04
N ILE C 346 13.67 27.36 29.68
CA ILE C 346 14.08 26.09 30.29
C ILE C 346 15.50 25.74 29.88
N ALA C 347 16.35 25.41 30.88
CA ALA C 347 17.80 25.23 30.63
C ALA C 347 18.34 26.46 29.88
N GLY C 348 17.71 27.60 30.12
CA GLY C 348 18.01 28.81 29.35
C GLY C 348 18.42 29.87 30.33
N PHE C 349 17.69 30.98 30.36
CA PHE C 349 17.95 31.98 31.37
C PHE C 349 17.42 31.51 32.72
N ILE C 350 16.59 30.46 32.72
CA ILE C 350 16.30 29.80 34.00
C ILE C 350 17.09 28.49 34.00
N GLU C 351 18.25 28.51 34.66
CA GLU C 351 19.31 27.50 34.45
C GLU C 351 19.01 26.04 34.83
N GLY C 352 18.16 25.82 35.85
CA GLY C 352 17.94 24.47 36.34
C GLY C 352 16.53 24.28 36.88
N GLY C 353 16.11 23.02 37.00
CA GLY C 353 14.80 22.70 37.51
C GLY C 353 14.78 22.75 39.04
N TRP C 354 13.59 22.59 39.59
CA TRP C 354 13.43 22.57 41.04
C TRP C 354 12.89 21.22 41.48
N GLN C 355 13.70 20.41 42.14
CA GLN C 355 13.18 19.16 42.67
C GLN C 355 12.22 19.38 43.82
N GLY C 356 12.29 20.53 44.46
CA GLY C 356 11.44 20.85 45.58
C GLY C 356 10.00 21.24 45.26
N MET C 357 9.71 21.45 43.98
CA MET C 357 8.35 21.80 43.60
C MET C 357 7.58 20.58 43.05
N VAL C 358 6.74 19.99 43.90
CA VAL C 358 6.22 18.66 43.61
C VAL C 358 4.81 18.64 43.09
N ASP C 359 4.02 19.69 43.30
CA ASP C 359 2.66 19.61 42.74
C ASP C 359 2.38 20.30 41.42
N GLY C 360 3.44 20.64 40.68
CA GLY C 360 3.24 21.28 39.39
C GLY C 360 4.45 21.17 38.49
N TRP C 361 4.24 21.41 37.20
CA TRP C 361 5.34 21.43 36.27
C TRP C 361 5.99 22.80 36.33
N TYR C 362 5.17 23.82 36.64
CA TYR C 362 5.60 25.21 36.61
C TYR C 362 5.15 25.93 37.86
N GLY C 363 5.92 26.93 38.28
CA GLY C 363 5.54 27.65 39.48
C GLY C 363 6.53 28.66 39.96
N TYR C 364 6.43 28.97 41.27
CA TYR C 364 7.14 30.11 41.84
C TYR C 364 7.91 29.71 43.09
N HIS C 365 8.93 30.50 43.42
CA HIS C 365 9.57 30.40 44.71
C HIS C 365 9.69 31.82 45.15
N HIS C 366 9.33 32.10 46.39
CA HIS C 366 9.31 33.48 46.87
C HIS C 366 10.17 33.54 48.13
N SER C 367 10.50 34.77 48.50
CA SER C 367 11.30 34.99 49.68
C SER C 367 11.00 36.40 50.19
N ASN C 368 10.57 36.48 51.43
CA ASN C 368 10.30 37.76 52.09
C ASN C 368 10.45 37.61 53.61
N ASP C 369 9.99 38.62 54.35
CA ASP C 369 10.15 38.64 55.80
C ASP C 369 9.42 37.51 56.45
N GLN C 370 8.39 36.99 55.80
CA GLN C 370 7.62 35.93 56.45
C GLN C 370 8.10 34.52 56.09
N GLY C 371 9.09 34.39 55.21
CA GLY C 371 9.52 33.06 54.80
C GLY C 371 9.73 32.88 53.31
N SER C 372 9.69 31.62 52.88
CA SER C 372 10.03 31.14 51.55
C SER C 372 9.70 29.64 51.55
N GLY C 373 9.32 28.97 50.44
CA GLY C 373 9.34 29.54 49.12
C GLY C 373 8.52 28.94 47.99
N TYR C 374 8.35 27.62 47.86
CA TYR C 374 7.76 27.01 46.61
C TYR C 374 6.23 27.02 46.49
N ALA C 375 5.72 27.40 45.33
CA ALA C 375 4.28 27.30 45.07
C ALA C 375 4.04 26.98 43.60
N ALA C 376 3.49 25.79 43.33
CA ALA C 376 3.21 25.36 41.98
C ALA C 376 2.13 26.22 41.37
N ASP C 377 2.20 26.48 40.07
CA ASP C 377 1.13 27.20 39.38
C ASP C 377 0.16 26.23 38.76
N LYS C 378 -1.02 26.11 39.37
CA LYS C 378 -1.98 25.08 38.98
C LYS C 378 -2.67 25.39 37.66
N GLU C 379 -2.90 26.67 37.39
CA GLU C 379 -3.54 27.08 36.16
C GLU C 379 -2.75 26.66 34.89
N SER C 380 -1.48 27.08 34.81
CA SER C 380 -0.66 26.72 33.63
C SER C 380 -0.22 25.27 33.67
N THR C 381 -0.06 24.68 34.87
CA THR C 381 0.26 23.26 34.94
C THR C 381 -0.88 22.41 34.32
N GLN C 382 -2.11 22.72 34.70
CA GLN C 382 -3.27 21.92 34.30
C GLN C 382 -3.54 22.09 32.79
N LYS C 383 -3.41 23.31 32.31
CA LYS C 383 -3.59 23.59 30.89
C LYS C 383 -2.60 22.76 30.08
N ALA C 384 -1.36 22.66 30.56
CA ALA C 384 -0.33 21.87 29.88
C ALA C 384 -0.62 20.39 29.93
N PHE C 385 -1.04 19.86 31.08
CA PHE C 385 -1.35 18.47 31.24
C PHE C 385 -2.45 18.10 30.26
N ASP C 386 -3.51 18.89 30.21
CA ASP C 386 -4.62 18.68 29.28
C ASP C 386 -4.11 18.65 27.81
N GLY C 387 -3.23 19.59 27.46
CA GLY C 387 -2.70 19.68 26.11
C GLY C 387 -1.94 18.42 25.77
N ILE C 388 -1.05 18.00 26.67
CA ILE C 388 -0.22 16.83 26.40
C ILE C 388 -1.10 15.54 26.42
N THR C 389 -2.11 15.45 27.29
CA THR C 389 -3.08 14.36 27.25
C THR C 389 -3.75 14.27 25.86
N ASN C 390 -4.12 15.43 25.31
CA ASN C 390 -4.74 15.44 24.01
C ASN C 390 -3.76 14.98 22.94
N LYS C 391 -2.51 15.43 23.03
CA LYS C 391 -1.50 15.01 22.06
C LYS C 391 -1.40 13.47 22.04
N VAL C 392 -1.28 12.90 23.23
CA VAL C 392 -1.08 11.49 23.34
C VAL C 392 -2.33 10.74 22.82
N ASN C 393 -3.51 11.16 23.29
CA ASN C 393 -4.80 10.58 22.82
C ASN C 393 -4.90 10.65 21.28
N SER C 394 -4.55 11.78 20.71
CA SER C 394 -4.55 11.95 19.27
C SER C 394 -3.69 10.92 18.58
N VAL C 395 -2.45 10.76 18.99
CA VAL C 395 -1.57 9.76 18.40
C VAL C 395 -2.07 8.33 18.57
N ILE C 396 -2.62 8.01 19.74
CA ILE C 396 -3.05 6.66 19.97
C ILE C 396 -4.44 6.37 19.37
N GLU C 397 -5.41 7.24 19.64
CA GLU C 397 -6.80 6.97 19.26
C GLU C 397 -7.13 7.02 17.75
N LYS C 398 -6.48 7.92 17.00
CA LYS C 398 -6.70 8.04 15.57
C LYS C 398 -6.33 6.75 14.80
N MET C 399 -5.63 5.82 15.43
CA MET C 399 -5.20 4.61 14.74
C MET C 399 -6.34 3.59 14.60
N ASN C 400 -6.77 3.37 13.35
CA ASN C 400 -7.80 2.37 13.02
C ASN C 400 -7.30 0.94 13.25
N THR C 401 -8.16 0.09 13.78
CA THR C 401 -7.74 -1.26 14.12
C THR C 401 -8.83 -2.30 13.86
N GLN C 402 -9.03 -2.64 12.60
CA GLN C 402 -10.02 -3.68 12.24
C GLN C 402 -9.41 -5.09 12.18
N PHE C 403 -10.29 -6.09 12.15
CA PHE C 403 -9.84 -7.46 12.17
C PHE C 403 -9.11 -7.76 10.90
N GLU C 404 -7.94 -8.40 11.05
CA GLU C 404 -7.17 -8.90 9.93
C GLU C 404 -6.36 -10.12 10.32
N ALA C 405 -6.12 -10.98 9.34
CA ALA C 405 -5.25 -12.15 9.50
C ALA C 405 -4.15 -12.01 8.45
N VAL C 406 -2.91 -11.97 8.90
CA VAL C 406 -1.83 -11.50 8.05
C VAL C 406 -1.26 -12.64 7.24
N GLY C 407 -1.06 -13.80 7.87
CA GLY C 407 -0.48 -14.95 7.18
C GLY C 407 -1.45 -15.53 6.13
N LYS C 408 -0.93 -15.88 4.95
CA LYS C 408 -1.74 -16.34 3.81
C LYS C 408 -1.13 -17.61 3.19
N GLU C 409 -1.95 -18.33 2.41
CA GLU C 409 -1.58 -19.60 1.84
C GLU C 409 -1.46 -19.53 0.30
N PHE C 410 -0.29 -19.92 -0.23
CA PHE C 410 -0.08 -19.93 -1.66
C PHE C 410 0.61 -21.22 -2.07
N SER C 411 0.27 -21.75 -3.24
CA SER C 411 0.78 -23.03 -3.69
C SER C 411 2.14 -22.76 -4.41
N ASN C 412 2.83 -23.81 -4.82
CA ASN C 412 4.13 -23.63 -5.38
C ASN C 412 4.11 -23.09 -6.81
N LEU C 413 2.93 -22.94 -7.44
CA LEU C 413 2.77 -22.26 -8.69
C LEU C 413 2.08 -20.93 -8.55
N GLU C 414 2.12 -20.39 -7.34
CA GLU C 414 1.60 -19.04 -7.14
C GLU C 414 2.70 -18.20 -6.50
N ARG C 415 3.95 -18.44 -6.88
CA ARG C 415 5.08 -17.66 -6.38
C ARG C 415 4.97 -16.17 -6.64
N ARG C 416 4.47 -15.84 -7.82
CA ARG C 416 4.36 -14.40 -8.15
C ARG C 416 3.33 -13.71 -7.28
N LEU C 417 2.24 -14.41 -7.00
CA LEU C 417 1.15 -13.87 -6.20
C LEU C 417 1.65 -13.78 -4.75
N GLU C 418 2.40 -14.80 -4.27
CA GLU C 418 2.94 -14.72 -2.93
C GLU C 418 3.89 -13.52 -2.79
N ASN C 419 4.68 -13.23 -3.82
CA ASN C 419 5.60 -12.07 -3.84
C ASN C 419 4.85 -10.72 -3.90
N LEU C 420 3.77 -10.64 -4.68
CA LEU C 420 2.91 -9.48 -4.65
C LEU C 420 2.43 -9.22 -3.21
N ASN C 421 1.82 -10.22 -2.58
CA ASN C 421 1.46 -10.04 -1.18
C ASN C 421 2.63 -9.60 -0.29
N LYS C 422 3.82 -10.15 -0.53
CA LYS C 422 4.96 -9.72 0.26
C LYS C 422 5.37 -8.27 0.00
N LYS C 423 5.41 -7.89 -1.25
CA LYS C 423 5.78 -6.53 -1.57
C LYS C 423 4.75 -5.56 -0.90
N MET C 424 3.50 -5.98 -0.83
CA MET C 424 2.49 -5.09 -0.27
C MET C 424 2.72 -4.94 1.24
N GLU C 425 2.91 -6.06 1.92
CA GLU C 425 3.17 -6.04 3.36
C GLU C 425 4.45 -5.28 3.67
N ASP C 426 5.50 -5.50 2.88
CA ASP C 426 6.74 -4.78 3.02
C ASP C 426 6.48 -3.27 2.79
N GLY C 427 5.66 -2.98 1.79
CA GLY C 427 5.40 -1.59 1.44
C GLY C 427 4.73 -0.89 2.65
N PHE C 428 3.71 -1.52 3.22
CA PHE C 428 3.04 -0.90 4.37
C PHE C 428 3.96 -0.84 5.61
N LEU C 429 4.81 -1.87 5.75
CA LEU C 429 5.71 -1.86 6.90
C LEU C 429 6.66 -0.64 6.80
N ASP C 430 7.19 -0.34 5.59
CA ASP C 430 8.02 0.83 5.40
C ASP C 430 7.29 2.15 5.70
N VAL C 431 6.08 2.31 5.21
CA VAL C 431 5.30 3.52 5.48
C VAL C 431 5.11 3.76 6.98
N TRP C 432 4.61 2.76 7.68
CA TRP C 432 4.31 2.89 9.09
C TRP C 432 5.55 3.07 9.97
N THR C 433 6.63 2.33 9.71
CA THR C 433 7.83 2.43 10.52
C THR C 433 8.40 3.82 10.36
N TYR C 434 8.54 4.27 9.09
CA TYR C 434 9.09 5.60 8.87
C TYR C 434 8.19 6.68 9.49
N ASN C 435 6.87 6.59 9.30
CA ASN C 435 5.99 7.64 9.85
C ASN C 435 5.95 7.65 11.39
N ALA C 436 5.97 6.48 12.01
CA ALA C 436 5.98 6.36 13.45
C ALA C 436 7.25 6.94 14.02
N GLU C 437 8.40 6.60 13.47
CA GLU C 437 9.69 7.14 13.94
C GLU C 437 9.74 8.65 13.79
N LEU C 438 9.35 9.16 12.62
CA LEU C 438 9.32 10.63 12.40
C LEU C 438 8.30 11.42 13.27
N LEU C 439 7.17 10.81 13.53
CA LEU C 439 6.13 11.47 14.28
C LEU C 439 6.62 11.68 15.74
N VAL C 440 7.21 10.64 16.33
CA VAL C 440 7.70 10.70 17.65
C VAL C 440 8.80 11.77 17.71
N LEU C 441 9.76 11.75 16.80
CA LEU C 441 10.84 12.74 16.80
C LEU C 441 10.26 14.20 16.69
N MET C 442 9.33 14.42 15.78
CA MET C 442 8.76 15.72 15.58
C MET C 442 7.90 16.18 16.78
N GLU C 443 7.04 15.29 17.29
CA GLU C 443 6.17 15.71 18.36
C GLU C 443 7.00 15.93 19.64
N ASN C 444 8.08 15.17 19.82
CA ASN C 444 8.91 15.32 21.01
C ASN C 444 9.56 16.73 20.98
N GLU C 445 10.06 17.15 19.81
CA GLU C 445 10.64 18.49 19.69
C GLU C 445 9.57 19.52 20.12
N ARG C 446 8.38 19.41 19.55
CA ARG C 446 7.29 20.32 19.88
C ARG C 446 6.85 20.26 21.35
N THR C 447 6.85 19.07 21.96
CA THR C 447 6.46 19.00 23.41
C THR C 447 7.44 19.79 24.31
N LEU C 448 8.73 19.67 24.00
CA LEU C 448 9.80 20.33 24.78
C LEU C 448 9.69 21.86 24.67
N ASP C 449 9.44 22.32 23.44
CA ASP C 449 9.20 23.72 23.15
C ASP C 449 7.88 24.22 23.81
N PHE C 450 6.83 23.40 23.78
CA PHE C 450 5.58 23.72 24.50
C PHE C 450 5.84 24.03 25.97
N HIS C 451 6.47 23.10 26.69
CA HIS C 451 6.89 23.36 28.07
C HIS C 451 7.70 24.67 28.14
N ASP C 452 8.72 24.79 27.30
CA ASP C 452 9.56 26.00 27.31
C ASP C 452 8.69 27.28 27.20
N SER C 453 7.80 27.30 26.21
CA SER C 453 6.85 28.39 26.09
C SER C 453 5.97 28.64 27.34
N ASN C 454 5.51 27.60 28.00
CA ASN C 454 4.67 27.78 29.16
C ASN C 454 5.42 28.48 30.30
N VAL C 455 6.67 28.07 30.52
CA VAL C 455 7.47 28.75 31.50
C VAL C 455 7.77 30.21 31.15
N LYS C 456 8.15 30.47 29.90
CA LYS C 456 8.36 31.84 29.41
C LYS C 456 7.14 32.69 29.66
N ASN C 457 5.98 32.14 29.32
CA ASN C 457 4.75 32.91 29.45
C ASN C 457 4.43 33.23 30.93
N LEU C 458 4.74 32.31 31.84
CA LEU C 458 4.47 32.52 33.25
C LEU C 458 5.43 33.59 33.76
N TYR C 459 6.68 33.49 33.33
CA TYR C 459 7.67 34.50 33.62
C TYR C 459 7.19 35.91 33.18
N ASP C 460 6.71 36.04 31.95
CA ASP C 460 6.35 37.32 31.41
C ASP C 460 5.10 37.83 32.09
N LYS C 461 4.27 36.92 32.56
CA LYS C 461 3.04 37.26 33.25
C LYS C 461 3.39 38.06 34.51
N VAL C 462 4.44 37.62 35.19
CA VAL C 462 4.89 38.28 36.39
C VAL C 462 5.53 39.60 36.03
N ARG C 463 6.46 39.54 35.09
CA ARG C 463 7.16 40.72 34.55
C ARG C 463 6.21 41.85 34.19
N MET C 464 5.16 41.52 33.48
CA MET C 464 4.22 42.51 32.98
C MET C 464 3.32 43.04 34.08
N GLN C 465 3.19 42.29 35.17
CA GLN C 465 2.47 42.77 36.36
C GLN C 465 3.30 43.76 37.16
N LEU C 466 4.57 43.41 37.37
CA LEU C 466 5.42 44.17 38.25
C LEU C 466 5.83 45.53 37.67
N ARG C 467 6.14 45.54 36.39
CA ARG C 467 6.67 46.74 35.70
C ARG C 467 7.93 47.24 36.42
N ASP C 468 8.04 48.55 36.62
CA ASP C 468 9.20 49.10 37.34
C ASP C 468 9.18 49.02 38.88
N ASN C 469 8.28 48.21 39.42
CA ASN C 469 8.26 48.04 40.88
C ASN C 469 9.20 46.91 41.28
N VAL C 470 9.94 46.38 40.31
CA VAL C 470 10.81 45.25 40.57
C VAL C 470 11.96 45.24 39.61
N LYS C 471 13.04 44.60 40.02
CA LYS C 471 14.25 44.49 39.20
C LYS C 471 14.33 43.08 38.54
N GLU C 472 14.53 43.04 37.23
CA GLU C 472 14.60 41.76 36.52
C GLU C 472 16.02 41.25 36.54
N LEU C 473 16.32 40.32 37.44
CA LEU C 473 17.73 39.87 37.63
C LEU C 473 18.31 39.19 36.38
N GLY C 474 17.48 38.43 35.64
CA GLY C 474 18.01 37.76 34.47
C GLY C 474 18.14 36.25 34.59
N ASN C 475 17.64 35.71 35.70
CA ASN C 475 17.83 34.30 36.03
C ASN C 475 16.52 33.66 36.44
N GLY C 476 15.41 34.36 36.20
CA GLY C 476 14.09 33.89 36.54
C GLY C 476 13.51 34.65 37.72
N CYS C 477 14.31 35.48 38.39
CA CYS C 477 13.88 36.16 39.61
C CYS C 477 13.57 37.65 39.44
N PHE C 478 12.64 38.13 40.26
CA PHE C 478 12.30 39.54 40.31
C PHE C 478 12.56 40.00 41.77
N GLU C 479 13.34 41.06 41.93
CA GLU C 479 13.64 41.59 43.27
C GLU C 479 12.86 42.87 43.46
N PHE C 480 11.90 42.83 44.37
CA PHE C 480 10.91 43.90 44.51
C PHE C 480 11.56 45.22 44.97
N TYR C 481 10.91 46.34 44.67
CA TYR C 481 11.33 47.67 45.15
C TYR C 481 10.53 48.08 46.36
N HIS C 482 9.72 47.15 46.88
CA HIS C 482 8.90 47.44 48.05
C HIS C 482 8.85 46.17 48.85
N LYS C 483 8.32 46.27 50.06
CA LYS C 483 8.06 45.10 50.87
C LYS C 483 6.88 44.34 50.29
N CYS C 484 7.06 43.04 50.12
CA CYS C 484 6.03 42.21 49.48
C CYS C 484 5.78 40.98 50.34
N ASP C 485 4.71 41.04 51.12
CA ASP C 485 4.44 40.05 52.13
C ASP C 485 3.63 38.96 51.49
N ASP C 486 3.12 38.03 52.28
CA ASP C 486 2.48 36.84 51.72
C ASP C 486 1.22 37.15 50.93
N GLU C 487 0.49 38.16 51.35
CA GLU C 487 -0.69 38.61 50.63
C GLU C 487 -0.28 39.22 49.27
N CYS C 488 0.75 40.06 49.31
CA CYS C 488 1.26 40.65 48.11
C CYS C 488 1.67 39.56 47.12
N MET C 489 2.45 38.59 47.61
CA MET C 489 2.95 37.49 46.81
C MET C 489 1.79 36.73 46.17
N ASN C 490 0.81 36.37 46.98
CA ASN C 490 -0.35 35.67 46.46
C ASN C 490 -1.03 36.42 45.32
N SER C 491 -1.10 37.75 45.44
CA SER C 491 -1.66 38.54 44.34
C SER C 491 -0.78 38.48 43.09
N VAL C 492 0.54 38.37 43.27
CA VAL C 492 1.41 38.24 42.11
C VAL C 492 1.15 36.88 41.41
N LYS C 493 1.01 35.81 42.22
CA LYS C 493 0.79 34.47 41.69
C LYS C 493 -0.58 34.28 40.99
N ASN C 494 -1.61 35.01 41.41
CA ASN C 494 -2.92 34.84 40.76
C ASN C 494 -3.35 35.96 39.80
N GLY C 495 -2.41 36.84 39.45
CA GLY C 495 -2.62 37.83 38.40
C GLY C 495 -3.41 39.07 38.80
N THR C 496 -3.32 39.47 40.07
CA THR C 496 -4.09 40.62 40.53
C THR C 496 -3.21 41.62 41.27
N TYR C 497 -1.91 41.50 41.08
CA TYR C 497 -0.97 42.41 41.70
C TYR C 497 -1.38 43.89 41.49
N ASP C 498 -1.43 44.66 42.59
CA ASP C 498 -1.83 46.04 42.52
C ASP C 498 -0.62 46.94 42.33
N TYR C 499 -0.31 47.27 41.06
CA TYR C 499 0.85 48.09 40.76
C TYR C 499 0.80 49.52 41.39
N PRO C 500 -0.28 50.29 41.09
CA PRO C 500 -0.44 51.64 41.66
C PRO C 500 -0.26 51.66 43.17
N LYS C 501 -0.77 50.63 43.86
CA LYS C 501 -0.67 50.55 45.31
C LYS C 501 0.75 50.63 45.84
N TYR C 502 1.69 50.04 45.11
CA TYR C 502 3.08 49.99 45.57
C TYR C 502 3.96 50.97 44.77
N GLU C 503 3.33 51.78 43.93
CA GLU C 503 4.10 52.69 43.11
C GLU C 503 4.81 53.76 43.97
N GLU C 504 5.92 53.40 44.60
CA GLU C 504 6.71 54.32 45.42
C GLU C 504 8.18 53.97 45.24
N GLU C 505 8.43 52.83 44.57
CA GLU C 505 9.70 52.56 43.89
C GLU C 505 11.00 52.44 44.66
N SER C 506 11.23 53.29 45.67
CA SER C 506 12.50 53.27 46.43
C SER C 506 13.72 53.15 45.49
N LYS C 507 13.49 53.22 44.18
CA LYS C 507 14.55 53.14 43.18
C LYS C 507 15.61 54.23 43.42
C1 NAG D . 6.68 -34.50 -46.23
C2 NAG D . 7.44 -33.24 -45.76
C3 NAG D . 6.52 -32.30 -45.04
C4 NAG D . 5.37 -31.93 -46.02
C5 NAG D . 4.70 -33.21 -46.60
C6 NAG D . 3.58 -32.66 -47.50
C7 NAG D . 9.65 -34.15 -45.12
C8 NAG D . 10.52 -34.64 -43.94
N2 NAG D . 8.44 -33.70 -44.78
O1 NAG D . 7.64 -35.37 -46.84
O3 NAG D . 7.32 -31.14 -44.82
O4 NAG D . 4.40 -31.05 -45.46
O5 NAG D . 5.73 -34.07 -47.17
O6 NAG D . 4.10 -31.77 -48.50
O7 NAG D . 10.03 -34.22 -46.29
C1 GAL D . 4.85 -29.71 -45.51
C2 GAL D . 3.64 -28.83 -45.31
C3 GAL D . 4.09 -27.37 -45.33
C4 GAL D . 5.15 -27.20 -44.24
C5 GAL D . 6.30 -28.19 -44.50
C6 GAL D . 7.33 -28.04 -43.40
O2 GAL D . 2.85 -29.02 -46.46
O3 GAL D . 3.00 -26.64 -44.87
O4 GAL D . 4.60 -27.27 -42.91
O5 GAL D . 5.79 -29.52 -44.44
O6 GAL D . 8.38 -28.93 -43.72
C1 SIA D . 9.48 -28.28 -41.62
C2 SIA D . 8.96 -29.45 -42.51
C3 SIA D . 10.05 -30.45 -42.96
C4 SIA D . 10.67 -31.07 -41.71
C5 SIA D . 9.55 -31.73 -40.89
C6 SIA D . 8.46 -30.72 -40.55
C7 SIA D . 7.39 -31.47 -39.77
C8 SIA D . 6.24 -30.57 -39.36
C9 SIA D . 5.31 -31.32 -38.43
C10 SIA D . 10.18 -33.50 -39.36
C11 SIA D . 9.58 -34.43 -40.39
N5 SIA D . 10.12 -32.22 -39.65
O1A SIA D . 10.37 -27.54 -42.10
O1B SIA D . 8.90 -28.11 -40.52
O4 SIA D . 11.55 -32.09 -42.11
O6 SIA D . 7.94 -30.17 -41.77
O7 SIA D . 6.89 -32.51 -40.60
O8 SIA D . 6.69 -29.34 -38.79
O9 SIA D . 4.24 -30.43 -38.20
O10 SIA D . 10.66 -33.92 -38.31
C1 NAG E . 17.62 -41.94 -6.19
C2 NAG E . 16.73 -43.11 -5.88
C3 NAG E . 17.12 -43.60 -4.49
C4 NAG E . 18.65 -43.75 -4.31
C5 NAG E . 19.55 -42.86 -5.20
C6 NAG E . 20.87 -43.50 -5.59
C7 NAG E . 14.38 -43.30 -6.57
C8 NAG E . 14.71 -44.62 -7.25
N2 NAG E . 15.36 -42.65 -5.94
O3 NAG E . 16.46 -44.83 -4.25
O4 NAG E . 18.93 -43.38 -2.94
O5 NAG E . 18.90 -42.52 -6.45
O6 NAG E . 20.90 -44.85 -5.19
O7 NAG E . 13.22 -42.86 -6.60
C1 NAG E . 19.50 -44.29 -2.05
C2 NAG E . 19.64 -43.50 -0.76
C3 NAG E . 20.18 -44.40 0.35
C4 NAG E . 19.15 -45.52 0.58
C5 NAG E . 18.94 -46.30 -0.76
C6 NAG E . 17.81 -47.31 -0.66
C7 NAG E . 20.02 -41.14 -0.60
C8 NAG E . 18.61 -41.07 -0.02
N2 NAG E . 20.48 -42.33 -0.95
O3 NAG E . 20.35 -43.64 1.55
O4 NAG E . 19.60 -46.39 1.66
O5 NAG E . 18.60 -45.40 -1.85
O6 NAG E . 16.56 -46.65 -0.85
O7 NAG E . 20.68 -40.10 -0.73
C1 NAG F . 34.67 34.24 30.92
C2 NAG F . 35.51 33.02 31.27
C3 NAG F . 36.94 33.39 31.63
C4 NAG F . 37.49 34.69 31.04
C5 NAG F . 36.47 35.66 30.42
C6 NAG F . 37.05 36.47 29.27
C7 NAG F . 34.77 32.68 33.66
C8 NAG F . 35.34 34.03 34.15
N2 NAG F . 34.86 32.29 32.35
O3 NAG F . 37.77 32.30 31.25
O4 NAG F . 38.21 35.35 32.11
O5 NAG F . 35.32 34.98 29.89
O6 NAG F . 37.62 37.68 29.72
O7 NAG F . 34.19 31.98 34.51
C1 NAG F . 39.47 35.83 31.89
C2 NAG F . 40.03 36.18 33.27
C3 NAG F . 41.47 36.63 33.16
C4 NAG F . 42.31 35.69 32.28
C5 NAG F . 41.58 35.26 30.98
C6 NAG F . 42.28 34.12 30.27
C7 NAG F . 38.36 36.92 34.84
C8 NAG F . 38.25 35.47 35.24
N2 NAG F . 39.23 37.23 33.88
O3 NAG F . 42.03 36.66 34.47
O4 NAG F . 43.56 36.35 31.97
O5 NAG F . 40.25 34.80 31.30
O6 NAG F . 41.95 32.88 30.86
O7 NAG F . 37.66 37.77 35.41
C1 BMA F . 44.71 35.57 32.14
C2 BMA F . 45.87 36.16 31.31
C3 BMA F . 47.07 35.22 31.49
C4 BMA F . 47.42 35.02 32.97
C5 BMA F . 46.17 34.63 33.79
C6 BMA F . 46.44 34.66 35.29
O2 BMA F . 46.18 37.50 31.78
O3 BMA F . 48.21 35.68 30.74
O4 BMA F . 48.39 33.98 33.08
O5 BMA F . 45.07 35.53 33.53
O6 BMA F . 45.20 34.61 36.04
C1 BMA F . 48.55 34.92 29.63
C1 NAG G . -2.27 -57.14 -7.46
C2 NAG G . -2.24 -56.76 -5.95
C3 NAG G . -1.38 -55.52 -5.80
C4 NAG G . 0.00 -55.90 -6.34
C5 NAG G . 0.04 -56.63 -7.74
C6 NAG G . 1.50 -57.02 -7.52
C7 NAG G . -4.34 -56.58 -4.59
C8 NAG G . -5.74 -55.91 -4.47
N2 NAG G . -3.65 -56.27 -5.70
O1 NAG G . -3.25 -58.15 -7.47
O3 NAG G . -1.16 -55.43 -4.38
O4 NAG G . 1.01 -54.88 -6.35
O5 NAG G . -0.96 -57.64 -7.67
O6 NAG G . 1.78 -57.43 -6.17
O7 NAG G . -3.94 -57.27 -3.66
C1 GAL G . 1.57 -54.18 -5.30
C2 GAL G . 2.68 -53.47 -6.00
C3 GAL G . 3.42 -52.64 -4.95
C4 GAL G . 2.33 -51.71 -4.41
C5 GAL G . 1.26 -52.62 -3.79
C6 GAL G . 0.20 -51.69 -3.27
O2 GAL G . 3.57 -54.54 -6.30
O3 GAL G . 4.46 -51.89 -5.63
O4 GAL G . 1.71 -50.99 -5.47
O5 GAL G . 0.59 -53.25 -4.84
O6 GAL G . -0.80 -52.69 -3.06
C1 SIA G . -1.91 -50.99 -1.81
C2 SIA G . -2.08 -52.12 -2.85
C3 SIA G . -3.00 -53.24 -2.35
C4 SIA G . -4.38 -52.67 -2.13
C5 SIA G . -4.84 -52.12 -3.52
C6 SIA G . -3.85 -51.04 -3.96
C7 SIA G . -4.26 -50.48 -5.33
C8 SIA G . -3.21 -49.52 -5.84
C9 SIA G . -3.68 -48.78 -7.12
C10 SIA G . -7.19 -51.77 -4.16
C11 SIA G . -6.85 -52.52 -5.40
N5 SIA G . -6.18 -51.57 -3.30
O1A SIA G . -1.56 -51.31 -0.68
O1B SIA G . -2.08 -49.81 -2.17
O4 SIA G . -5.22 -53.77 -1.74
O6 SIA G . -2.58 -51.60 -4.06
O7 SIA G . -4.24 -51.53 -6.29
O8 SIA G . -2.76 -48.63 -4.81
O9 SIA G . -2.70 -47.87 -7.59
O10 SIA G . -8.34 -51.31 -4.00
C1 NAG H . -5.76 37.46 44.70
C2 NAG H . -7.12 36.78 44.82
C3 NAG H . -7.89 37.56 45.88
C4 NAG H . -7.08 37.72 47.15
C5 NAG H . -5.63 38.16 46.88
C6 NAG H . -4.74 38.23 48.10
C7 NAG H . -7.91 35.78 42.78
C8 NAG H . -7.33 34.46 43.29
N2 NAG H . -7.78 36.85 43.54
O3 NAG H . -9.14 36.94 46.14
O4 NAG H . -7.70 38.77 47.86
O5 NAG H . -5.05 37.25 45.92
O6 NAG H . -4.67 37.01 48.75
O7 NAG H . -8.45 35.82 41.67
C1 NAG H . -8.10 38.49 49.15
C2 NAG H . -8.61 39.79 49.81
C3 NAG H . -8.88 39.39 51.25
C4 NAG H . -9.89 38.24 51.27
C5 NAG H . -9.42 37.03 50.45
C6 NAG H . -10.51 35.98 50.30
C7 NAG H . -7.58 41.74 48.77
C8 NAG H . -8.64 41.67 47.68
N2 NAG H . -7.58 40.84 49.76
O3 NAG H . -9.38 40.50 51.95
O4 NAG H . -10.06 37.84 52.62
O5 NAG H . -9.12 37.49 49.12
O6 NAG H . -11.59 36.51 49.56
O7 NAG H . -6.71 42.62 48.72
C1 BMA H . -11.28 38.25 53.13
C2 BMA H . -11.69 37.34 54.29
C3 BMA H . -13.02 37.84 54.81
C4 BMA H . -12.93 39.29 55.26
C5 BMA H . -12.43 40.16 54.07
C6 BMA H . -12.16 41.61 54.47
O2 BMA H . -10.74 37.42 55.38
O3 BMA H . -13.47 36.93 55.83
O4 BMA H . -14.20 39.74 55.70
O5 BMA H . -11.19 39.62 53.57
O6 BMA H . -11.45 41.69 55.75
C1 MAN H . -14.30 36.00 55.20
C2 MAN H . -15.66 36.14 55.86
C3 MAN H . -15.71 35.55 57.26
C4 MAN H . -14.88 34.28 57.47
C5 MAN H . -13.63 34.19 56.60
C6 MAN H . -13.20 32.74 56.56
O2 MAN H . -16.70 35.56 55.00
O3 MAN H . -17.12 35.23 57.41
O4 MAN H . -14.49 34.13 58.84
O5 MAN H . -13.81 34.65 55.24
O6 MAN H . -11.85 32.62 56.90
C1 NAG I . 3.33 58.76 8.57
C2 NAG I . 3.46 60.14 7.92
C3 NAG I . 3.08 60.11 6.44
C4 NAG I . 3.81 58.97 5.74
C5 NAG I . 3.53 57.66 6.47
C6 NAG I . 4.23 56.48 5.80
C7 NAG I . 1.70 60.65 9.49
C8 NAG I . 0.27 60.72 9.02
N2 NAG I . 2.62 61.07 8.62
O3 NAG I . 3.41 61.34 5.82
O4 NAG I . 3.41 58.89 4.38
O5 NAG I . 3.95 57.75 7.81
O6 NAG I . 3.45 56.02 4.72
O7 NAG I . 1.98 60.23 10.61
C1 NAG J . -5.39 -12.02 -45.33
C2 NAG J . -4.13 -11.36 -45.84
C3 NAG J . -2.97 -12.35 -45.98
C4 NAG J . -2.84 -13.21 -44.73
C5 NAG J . -4.21 -13.81 -44.35
C6 NAG J . -4.15 -14.65 -43.10
C7 NAG J . -5.54 -10.86 -47.79
C8 NAG J . -6.60 -9.81 -47.55
N2 NAG J . -4.38 -10.73 -47.12
O3 NAG J . -1.79 -11.64 -46.25
O4 NAG J . -1.91 -14.25 -44.88
O5 NAG J . -5.15 -12.78 -44.17
O6 NAG J . -4.10 -16.02 -43.48
O7 NAG J . -5.75 -11.78 -48.62
C1 NAG K . -34.50 -29.80 -2.80
C2 NAG K . -34.87 -29.73 -4.28
C3 NAG K . -35.92 -28.66 -4.46
C4 NAG K . -37.12 -28.88 -3.51
C5 NAG K . -36.71 -29.31 -2.12
C6 NAG K . -37.91 -29.99 -1.48
C7 NAG K . -33.50 -29.98 -6.31
C8 NAG K . -32.42 -29.32 -7.13
N2 NAG K . -33.68 -29.47 -5.07
O3 NAG K . -36.33 -28.63 -5.80
O4 NAG K . -37.90 -27.69 -3.38
O5 NAG K . -35.62 -30.22 -2.08
O6 NAG K . -37.45 -30.88 -0.47
O7 NAG K . -34.16 -30.92 -6.79
#